data_1JSL
#
_entry.id   1JSL
#
_cell.length_a   106.150
_cell.length_b   90.386
_cell.length_c   127.370
_cell.angle_alpha   90.00
_cell.angle_beta   91.38
_cell.angle_gamma   90.00
#
_symmetry.space_group_name_H-M   'C 1 2 1'
#
loop_
_entity.id
_entity.type
_entity.pdbx_description
1 polymer L-asparaginase
2 non-polymer 6-HYDROXY-D-NORLEUCINE
3 non-polymer 'PENTAETHYLENE GLYCOL'
4 non-polymer GLYCEROL
5 water water
#
_entity_poly.entity_id   1
_entity_poly.type   'polypeptide(L)'
_entity_poly.pdbx_seq_one_letter_code
;ADKLPNIVILATGGTIAGSAATGTQTTGYKAGALGVDTLINAVPEVKKLANVKGEQFSNMASENMTGDVVLKLSQRVNEL
LARDDVDGVVITHGTDTVEESAYFLHLTVKSDKPVVFVAAMRPATAISADGPMNLLEAVRVAGDKQSRGRGVMVVINDRI
GSARYITKTNASTLDTFRANEEGYLGVIIGNRIYYQNRIDKLHTTRSVFDVRGLTSLPKVDILYGYQDDPEYLYDAAIQH
GVKGIVYAGMGAGSVSVRGIAGMRKALEKGVVVMRSTRTGNGIVPPDEELPGLVSDSLNPAHARILLMLALTRTSDPKVI
QEYFHTY
;
_entity_poly.pdbx_strand_id   A,B,C,D
#
# COMPACT_ATOMS: atom_id res chain seq x y z
N LEU A 4 -36.24 -12.97 -6.38
CA LEU A 4 -34.96 -12.82 -5.62
C LEU A 4 -34.14 -14.09 -5.69
N PRO A 5 -32.81 -13.97 -5.56
CA PRO A 5 -31.97 -15.16 -5.61
C PRO A 5 -32.07 -15.96 -4.32
N ASN A 6 -31.89 -17.27 -4.43
CA ASN A 6 -31.94 -18.14 -3.27
C ASN A 6 -30.51 -18.39 -2.82
N ILE A 7 -30.17 -17.81 -1.67
CA ILE A 7 -28.83 -17.92 -1.13
C ILE A 7 -28.82 -18.62 0.22
N VAL A 8 -27.91 -19.58 0.37
N VAL A 8 -27.91 -19.57 0.36
CA VAL A 8 -27.80 -20.30 1.62
CA VAL A 8 -27.77 -20.30 1.61
C VAL A 8 -26.57 -19.75 2.35
C VAL A 8 -26.57 -19.75 2.35
N ILE A 9 -26.75 -19.44 3.63
CA ILE A 9 -25.66 -18.93 4.44
C ILE A 9 -25.19 -20.07 5.32
N LEU A 10 -24.04 -20.63 4.95
CA LEU A 10 -23.42 -21.74 5.66
C LEU A 10 -22.45 -21.18 6.69
N ALA A 11 -22.78 -21.33 7.97
CA ALA A 11 -21.94 -20.79 9.03
C ALA A 11 -20.95 -21.80 9.60
N THR A 12 -19.73 -21.34 9.87
CA THR A 12 -18.69 -22.21 10.41
C THR A 12 -18.08 -21.67 11.70
N GLY A 13 -18.44 -20.44 12.06
CA GLY A 13 -17.90 -19.84 13.29
C GLY A 13 -17.24 -18.50 13.03
N GLY A 14 -16.17 -18.21 13.76
CA GLY A 14 -15.45 -16.96 13.56
C GLY A 14 -15.91 -15.76 14.38
N THR A 15 -15.17 -14.67 14.25
CA THR A 15 -15.46 -13.44 14.97
C THR A 15 -16.79 -12.83 14.51
N ILE A 16 -17.14 -13.07 13.25
CA ILE A 16 -18.40 -12.54 12.74
C ILE A 16 -19.55 -13.11 13.60
N ALA A 17 -19.30 -14.28 14.20
CA ALA A 17 -20.26 -14.92 15.08
C ALA A 17 -19.68 -14.90 16.49
N GLY A 18 -18.80 -13.94 16.74
CA GLY A 18 -18.15 -13.84 18.03
C GLY A 18 -18.88 -12.92 19.00
N SER A 19 -18.55 -13.04 20.29
CA SER A 19 -19.18 -12.21 21.30
C SER A 19 -18.28 -11.98 22.51
N ALA A 20 -18.51 -10.86 23.18
CA ALA A 20 -17.75 -10.49 24.38
C ALA A 20 -18.73 -9.88 25.37
N ALA A 21 -18.30 -9.77 26.62
CA ALA A 21 -19.14 -9.22 27.69
C ALA A 21 -19.44 -7.74 27.53
N THR A 22 -18.49 -7.00 26.96
CA THR A 22 -18.64 -5.56 26.76
C THR A 22 -18.53 -5.18 25.28
N GLY A 23 -19.10 -4.03 24.94
CA GLY A 23 -19.05 -3.57 23.56
C GLY A 23 -17.68 -3.01 23.23
N THR A 24 -16.89 -2.77 24.26
CA THR A 24 -15.55 -2.21 24.07
C THR A 24 -14.48 -3.28 23.87
N GLN A 25 -14.82 -4.54 24.14
CA GLN A 25 -13.86 -5.62 23.98
C GLN A 25 -13.80 -6.06 22.52
N THR A 26 -12.70 -5.72 21.86
CA THR A 26 -12.53 -6.09 20.46
C THR A 26 -11.48 -7.18 20.27
N THR A 27 -10.88 -7.62 21.38
CA THR A 27 -9.87 -8.67 21.33
C THR A 27 -10.13 -9.69 22.45
N GLY A 28 -9.55 -10.87 22.33
CA GLY A 28 -9.73 -11.90 23.35
C GLY A 28 -11.17 -12.31 23.62
N TYR A 29 -12.01 -12.17 22.61
CA TYR A 29 -13.42 -12.55 22.71
C TYR A 29 -13.59 -14.02 22.33
N LYS A 30 -14.84 -14.49 22.34
CA LYS A 30 -15.11 -15.87 21.95
C LYS A 30 -15.66 -15.92 20.54
N ALA A 31 -14.90 -16.56 19.65
CA ALA A 31 -15.31 -16.69 18.26
C ALA A 31 -16.22 -17.90 18.08
N GLY A 32 -17.13 -17.82 17.12
CA GLY A 32 -18.04 -18.93 16.86
C GLY A 32 -18.97 -19.25 18.01
N ALA A 33 -19.52 -18.21 18.64
CA ALA A 33 -20.42 -18.38 19.76
C ALA A 33 -21.88 -18.15 19.39
N LEU A 34 -22.12 -17.46 18.29
CA LEU A 34 -23.49 -17.15 17.88
C LEU A 34 -23.96 -18.00 16.70
N GLY A 35 -25.24 -18.36 16.72
CA GLY A 35 -25.82 -19.18 15.66
C GLY A 35 -26.09 -18.41 14.37
N VAL A 36 -26.14 -19.11 13.25
CA VAL A 36 -26.38 -18.48 11.97
C VAL A 36 -27.66 -17.62 11.91
N ASP A 37 -28.74 -18.11 12.50
CA ASP A 37 -30.00 -17.36 12.50
C ASP A 37 -29.85 -16.05 13.25
N THR A 38 -29.02 -16.05 14.28
CA THR A 38 -28.78 -14.84 15.06
C THR A 38 -28.13 -13.78 14.17
N LEU A 39 -27.19 -14.22 13.33
CA LEU A 39 -26.50 -13.31 12.42
C LEU A 39 -27.48 -12.79 11.38
N ILE A 40 -28.34 -13.66 10.87
CA ILE A 40 -29.32 -13.28 9.87
C ILE A 40 -30.31 -12.29 10.46
N ASN A 41 -30.78 -12.59 11.67
CA ASN A 41 -31.76 -11.73 12.34
C ASN A 41 -31.21 -10.35 12.68
N ALA A 42 -29.89 -10.26 12.83
CA ALA A 42 -29.26 -8.99 13.16
C ALA A 42 -29.22 -8.03 11.98
N VAL A 43 -29.44 -8.57 10.78
N VAL A 43 -29.45 -8.58 10.79
CA VAL A 43 -29.44 -7.76 9.57
CA VAL A 43 -29.44 -7.77 9.57
C VAL A 43 -30.61 -8.13 8.66
C VAL A 43 -30.61 -8.14 8.66
N PRO A 44 -31.84 -7.85 9.12
CA PRO A 44 -33.08 -8.13 8.37
C PRO A 44 -33.01 -7.69 6.92
N GLU A 45 -32.32 -6.57 6.68
CA GLU A 45 -32.18 -6.02 5.34
C GLU A 45 -31.78 -7.03 4.27
N VAL A 46 -31.09 -8.10 4.66
CA VAL A 46 -30.66 -9.11 3.70
C VAL A 46 -31.83 -9.75 2.97
N LYS A 47 -32.98 -9.85 3.63
CA LYS A 47 -34.16 -10.46 3.03
C LYS A 47 -34.65 -9.72 1.80
N LYS A 48 -34.21 -8.48 1.64
CA LYS A 48 -34.60 -7.67 0.49
C LYS A 48 -33.62 -7.93 -0.65
N LEU A 49 -32.50 -8.56 -0.31
CA LEU A 49 -31.47 -8.87 -1.30
C LEU A 49 -31.62 -10.28 -1.82
N ALA A 50 -32.15 -11.17 -0.99
CA ALA A 50 -32.33 -12.55 -1.39
C ALA A 50 -33.17 -13.33 -0.41
N ASN A 51 -33.58 -14.52 -0.83
CA ASN A 51 -34.35 -15.41 0.02
C ASN A 51 -33.24 -16.21 0.69
N VAL A 52 -32.97 -15.90 1.95
CA VAL A 52 -31.90 -16.55 2.68
C VAL A 52 -32.31 -17.74 3.55
N LYS A 53 -31.41 -18.71 3.63
CA LYS A 53 -31.61 -19.92 4.42
C LYS A 53 -30.30 -20.16 5.15
N GLY A 54 -30.36 -20.16 6.49
CA GLY A 54 -29.16 -20.38 7.25
C GLY A 54 -28.94 -21.84 7.60
N GLU A 55 -27.68 -22.28 7.50
CA GLU A 55 -27.33 -23.66 7.83
C GLU A 55 -26.07 -23.62 8.69
N GLN A 56 -26.11 -24.30 9.84
CA GLN A 56 -24.97 -24.32 10.74
C GLN A 56 -24.07 -25.51 10.44
N PHE A 57 -22.98 -25.27 9.72
CA PHE A 57 -22.02 -26.30 9.37
C PHE A 57 -21.16 -26.63 10.59
N SER A 58 -20.67 -25.58 11.24
CA SER A 58 -19.85 -25.71 12.43
C SER A 58 -19.88 -24.36 13.14
N ASN A 59 -19.21 -24.27 14.29
CA ASN A 59 -19.15 -23.02 15.01
C ASN A 59 -17.87 -23.03 15.84
N MET A 60 -16.76 -22.79 15.15
CA MET A 60 -15.45 -22.81 15.78
C MET A 60 -14.62 -21.59 15.38
N ALA A 61 -13.51 -21.41 16.09
CA ALA A 61 -12.56 -20.33 15.80
C ALA A 61 -11.80 -20.93 14.62
N SER A 62 -11.56 -20.16 13.57
CA SER A 62 -10.89 -20.70 12.40
C SER A 62 -9.47 -21.21 12.62
N GLU A 63 -8.84 -20.83 13.73
CA GLU A 63 -7.49 -21.33 14.00
C GLU A 63 -7.58 -22.84 14.20
N ASN A 64 -8.79 -23.33 14.44
CA ASN A 64 -9.00 -24.75 14.65
C ASN A 64 -9.58 -25.46 13.43
N MET A 65 -9.79 -24.72 12.35
N MET A 65 -9.80 -24.73 12.34
CA MET A 65 -10.30 -25.34 11.12
CA MET A 65 -10.33 -25.34 11.13
C MET A 65 -9.26 -26.33 10.62
C MET A 65 -9.27 -26.31 10.61
N THR A 66 -9.71 -27.52 10.26
CA THR A 66 -8.79 -28.54 9.77
C THR A 66 -9.10 -29.01 8.36
N GLY A 67 -8.08 -29.57 7.70
CA GLY A 67 -8.26 -30.05 6.34
C GLY A 67 -9.43 -31.00 6.19
N ASP A 68 -9.55 -31.95 7.10
CA ASP A 68 -10.66 -32.92 7.04
C ASP A 68 -12.02 -32.23 7.06
N VAL A 69 -12.15 -31.18 7.87
CA VAL A 69 -13.40 -30.44 7.97
C VAL A 69 -13.59 -29.52 6.76
N VAL A 70 -12.51 -28.92 6.28
CA VAL A 70 -12.59 -28.06 5.12
C VAL A 70 -13.05 -28.92 3.94
N LEU A 71 -12.59 -30.16 3.92
CA LEU A 71 -12.97 -31.10 2.87
C LEU A 71 -14.49 -31.30 2.92
N LYS A 72 -15.01 -31.50 4.13
N LYS A 72 -15.01 -31.50 4.12
CA LYS A 72 -16.44 -31.69 4.31
CA LYS A 72 -16.45 -31.69 4.30
C LYS A 72 -17.20 -30.43 3.88
C LYS A 72 -17.19 -30.43 3.86
N LEU A 73 -16.61 -29.28 4.16
CA LEU A 73 -17.22 -27.99 3.80
C LEU A 73 -17.36 -27.90 2.28
N SER A 74 -16.29 -28.31 1.59
CA SER A 74 -16.29 -28.27 0.13
C SER A 74 -17.34 -29.21 -0.46
N GLN A 75 -17.43 -30.40 0.10
CA GLN A 75 -18.40 -31.37 -0.39
C GLN A 75 -19.83 -30.90 -0.16
N ARG A 76 -20.08 -30.24 0.97
CA ARG A 76 -21.41 -29.74 1.26
C ARG A 76 -21.78 -28.62 0.30
N VAL A 77 -20.85 -27.68 0.08
CA VAL A 77 -21.13 -26.58 -0.83
C VAL A 77 -21.42 -27.15 -2.22
N ASN A 78 -20.69 -28.19 -2.62
CA ASN A 78 -20.93 -28.80 -3.92
C ASN A 78 -22.34 -29.39 -4.00
N GLU A 79 -22.81 -30.01 -2.91
CA GLU A 79 -24.14 -30.59 -2.91
C GLU A 79 -25.18 -29.48 -3.04
N LEU A 80 -24.96 -28.40 -2.29
CA LEU A 80 -25.88 -27.27 -2.33
C LEU A 80 -25.95 -26.64 -3.72
N LEU A 81 -24.79 -26.33 -4.29
CA LEU A 81 -24.75 -25.72 -5.61
C LEU A 81 -25.30 -26.61 -6.72
N ALA A 82 -25.43 -27.90 -6.42
CA ALA A 82 -25.96 -28.85 -7.39
C ALA A 82 -27.48 -28.71 -7.49
N ARG A 83 -28.09 -28.17 -6.45
CA ARG A 83 -29.54 -27.98 -6.39
C ARG A 83 -30.00 -26.83 -7.27
N ASP A 84 -31.18 -26.97 -7.86
CA ASP A 84 -31.71 -25.92 -8.70
C ASP A 84 -32.25 -24.78 -7.86
N ASP A 85 -32.66 -25.09 -6.63
CA ASP A 85 -33.23 -24.08 -5.74
C ASP A 85 -32.19 -23.29 -4.96
N VAL A 86 -30.92 -23.39 -5.36
CA VAL A 86 -29.85 -22.66 -4.70
C VAL A 86 -29.09 -21.87 -5.77
N ASP A 87 -29.03 -20.55 -5.61
CA ASP A 87 -28.34 -19.71 -6.59
C ASP A 87 -26.92 -19.33 -6.17
N GLY A 88 -26.63 -19.43 -4.88
CA GLY A 88 -25.31 -19.09 -4.40
C GLY A 88 -25.15 -19.41 -2.93
N VAL A 89 -23.91 -19.39 -2.44
CA VAL A 89 -23.66 -19.69 -1.05
C VAL A 89 -22.73 -18.66 -0.40
N VAL A 90 -23.09 -18.25 0.81
CA VAL A 90 -22.28 -17.33 1.60
C VAL A 90 -21.81 -18.15 2.80
N ILE A 91 -20.51 -18.16 3.02
CA ILE A 91 -19.93 -18.93 4.12
C ILE A 91 -19.33 -18.02 5.18
N THR A 92 -19.90 -18.04 6.39
CA THR A 92 -19.35 -17.20 7.45
C THR A 92 -18.17 -18.00 8.02
N HIS A 93 -17.04 -17.34 8.18
CA HIS A 93 -15.83 -18.03 8.62
C HIS A 93 -14.91 -17.10 9.39
N GLY A 94 -14.07 -17.67 10.26
CA GLY A 94 -13.13 -16.86 11.02
C GLY A 94 -12.10 -16.26 10.09
N THR A 95 -11.65 -15.04 10.39
CA THR A 95 -10.66 -14.38 9.55
C THR A 95 -9.27 -15.02 9.51
N ASP A 96 -8.84 -15.59 10.63
CA ASP A 96 -7.49 -16.16 10.69
C ASP A 96 -7.10 -17.16 9.60
N THR A 97 -7.97 -18.11 9.28
CA THR A 97 -7.63 -19.08 8.23
C THR A 97 -8.62 -19.10 7.07
N VAL A 98 -9.41 -18.05 6.93
CA VAL A 98 -10.38 -18.01 5.83
C VAL A 98 -9.69 -18.11 4.47
N GLU A 99 -8.48 -17.57 4.36
CA GLU A 99 -7.76 -17.62 3.09
C GLU A 99 -7.42 -19.06 2.73
N GLU A 100 -7.26 -19.90 3.75
CA GLU A 100 -6.96 -21.30 3.53
C GLU A 100 -8.21 -22.07 3.09
N SER A 101 -9.30 -21.90 3.82
CA SER A 101 -10.55 -22.56 3.49
C SER A 101 -11.08 -22.07 2.15
N ALA A 102 -11.00 -20.77 1.91
CA ALA A 102 -11.48 -20.20 0.66
C ALA A 102 -10.72 -20.73 -0.54
N TYR A 103 -9.39 -20.77 -0.44
CA TYR A 103 -8.59 -21.25 -1.56
C TYR A 103 -8.84 -22.73 -1.82
N PHE A 104 -9.13 -23.49 -0.76
CA PHE A 104 -9.42 -24.90 -0.92
C PHE A 104 -10.69 -25.06 -1.75
N LEU A 105 -11.75 -24.34 -1.40
CA LEU A 105 -12.99 -24.44 -2.16
C LEU A 105 -12.83 -23.85 -3.56
N HIS A 106 -11.99 -22.83 -3.67
CA HIS A 106 -11.69 -22.17 -4.95
C HIS A 106 -11.25 -23.23 -5.96
N LEU A 107 -10.48 -24.19 -5.46
CA LEU A 107 -9.94 -25.28 -6.26
C LEU A 107 -10.83 -26.52 -6.38
N THR A 108 -11.81 -26.66 -5.47
CA THR A 108 -12.63 -27.87 -5.47
C THR A 108 -14.13 -27.76 -5.74
N VAL A 109 -14.66 -26.55 -5.80
CA VAL A 109 -16.10 -26.38 -6.07
C VAL A 109 -16.33 -26.49 -7.57
N LYS A 110 -17.15 -27.45 -7.98
CA LYS A 110 -17.41 -27.67 -9.39
C LYS A 110 -18.68 -26.96 -9.86
N SER A 111 -18.70 -25.64 -9.70
CA SER A 111 -19.85 -24.84 -10.09
C SER A 111 -19.47 -23.37 -10.30
N ASP A 112 -20.21 -22.71 -11.18
CA ASP A 112 -20.01 -21.29 -11.48
C ASP A 112 -20.87 -20.42 -10.59
N LYS A 113 -21.73 -21.03 -9.79
CA LYS A 113 -22.59 -20.26 -8.90
C LYS A 113 -21.68 -19.62 -7.86
N PRO A 114 -21.97 -18.38 -7.44
CA PRO A 114 -21.14 -17.70 -6.45
C PRO A 114 -20.96 -18.38 -5.11
N VAL A 115 -19.71 -18.45 -4.68
CA VAL A 115 -19.35 -18.99 -3.37
C VAL A 115 -18.58 -17.83 -2.76
N VAL A 116 -19.18 -17.22 -1.74
CA VAL A 116 -18.62 -16.06 -1.09
C VAL A 116 -18.36 -16.23 0.39
N PHE A 117 -17.09 -16.20 0.77
CA PHE A 117 -16.73 -16.30 2.18
C PHE A 117 -16.84 -14.89 2.74
N VAL A 118 -17.36 -14.79 3.96
CA VAL A 118 -17.50 -13.50 4.62
C VAL A 118 -16.95 -13.66 6.03
N ALA A 119 -16.38 -12.59 6.55
CA ALA A 119 -15.80 -12.62 7.89
C ALA A 119 -15.96 -11.25 8.54
N ALA A 120 -15.48 -11.11 9.76
CA ALA A 120 -15.55 -9.86 10.50
C ALA A 120 -14.34 -9.78 11.44
N MET A 121 -13.75 -8.60 11.58
CA MET A 121 -12.60 -8.42 12.45
C MET A 121 -12.99 -7.99 13.88
N ARG A 122 -14.23 -7.54 14.05
CA ARG A 122 -14.74 -7.16 15.36
C ARG A 122 -15.90 -8.08 15.71
N PRO A 123 -16.01 -8.49 16.98
CA PRO A 123 -17.12 -9.38 17.35
C PRO A 123 -18.48 -8.70 17.19
N ALA A 124 -19.52 -9.50 17.01
CA ALA A 124 -20.87 -8.99 16.82
C ALA A 124 -21.34 -8.04 17.91
N THR A 125 -20.77 -8.18 19.11
CA THR A 125 -21.15 -7.35 20.25
C THR A 125 -20.38 -6.02 20.33
N ALA A 126 -19.35 -5.89 19.52
CA ALA A 126 -18.50 -4.70 19.54
C ALA A 126 -19.11 -3.41 19.00
N ILE A 127 -18.63 -2.29 19.53
CA ILE A 127 -19.08 -0.98 19.07
C ILE A 127 -18.55 -0.91 17.64
N SER A 128 -19.38 -0.44 16.71
CA SER A 128 -18.97 -0.34 15.31
C SER A 128 -18.55 -1.70 14.72
N ALA A 129 -19.27 -2.76 15.10
CA ALA A 129 -18.98 -4.10 14.57
C ALA A 129 -19.10 -4.08 13.05
N ASP A 130 -18.12 -4.68 12.37
CA ASP A 130 -18.10 -4.71 10.90
C ASP A 130 -18.89 -5.88 10.30
N GLY A 131 -19.16 -6.90 11.10
CA GLY A 131 -19.88 -8.08 10.63
C GLY A 131 -21.20 -7.83 9.92
N PRO A 132 -22.11 -7.05 10.50
CA PRO A 132 -23.40 -6.80 9.84
C PRO A 132 -23.27 -6.33 8.38
N MET A 133 -22.47 -5.28 8.15
CA MET A 133 -22.30 -4.77 6.80
C MET A 133 -21.59 -5.77 5.89
N ASN A 134 -20.56 -6.44 6.42
CA ASN A 134 -19.85 -7.42 5.61
C ASN A 134 -20.82 -8.51 5.14
N LEU A 135 -21.72 -8.93 6.02
CA LEU A 135 -22.69 -9.98 5.67
C LEU A 135 -23.64 -9.51 4.57
N LEU A 136 -24.14 -8.29 4.72
N LEU A 136 -24.16 -8.30 4.70
CA LEU A 136 -25.06 -7.72 3.74
CA LEU A 136 -25.07 -7.78 3.68
C LEU A 136 -24.38 -7.67 2.36
C LEU A 136 -24.38 -7.70 2.34
N GLU A 137 -23.12 -7.26 2.35
CA GLU A 137 -22.35 -7.16 1.11
C GLU A 137 -22.09 -8.53 0.49
N ALA A 138 -21.79 -9.51 1.32
CA ALA A 138 -21.54 -10.87 0.84
C ALA A 138 -22.78 -11.45 0.15
N VAL A 139 -23.95 -11.21 0.74
CA VAL A 139 -25.20 -11.70 0.16
C VAL A 139 -25.51 -10.98 -1.14
N ARG A 140 -25.18 -9.69 -1.23
CA ARG A 140 -25.44 -8.95 -2.45
C ARG A 140 -24.57 -9.54 -3.57
N VAL A 141 -23.31 -9.77 -3.25
CA VAL A 141 -22.37 -10.33 -4.22
C VAL A 141 -22.81 -11.74 -4.64
N ALA A 142 -23.17 -12.57 -3.66
CA ALA A 142 -23.59 -13.94 -3.95
C ALA A 142 -24.84 -14.03 -4.83
N GLY A 143 -25.73 -13.06 -4.69
CA GLY A 143 -26.97 -13.08 -5.45
C GLY A 143 -26.96 -12.36 -6.79
N ASP A 144 -25.90 -11.60 -7.06
CA ASP A 144 -25.81 -10.87 -8.31
C ASP A 144 -25.41 -11.80 -9.45
N LYS A 145 -26.19 -11.80 -10.53
CA LYS A 145 -25.89 -12.66 -11.67
C LYS A 145 -24.53 -12.37 -12.28
N GLN A 146 -24.03 -11.15 -12.07
CA GLN A 146 -22.72 -10.77 -12.61
C GLN A 146 -21.58 -11.40 -11.82
N SER A 147 -21.91 -12.00 -10.69
CA SER A 147 -20.90 -12.61 -9.82
C SER A 147 -20.52 -14.04 -10.20
N ARG A 148 -21.19 -14.60 -11.22
CA ARG A 148 -20.91 -15.96 -11.65
C ARG A 148 -19.56 -16.15 -12.35
N GLY A 149 -19.00 -17.36 -12.22
CA GLY A 149 -17.74 -17.70 -12.85
C GLY A 149 -16.51 -16.90 -12.47
N ARG A 150 -16.51 -16.33 -11.27
CA ARG A 150 -15.35 -15.54 -10.85
C ARG A 150 -14.41 -16.24 -9.87
N GLY A 151 -14.67 -17.51 -9.60
CA GLY A 151 -13.84 -18.24 -8.66
C GLY A 151 -14.36 -17.91 -7.27
N VAL A 152 -13.83 -18.55 -6.23
CA VAL A 152 -14.29 -18.27 -4.88
C VAL A 152 -13.85 -16.88 -4.44
N MET A 153 -14.73 -16.20 -3.71
CA MET A 153 -14.47 -14.84 -3.27
C MET A 153 -14.53 -14.67 -1.74
N VAL A 154 -13.87 -13.62 -1.25
CA VAL A 154 -13.86 -13.30 0.17
C VAL A 154 -14.33 -11.84 0.25
N VAL A 155 -15.47 -11.61 0.89
CA VAL A 155 -16.03 -10.28 1.02
C VAL A 155 -15.92 -9.73 2.42
N ILE A 156 -15.41 -8.51 2.54
CA ILE A 156 -15.24 -7.85 3.83
C ILE A 156 -14.72 -6.43 3.61
N ASN A 157 -15.18 -5.49 4.43
CA ASN A 157 -14.75 -4.10 4.35
C ASN A 157 -14.90 -3.50 2.94
N ASP A 158 -16.08 -3.69 2.34
CA ASP A 158 -16.41 -3.16 1.01
C ASP A 158 -15.59 -3.73 -0.15
N ARG A 159 -14.75 -4.73 0.13
CA ARG A 159 -13.91 -5.31 -0.92
C ARG A 159 -14.24 -6.76 -1.27
N ILE A 160 -13.95 -7.13 -2.52
N ILE A 160 -13.96 -7.15 -2.51
CA ILE A 160 -14.17 -8.49 -3.01
CA ILE A 160 -14.19 -8.53 -2.92
C ILE A 160 -12.83 -9.05 -3.45
C ILE A 160 -12.87 -9.07 -3.44
N GLY A 161 -12.27 -9.96 -2.67
CA GLY A 161 -10.98 -10.53 -3.05
C GLY A 161 -11.04 -11.96 -3.54
N SER A 162 -10.19 -12.29 -4.51
CA SER A 162 -10.15 -13.65 -5.03
C SER A 162 -9.47 -14.54 -4.00
N ALA A 163 -10.03 -15.73 -3.79
CA ALA A 163 -9.48 -16.66 -2.82
C ALA A 163 -8.01 -16.97 -3.09
N ARG A 164 -7.60 -16.91 -4.35
CA ARG A 164 -6.23 -17.22 -4.72
C ARG A 164 -5.22 -16.12 -4.35
N TYR A 165 -5.68 -14.87 -4.26
CA TYR A 165 -4.79 -13.75 -3.96
C TYR A 165 -4.96 -13.13 -2.58
N ILE A 166 -6.20 -13.04 -2.13
CA ILE A 166 -6.50 -12.40 -0.86
C ILE A 166 -5.85 -13.11 0.33
N THR A 167 -5.38 -12.31 1.28
CA THR A 167 -4.73 -12.82 2.48
C THR A 167 -4.89 -11.82 3.62
N LYS A 168 -4.89 -12.33 4.85
CA LYS A 168 -4.98 -11.45 6.00
C LYS A 168 -3.56 -10.88 6.17
N THR A 169 -3.40 -9.58 5.95
CA THR A 169 -2.08 -8.95 6.04
C THR A 169 -1.79 -8.26 7.36
N ASN A 170 -2.83 -8.04 8.16
CA ASN A 170 -2.66 -7.37 9.44
C ASN A 170 -3.32 -8.18 10.55
N ALA A 171 -2.65 -8.25 11.68
CA ALA A 171 -3.15 -9.02 12.80
C ALA A 171 -4.48 -8.54 13.36
N SER A 172 -4.70 -7.22 13.37
CA SER A 172 -5.91 -6.71 14.01
C SER A 172 -6.75 -5.60 13.40
N THR A 173 -6.47 -5.19 12.16
CA THR A 173 -7.25 -4.11 11.54
C THR A 173 -8.44 -4.57 10.68
N LEU A 174 -9.42 -3.69 10.54
CA LEU A 174 -10.62 -3.97 9.75
C LEU A 174 -10.30 -4.16 8.28
N ASP A 175 -9.30 -3.43 7.80
CA ASP A 175 -8.88 -3.46 6.41
C ASP A 175 -7.74 -4.44 6.17
N THR A 176 -7.61 -5.43 7.05
CA THR A 176 -6.54 -6.42 6.96
C THR A 176 -6.46 -7.22 5.65
N PHE A 177 -7.59 -7.56 5.04
CA PHE A 177 -7.55 -8.34 3.82
C PHE A 177 -7.21 -7.52 2.59
N ARG A 178 -6.09 -7.87 1.98
CA ARG A 178 -5.59 -7.18 0.79
C ARG A 178 -4.76 -8.14 -0.07
N ALA A 179 -4.64 -7.79 -1.35
CA ALA A 179 -3.83 -8.55 -2.29
C ALA A 179 -2.97 -7.43 -2.88
N ASN A 180 -1.91 -7.08 -2.16
CA ASN A 180 -1.05 -5.97 -2.56
C ASN A 180 -0.71 -5.87 -4.04
N GLU A 181 -0.22 -6.96 -4.62
CA GLU A 181 0.16 -6.97 -6.02
C GLU A 181 -0.95 -7.27 -7.00
N GLU A 182 -2.00 -7.97 -6.56
CA GLU A 182 -3.10 -8.36 -7.44
C GLU A 182 -4.39 -7.55 -7.36
N GLY A 183 -4.52 -6.74 -6.32
CA GLY A 183 -5.72 -5.94 -6.17
C GLY A 183 -6.95 -6.76 -5.84
N TYR A 184 -8.11 -6.11 -5.85
CA TYR A 184 -9.37 -6.77 -5.57
C TYR A 184 -10.11 -7.09 -6.86
N LEU A 185 -10.94 -8.13 -6.82
CA LEU A 185 -11.72 -8.48 -8.00
C LEU A 185 -12.74 -7.37 -8.23
N GLY A 186 -13.16 -6.75 -7.13
CA GLY A 186 -14.12 -5.67 -7.22
C GLY A 186 -14.36 -5.05 -5.84
N VAL A 187 -15.27 -4.08 -5.78
CA VAL A 187 -15.60 -3.42 -4.51
C VAL A 187 -17.10 -3.17 -4.43
N ILE A 188 -17.60 -2.90 -3.22
CA ILE A 188 -19.02 -2.62 -3.05
C ILE A 188 -19.16 -1.26 -2.38
N ILE A 189 -19.69 -0.30 -3.12
CA ILE A 189 -19.86 1.06 -2.62
C ILE A 189 -21.27 1.53 -2.97
N GLY A 190 -21.95 2.13 -2.00
CA GLY A 190 -23.30 2.63 -2.24
C GLY A 190 -24.28 1.56 -2.69
N ASN A 191 -24.13 0.36 -2.14
CA ASN A 191 -25.01 -0.76 -2.47
C ASN A 191 -24.93 -1.18 -3.93
N ARG A 192 -23.79 -0.88 -4.56
CA ARG A 192 -23.56 -1.24 -5.95
C ARG A 192 -22.22 -1.96 -6.05
N ILE A 193 -22.18 -3.02 -6.85
CA ILE A 193 -20.95 -3.78 -7.03
C ILE A 193 -20.18 -3.27 -8.24
N TYR A 194 -18.89 -3.06 -8.07
CA TYR A 194 -18.05 -2.61 -9.16
C TYR A 194 -16.99 -3.68 -9.38
N TYR A 195 -17.14 -4.46 -10.45
CA TYR A 195 -16.17 -5.50 -10.75
C TYR A 195 -15.02 -4.92 -11.56
N GLN A 196 -13.80 -5.17 -11.09
CA GLN A 196 -12.59 -4.62 -11.69
C GLN A 196 -11.73 -5.60 -12.46
N ASN A 197 -11.59 -6.81 -11.92
CA ASN A 197 -10.74 -7.85 -12.52
C ASN A 197 -11.40 -9.22 -12.53
N ARG A 198 -10.87 -10.07 -13.41
CA ARG A 198 -11.26 -11.47 -13.50
C ARG A 198 -9.89 -12.12 -13.33
N ILE A 199 -9.76 -13.02 -12.37
CA ILE A 199 -8.47 -13.66 -12.12
C ILE A 199 -8.04 -14.51 -13.32
N ASP A 200 -6.76 -14.41 -13.67
CA ASP A 200 -6.23 -15.15 -14.82
C ASP A 200 -5.58 -16.46 -14.37
N LYS A 201 -6.38 -17.31 -13.71
CA LYS A 201 -5.90 -18.60 -13.24
C LYS A 201 -7.03 -19.61 -13.33
N LEU A 202 -6.68 -20.89 -13.21
CA LEU A 202 -7.69 -21.94 -13.26
C LEU A 202 -8.35 -22.06 -11.90
N HIS A 203 -9.65 -22.37 -11.92
CA HIS A 203 -10.41 -22.54 -10.69
C HIS A 203 -11.77 -23.18 -10.94
N THR A 204 -12.45 -23.49 -9.85
CA THR A 204 -13.78 -24.09 -9.86
C THR A 204 -14.09 -25.07 -10.99
N THR A 205 -14.97 -24.67 -11.90
CA THR A 205 -15.37 -25.54 -13.00
C THR A 205 -14.27 -25.97 -13.98
N ARG A 206 -13.13 -25.29 -13.95
CA ARG A 206 -12.05 -25.64 -14.85
C ARG A 206 -10.85 -26.22 -14.09
N SER A 207 -11.10 -26.64 -12.85
CA SER A 207 -10.07 -27.22 -12.01
C SER A 207 -10.10 -28.74 -12.12
N VAL A 208 -8.93 -29.36 -12.12
N VAL A 208 -8.92 -29.37 -12.13
CA VAL A 208 -8.84 -30.82 -12.24
CA VAL A 208 -8.84 -30.82 -12.23
C VAL A 208 -8.96 -31.47 -10.86
C VAL A 208 -8.97 -31.48 -10.85
N PHE A 209 -8.98 -30.65 -9.81
CA PHE A 209 -9.08 -31.14 -8.45
C PHE A 209 -10.50 -31.47 -7.99
N ASP A 210 -10.76 -32.75 -7.79
CA ASP A 210 -12.06 -33.19 -7.31
C ASP A 210 -11.82 -34.01 -6.05
N VAL A 211 -12.51 -33.67 -4.98
CA VAL A 211 -12.33 -34.36 -3.71
C VAL A 211 -13.63 -34.94 -3.14
N ARG A 212 -14.66 -34.99 -3.95
CA ARG A 212 -15.94 -35.49 -3.48
C ARG A 212 -15.87 -36.97 -3.07
N GLY A 213 -14.79 -37.64 -3.46
CA GLY A 213 -14.63 -39.04 -3.09
C GLY A 213 -13.57 -39.26 -2.02
N LEU A 214 -13.15 -38.18 -1.36
CA LEU A 214 -12.13 -38.27 -0.31
C LEU A 214 -12.69 -37.86 1.05
N THR A 215 -12.00 -38.26 2.11
CA THR A 215 -12.43 -37.89 3.46
C THR A 215 -11.28 -37.24 4.21
N SER A 216 -10.11 -37.17 3.56
CA SER A 216 -8.94 -36.56 4.16
C SER A 216 -7.94 -36.20 3.06
N LEU A 217 -6.94 -35.41 3.41
CA LEU A 217 -5.94 -34.97 2.45
C LEU A 217 -4.52 -35.28 2.89
N PRO A 218 -3.58 -35.35 1.93
CA PRO A 218 -2.18 -35.64 2.25
C PRO A 218 -1.64 -34.61 3.24
N LYS A 219 -0.83 -35.08 4.20
CA LYS A 219 -0.25 -34.22 5.23
C LYS A 219 0.86 -33.31 4.69
N VAL A 220 0.73 -32.02 4.98
CA VAL A 220 1.72 -31.02 4.57
C VAL A 220 1.95 -30.04 5.71
N ASP A 221 3.22 -29.86 6.08
CA ASP A 221 3.57 -28.93 7.13
C ASP A 221 4.37 -27.77 6.57
N ILE A 222 4.42 -26.67 7.33
CA ILE A 222 5.13 -25.48 6.91
C ILE A 222 6.30 -25.17 7.83
N LEU A 223 7.48 -25.00 7.26
CA LEU A 223 8.66 -24.67 8.05
C LEU A 223 9.14 -23.27 7.69
N TYR A 224 9.42 -22.47 8.71
CA TYR A 224 9.85 -21.09 8.51
C TYR A 224 11.35 -20.95 8.19
N GLY A 225 11.68 -19.86 7.50
CA GLY A 225 13.06 -19.59 7.13
C GLY A 225 13.53 -18.33 7.85
N TYR A 226 14.70 -18.41 8.46
CA TYR A 226 15.27 -17.30 9.22
C TYR A 226 16.71 -17.64 9.58
N GLN A 227 17.45 -16.65 10.07
CA GLN A 227 18.85 -16.87 10.49
C GLN A 227 18.90 -17.98 11.52
N ASP A 228 19.83 -18.91 11.35
CA ASP A 228 19.99 -20.03 12.29
C ASP A 228 18.84 -21.04 12.24
N ASP A 229 18.09 -21.08 11.15
CA ASP A 229 16.99 -22.04 11.08
C ASP A 229 17.55 -23.46 11.24
N PRO A 230 16.95 -24.25 12.14
CA PRO A 230 17.38 -25.63 12.43
C PRO A 230 17.06 -26.73 11.44
N GLU A 231 18.02 -27.63 11.26
CA GLU A 231 17.86 -28.76 10.37
C GLU A 231 16.89 -29.75 11.03
N TYR A 232 16.95 -29.83 12.36
CA TYR A 232 16.11 -30.77 13.10
C TYR A 232 14.61 -30.67 12.87
N LEU A 233 14.12 -29.51 12.43
CA LEU A 233 12.68 -29.39 12.19
C LEU A 233 12.28 -30.18 10.95
N TYR A 234 13.18 -30.25 9.98
CA TYR A 234 12.90 -31.04 8.77
C TYR A 234 12.90 -32.51 9.17
N ASP A 235 13.82 -32.88 10.06
CA ASP A 235 13.91 -34.25 10.55
C ASP A 235 12.58 -34.66 11.19
N ALA A 236 12.07 -33.78 12.05
CA ALA A 236 10.82 -34.03 12.76
C ALA A 236 9.65 -34.22 11.80
N ALA A 237 9.53 -33.31 10.82
CA ALA A 237 8.45 -33.37 9.85
C ALA A 237 8.50 -34.69 9.08
N ILE A 238 9.68 -35.01 8.55
CA ILE A 238 9.87 -36.25 7.80
C ILE A 238 9.44 -37.45 8.64
N GLN A 239 9.92 -37.46 9.88
CA GLN A 239 9.64 -38.54 10.82
C GLN A 239 8.16 -38.72 11.13
N HIS A 240 7.39 -37.64 11.09
CA HIS A 240 5.97 -37.74 11.37
C HIS A 240 5.10 -37.97 10.14
N GLY A 241 5.75 -38.43 9.07
CA GLY A 241 5.03 -38.76 7.85
C GLY A 241 4.43 -37.70 6.96
N VAL A 242 5.05 -36.53 6.88
CA VAL A 242 4.49 -35.53 5.99
C VAL A 242 4.68 -36.04 4.57
N LYS A 243 3.81 -35.60 3.67
CA LYS A 243 3.89 -35.98 2.27
C LYS A 243 4.51 -34.80 1.54
N GLY A 244 4.45 -33.64 2.18
CA GLY A 244 5.01 -32.44 1.59
C GLY A 244 5.41 -31.43 2.66
N ILE A 245 6.32 -30.53 2.30
CA ILE A 245 6.76 -29.50 3.21
C ILE A 245 6.77 -28.19 2.44
N VAL A 246 6.07 -27.19 2.98
CA VAL A 246 6.04 -25.87 2.36
C VAL A 246 7.04 -25.06 3.18
N TYR A 247 8.00 -24.44 2.49
CA TYR A 247 9.03 -23.64 3.14
C TYR A 247 8.71 -22.14 3.02
N ALA A 248 8.42 -21.50 4.15
CA ALA A 248 8.13 -20.06 4.16
C ALA A 248 9.53 -19.46 4.20
N GLY A 249 10.18 -19.46 3.05
CA GLY A 249 11.55 -19.02 2.98
C GLY A 249 11.94 -17.55 3.08
N MET A 250 13.22 -17.36 3.38
CA MET A 250 13.80 -16.03 3.46
C MET A 250 13.82 -15.54 2.02
N GLY A 251 13.48 -14.27 1.80
CA GLY A 251 13.48 -13.74 0.46
C GLY A 251 12.74 -14.62 -0.53
N ALA A 252 13.34 -14.82 -1.70
CA ALA A 252 12.74 -15.64 -2.76
C ALA A 252 12.95 -17.12 -2.53
N GLY A 253 12.48 -17.63 -1.40
CA GLY A 253 12.66 -19.05 -1.11
C GLY A 253 14.11 -19.46 -0.97
N SER A 254 14.98 -18.53 -0.58
N SER A 254 14.97 -18.53 -0.58
CA SER A 254 16.39 -18.83 -0.42
CA SER A 254 16.39 -18.82 -0.39
C SER A 254 16.55 -19.78 0.76
C SER A 254 16.56 -19.78 0.77
N VAL A 255 17.53 -20.68 0.66
CA VAL A 255 17.77 -21.68 1.69
C VAL A 255 19.19 -21.70 2.28
N SER A 256 19.27 -21.76 3.59
CA SER A 256 20.56 -21.81 4.29
C SER A 256 21.13 -23.21 4.12
N VAL A 257 22.40 -23.40 4.50
CA VAL A 257 23.03 -24.71 4.37
C VAL A 257 22.27 -25.75 5.19
N ARG A 258 21.74 -25.33 6.32
CA ARG A 258 20.99 -26.25 7.18
C ARG A 258 19.64 -26.56 6.56
N GLY A 259 19.04 -25.59 5.91
CA GLY A 259 17.75 -25.81 5.28
C GLY A 259 17.93 -26.75 4.10
N ILE A 260 19.06 -26.59 3.40
CA ILE A 260 19.34 -27.43 2.25
C ILE A 260 19.52 -28.89 2.69
N ALA A 261 20.26 -29.10 3.78
CA ALA A 261 20.48 -30.45 4.26
C ALA A 261 19.13 -31.10 4.61
N GLY A 262 18.25 -30.34 5.26
CA GLY A 262 16.95 -30.88 5.63
C GLY A 262 16.08 -31.19 4.42
N MET A 263 16.12 -30.34 3.41
CA MET A 263 15.32 -30.55 2.22
C MET A 263 15.82 -31.78 1.47
N ARG A 264 17.14 -31.98 1.46
CA ARG A 264 17.73 -33.13 0.79
C ARG A 264 17.16 -34.41 1.42
N LYS A 265 17.17 -34.45 2.74
CA LYS A 265 16.65 -35.61 3.46
C LYS A 265 15.18 -35.86 3.13
N ALA A 266 14.42 -34.76 3.06
CA ALA A 266 13.00 -34.87 2.75
C ALA A 266 12.80 -35.46 1.36
N LEU A 267 13.56 -34.97 0.39
CA LEU A 267 13.46 -35.46 -0.98
C LEU A 267 13.80 -36.94 -1.10
N GLU A 268 14.83 -37.38 -0.39
CA GLU A 268 15.23 -38.78 -0.44
C GLU A 268 14.15 -39.70 0.14
N LYS A 269 13.28 -39.13 0.98
CA LYS A 269 12.20 -39.88 1.60
C LYS A 269 10.89 -39.76 0.82
N GLY A 270 10.96 -39.17 -0.36
CA GLY A 270 9.78 -39.03 -1.19
C GLY A 270 8.87 -37.87 -0.86
N VAL A 271 9.32 -37.00 0.05
CA VAL A 271 8.53 -35.84 0.43
C VAL A 271 8.71 -34.75 -0.62
N VAL A 272 7.60 -34.13 -1.04
CA VAL A 272 7.69 -33.04 -2.01
C VAL A 272 7.96 -31.74 -1.26
N VAL A 273 9.02 -31.05 -1.65
CA VAL A 273 9.41 -29.79 -1.02
C VAL A 273 9.00 -28.63 -1.93
N MET A 274 8.23 -27.69 -1.36
CA MET A 274 7.74 -26.52 -2.08
C MET A 274 8.27 -25.25 -1.43
N ARG A 275 9.07 -24.49 -2.18
CA ARG A 275 9.64 -23.26 -1.65
C ARG A 275 8.78 -22.03 -1.88
N SER A 276 8.30 -21.46 -0.78
CA SER A 276 7.48 -20.25 -0.82
C SER A 276 8.30 -19.15 -0.13
N THR A 277 7.62 -18.12 0.37
CA THR A 277 8.31 -17.01 0.99
C THR A 277 7.62 -16.45 2.24
N ARG A 278 8.42 -16.01 3.21
CA ARG A 278 7.90 -15.43 4.45
C ARG A 278 7.61 -13.93 4.27
N THR A 279 8.11 -13.34 3.18
CA THR A 279 7.97 -11.90 2.93
C THR A 279 6.53 -11.39 2.89
N GLY A 280 5.65 -12.16 2.26
CA GLY A 280 4.26 -11.76 2.19
C GLY A 280 3.70 -11.54 0.78
N ASN A 281 4.57 -11.29 -0.18
CA ASN A 281 4.13 -11.03 -1.56
C ASN A 281 5.19 -11.44 -2.54
N GLY A 282 4.81 -11.54 -3.81
CA GLY A 282 5.78 -11.82 -4.85
C GLY A 282 6.00 -13.21 -5.37
N ILE A 283 6.89 -13.25 -6.36
CA ILE A 283 7.24 -14.48 -7.05
C ILE A 283 8.50 -15.18 -6.53
N VAL A 284 8.39 -16.48 -6.30
CA VAL A 284 9.54 -17.27 -5.91
C VAL A 284 9.83 -17.90 -7.28
N PRO A 285 10.93 -17.48 -7.93
CA PRO A 285 11.29 -17.98 -9.25
C PRO A 285 12.01 -19.32 -9.24
N PRO A 286 11.95 -20.03 -10.37
CA PRO A 286 12.61 -21.34 -10.48
C PRO A 286 14.11 -21.10 -10.33
N ASP A 287 14.81 -22.08 -9.77
CA ASP A 287 16.26 -22.00 -9.57
C ASP A 287 16.73 -23.44 -9.49
N GLU A 288 17.29 -23.95 -10.58
CA GLU A 288 17.75 -25.33 -10.63
C GLU A 288 18.86 -25.65 -9.65
N GLU A 289 19.50 -24.63 -9.10
CA GLU A 289 20.59 -24.86 -8.17
C GLU A 289 20.10 -25.05 -6.74
N LEU A 290 18.79 -24.91 -6.54
CA LEU A 290 18.19 -25.09 -5.23
C LEU A 290 17.25 -26.30 -5.24
N PRO A 291 17.11 -26.95 -4.08
CA PRO A 291 16.22 -28.13 -3.99
C PRO A 291 14.74 -27.78 -4.00
N GLY A 292 13.92 -28.75 -4.36
CA GLY A 292 12.48 -28.59 -4.39
C GLY A 292 11.86 -27.72 -5.47
N LEU A 293 10.56 -27.53 -5.36
CA LEU A 293 9.78 -26.73 -6.30
C LEU A 293 9.65 -25.30 -5.80
N VAL A 294 9.04 -24.45 -6.62
CA VAL A 294 8.82 -23.04 -6.27
C VAL A 294 7.32 -22.73 -6.31
N SER A 295 6.88 -21.87 -5.39
CA SER A 295 5.47 -21.55 -5.26
C SER A 295 4.88 -20.43 -6.12
N ASP A 296 5.58 -19.96 -7.16
CA ASP A 296 5.02 -18.90 -8.00
C ASP A 296 4.69 -17.75 -7.02
N SER A 297 3.48 -17.21 -7.09
CA SER A 297 3.09 -16.12 -6.18
C SER A 297 2.26 -16.60 -4.98
N LEU A 298 2.18 -17.91 -4.78
CA LEU A 298 1.40 -18.43 -3.64
C LEU A 298 2.14 -18.24 -2.32
N ASN A 299 1.47 -17.66 -1.33
CA ASN A 299 2.12 -17.50 -0.03
C ASN A 299 2.11 -18.87 0.65
N PRO A 300 2.82 -19.02 1.79
CA PRO A 300 2.84 -20.32 2.47
C PRO A 300 1.50 -21.01 2.73
N ALA A 301 0.55 -20.27 3.30
CA ALA A 301 -0.76 -20.84 3.60
C ALA A 301 -1.45 -21.34 2.34
N HIS A 302 -1.40 -20.55 1.27
CA HIS A 302 -2.02 -20.93 0.00
C HIS A 302 -1.27 -22.10 -0.64
N ALA A 303 0.06 -22.07 -0.58
CA ALA A 303 0.88 -23.13 -1.16
C ALA A 303 0.60 -24.48 -0.54
N ARG A 304 0.39 -24.49 0.78
CA ARG A 304 0.10 -25.74 1.46
C ARG A 304 -1.18 -26.36 0.93
N ILE A 305 -2.23 -25.54 0.82
CA ILE A 305 -3.50 -25.99 0.31
C ILE A 305 -3.34 -26.60 -1.09
N LEU A 306 -2.71 -25.87 -2.00
CA LEU A 306 -2.55 -26.41 -3.35
C LEU A 306 -1.68 -27.65 -3.37
N LEU A 307 -0.65 -27.72 -2.52
CA LEU A 307 0.21 -28.90 -2.52
C LEU A 307 -0.56 -30.12 -2.04
N MET A 308 -1.37 -29.94 -0.99
CA MET A 308 -2.16 -31.05 -0.48
C MET A 308 -3.06 -31.59 -1.58
N LEU A 309 -3.73 -30.70 -2.30
CA LEU A 309 -4.61 -31.12 -3.38
C LEU A 309 -3.84 -31.71 -4.54
N ALA A 310 -2.67 -31.15 -4.82
CA ALA A 310 -1.82 -31.66 -5.90
C ALA A 310 -1.45 -33.11 -5.62
N LEU A 311 -1.12 -33.39 -4.36
CA LEU A 311 -0.73 -34.71 -3.93
C LEU A 311 -1.83 -35.78 -4.00
N THR A 312 -3.07 -35.35 -4.19
CA THR A 312 -4.17 -36.30 -4.30
C THR A 312 -4.25 -36.83 -5.73
N ARG A 313 -3.54 -36.17 -6.64
CA ARG A 313 -3.56 -36.57 -8.04
C ARG A 313 -2.24 -37.08 -8.60
N THR A 314 -1.14 -36.63 -8.02
CA THR A 314 0.17 -37.02 -8.54
C THR A 314 1.28 -36.78 -7.53
N SER A 315 2.44 -37.37 -7.81
CA SER A 315 3.62 -37.20 -6.99
C SER A 315 4.75 -36.77 -7.92
N ASP A 316 4.40 -36.55 -9.19
CA ASP A 316 5.35 -36.11 -10.20
C ASP A 316 5.67 -34.63 -10.00
N PRO A 317 6.91 -34.30 -9.63
CA PRO A 317 7.33 -32.92 -9.41
C PRO A 317 6.99 -31.94 -10.54
N LYS A 318 7.17 -32.37 -11.78
CA LYS A 318 6.89 -31.51 -12.92
C LYS A 318 5.42 -31.15 -13.00
N VAL A 319 4.55 -32.13 -12.78
CA VAL A 319 3.12 -31.89 -12.84
C VAL A 319 2.72 -30.94 -11.72
N ILE A 320 3.28 -31.17 -10.53
CA ILE A 320 2.99 -30.32 -9.38
C ILE A 320 3.47 -28.90 -9.65
N GLN A 321 4.66 -28.76 -10.22
CA GLN A 321 5.19 -27.42 -10.52
C GLN A 321 4.29 -26.67 -11.49
N GLU A 322 3.78 -27.37 -12.49
CA GLU A 322 2.89 -26.71 -13.46
C GLU A 322 1.63 -26.27 -12.74
N TYR A 323 1.12 -27.11 -11.85
CA TYR A 323 -0.07 -26.76 -11.09
C TYR A 323 0.14 -25.40 -10.41
N PHE A 324 1.31 -25.23 -9.80
CA PHE A 324 1.60 -24.00 -9.09
C PHE A 324 1.71 -22.76 -9.96
N HIS A 325 1.94 -22.95 -11.26
CA HIS A 325 2.03 -21.82 -12.17
C HIS A 325 0.70 -21.52 -12.85
N THR A 326 -0.27 -22.42 -12.69
N THR A 326 -0.28 -22.41 -12.69
CA THR A 326 -1.56 -22.26 -13.35
CA THR A 326 -1.57 -22.21 -13.36
C THR A 326 -2.77 -22.10 -12.43
C THR A 326 -2.77 -22.08 -12.42
N TYR A 327 -2.63 -22.53 -11.18
CA TYR A 327 -3.73 -22.43 -10.22
C TYR A 327 -3.54 -21.30 -9.21
N LEU B 4 -9.44 11.20 35.77
CA LEU B 4 -9.95 11.25 34.37
C LEU B 4 -9.65 12.60 33.74
N PRO B 5 -9.15 12.60 32.50
CA PRO B 5 -8.84 13.87 31.84
C PRO B 5 -10.08 14.64 31.41
N ASN B 6 -9.94 15.96 31.30
CA ASN B 6 -11.03 16.82 30.87
C ASN B 6 -10.89 17.04 29.38
N ILE B 7 -11.81 16.47 28.62
CA ILE B 7 -11.77 16.57 27.17
C ILE B 7 -12.98 17.30 26.59
N VAL B 8 -12.71 18.31 25.77
CA VAL B 8 -13.76 19.07 25.13
C VAL B 8 -13.94 18.47 23.74
N ILE B 9 -15.18 18.17 23.37
CA ILE B 9 -15.46 17.63 22.04
C ILE B 9 -16.06 18.77 21.23
N LEU B 10 -15.25 19.34 20.34
N LEU B 10 -15.26 19.34 20.35
CA LEU B 10 -15.69 20.44 19.48
CA LEU B 10 -15.70 20.46 19.51
C LEU B 10 -16.25 19.89 18.18
C LEU B 10 -16.24 19.94 18.18
N ALA B 11 -17.56 20.04 18.00
CA ALA B 11 -18.22 19.56 16.79
C ALA B 11 -18.30 20.60 15.68
N THR B 12 -18.03 20.18 14.44
CA THR B 12 -18.10 21.09 13.30
C THR B 12 -19.03 20.53 12.23
N GLY B 13 -19.39 19.25 12.34
CA GLY B 13 -20.27 18.62 11.37
C GLY B 13 -19.73 17.30 10.83
N GLY B 14 -19.94 17.06 9.53
CA GLY B 14 -19.45 15.84 8.90
C GLY B 14 -20.34 14.61 8.95
N THR B 15 -19.90 13.56 8.27
CA THR B 15 -20.63 12.30 8.21
C THR B 15 -20.74 11.64 9.58
N ILE B 16 -19.75 11.89 10.44
CA ILE B 16 -19.78 11.31 11.79
C ILE B 16 -21.05 11.76 12.47
N ALA B 17 -21.60 12.88 11.99
CA ALA B 17 -22.84 13.42 12.51
C ALA B 17 -23.85 13.42 11.36
N GLY B 18 -23.73 12.43 10.48
CA GLY B 18 -24.62 12.33 9.34
C GLY B 18 -25.79 11.39 9.55
N SER B 19 -26.88 11.63 8.81
CA SER B 19 -28.09 10.81 8.90
C SER B 19 -28.69 10.48 7.54
N ALA B 20 -29.38 9.34 7.49
CA ALA B 20 -30.05 8.88 6.28
C ALA B 20 -31.33 8.20 6.75
N ALA B 21 -32.31 8.09 5.86
CA ALA B 21 -33.59 7.47 6.19
C ALA B 21 -33.48 5.97 6.47
N THR B 22 -32.49 5.32 5.88
CA THR B 22 -32.30 3.88 6.07
C THR B 22 -30.90 3.55 6.56
N GLY B 23 -30.74 2.35 7.11
CA GLY B 23 -29.45 1.92 7.60
C GLY B 23 -28.53 1.42 6.50
N THR B 24 -29.09 1.23 5.31
CA THR B 24 -28.31 0.76 4.18
C THR B 24 -27.76 1.93 3.37
N GLN B 25 -28.33 3.11 3.59
CA GLN B 25 -27.88 4.32 2.90
C GLN B 25 -26.52 4.71 3.45
N THR B 26 -25.47 4.52 2.65
CA THR B 26 -24.13 4.88 3.07
C THR B 26 -23.56 6.01 2.22
N THR B 27 -24.32 6.43 1.21
CA THR B 27 -23.90 7.50 0.33
C THR B 27 -25.08 8.46 0.07
N GLY B 28 -24.77 9.71 -0.23
CA GLY B 28 -25.81 10.69 -0.50
C GLY B 28 -26.61 11.13 0.71
N TYR B 29 -26.13 10.80 1.90
CA TYR B 29 -26.80 11.17 3.14
C TYR B 29 -26.58 12.65 3.45
N LYS B 30 -27.08 13.08 4.61
CA LYS B 30 -26.93 14.46 5.04
C LYS B 30 -25.88 14.56 6.14
N ALA B 31 -24.79 15.26 5.86
CA ALA B 31 -23.72 15.43 6.83
C ALA B 31 -24.06 16.58 7.77
N GLY B 32 -23.50 16.55 8.98
CA GLY B 32 -23.76 17.59 9.96
C GLY B 32 -25.23 17.74 10.29
N ALA B 33 -25.90 16.63 10.54
CA ALA B 33 -27.31 16.64 10.86
C ALA B 33 -27.56 16.41 12.35
N LEU B 34 -26.68 15.66 13.01
N LEU B 34 -26.67 15.67 13.00
CA LEU B 34 -26.82 15.37 14.43
CA LEU B 34 -26.80 15.37 14.42
C LEU B 34 -25.98 16.31 15.28
C LEU B 34 -25.96 16.29 15.29
N GLY B 35 -26.43 16.55 16.51
CA GLY B 35 -25.71 17.42 17.42
C GLY B 35 -24.65 16.67 18.21
N VAL B 36 -23.70 17.42 18.76
CA VAL B 36 -22.60 16.82 19.53
C VAL B 36 -23.06 15.95 20.70
N ASP B 37 -24.04 16.41 21.46
CA ASP B 37 -24.54 15.64 22.59
C ASP B 37 -25.17 14.33 22.14
N THR B 38 -25.74 14.33 20.94
CA THR B 38 -26.33 13.10 20.42
C THR B 38 -25.21 12.11 20.10
N LEU B 39 -24.06 12.65 19.70
CA LEU B 39 -22.92 11.80 19.39
C LEU B 39 -22.36 11.23 20.70
N ILE B 40 -22.26 12.07 21.71
CA ILE B 40 -21.72 11.64 23.00
C ILE B 40 -22.59 10.58 23.67
N ASN B 41 -23.89 10.81 23.75
CA ASN B 41 -24.79 9.84 24.38
C ASN B 41 -24.89 8.55 23.58
N ALA B 42 -24.55 8.64 22.29
CA ALA B 42 -24.61 7.47 21.40
C ALA B 42 -23.48 6.51 21.74
N VAL B 43 -22.38 7.04 22.26
CA VAL B 43 -21.25 6.22 22.65
C VAL B 43 -20.85 6.64 24.06
N PRO B 44 -21.72 6.36 25.04
CA PRO B 44 -21.53 6.68 26.45
C PRO B 44 -20.22 6.16 27.03
N GLU B 45 -19.61 5.19 26.36
CA GLU B 45 -18.34 4.64 26.83
C GLU B 45 -17.25 5.71 26.90
N VAL B 46 -17.40 6.81 26.16
CA VAL B 46 -16.38 7.86 26.20
C VAL B 46 -16.29 8.45 27.59
N LYS B 47 -17.41 8.38 28.31
CA LYS B 47 -17.48 8.93 29.66
C LYS B 47 -16.61 8.20 30.68
N LYS B 48 -16.17 6.99 30.36
CA LYS B 48 -15.29 6.27 31.28
C LYS B 48 -13.82 6.49 30.93
N LEU B 49 -13.57 7.21 29.83
CA LEU B 49 -12.22 7.50 29.41
C LEU B 49 -11.84 8.94 29.75
N ALA B 50 -12.85 9.79 29.91
CA ALA B 50 -12.61 11.18 30.24
C ALA B 50 -13.89 11.88 30.66
N ASN B 51 -13.74 13.08 31.20
CA ASN B 51 -14.89 13.89 31.59
C ASN B 51 -15.11 14.70 30.33
N VAL B 52 -16.13 14.32 29.57
CA VAL B 52 -16.41 14.98 28.30
C VAL B 52 -17.40 16.13 28.35
N LYS B 53 -17.12 17.14 27.54
CA LYS B 53 -17.96 18.32 27.43
C LYS B 53 -18.10 18.65 25.94
N GLY B 54 -19.34 18.64 25.45
CA GLY B 54 -19.57 18.93 24.05
C GLY B 54 -19.78 20.40 23.78
N GLU B 55 -19.33 20.84 22.60
CA GLU B 55 -19.48 22.24 22.18
C GLU B 55 -19.75 22.24 20.69
N GLN B 56 -20.89 22.79 20.28
CA GLN B 56 -21.24 22.83 18.87
C GLN B 56 -20.64 24.07 18.19
N PHE B 57 -19.45 23.90 17.63
CA PHE B 57 -18.77 25.00 16.93
C PHE B 57 -19.53 25.33 15.64
N SER B 58 -20.02 24.28 14.98
CA SER B 58 -20.78 24.41 13.75
C SER B 58 -21.36 23.05 13.39
N ASN B 59 -22.02 22.95 12.25
CA ASN B 59 -22.58 21.69 11.81
C ASN B 59 -22.76 21.76 10.30
N MET B 60 -21.69 21.49 9.58
CA MET B 60 -21.71 21.56 8.12
C MET B 60 -20.95 20.41 7.46
N ALA B 61 -21.20 20.24 6.17
CA ALA B 61 -20.51 19.24 5.36
C ALA B 61 -19.14 19.90 5.15
N SER B 62 -18.05 19.18 5.41
CA SER B 62 -16.72 19.78 5.28
C SER B 62 -16.37 20.33 3.91
N GLU B 63 -17.12 19.95 2.88
CA GLU B 63 -16.82 20.50 1.55
C GLU B 63 -17.11 22.00 1.58
N ASN B 64 -17.86 22.44 2.59
CA ASN B 64 -18.18 23.86 2.71
C ASN B 64 -17.40 24.57 3.80
N MET B 65 -16.45 23.88 4.42
CA MET B 65 -15.61 24.50 5.45
C MET B 65 -14.78 25.56 4.73
N THR B 66 -14.65 26.73 5.34
CA THR B 66 -13.90 27.82 4.73
C THR B 66 -12.75 28.32 5.60
N GLY B 67 -11.77 28.93 4.95
CA GLY B 67 -10.61 29.45 5.66
C GLY B 67 -10.97 30.35 6.83
N ASP B 68 -11.92 31.26 6.61
CA ASP B 68 -12.32 32.17 7.69
C ASP B 68 -12.88 31.41 8.88
N VAL B 69 -13.58 30.30 8.61
CA VAL B 69 -14.15 29.50 9.68
C VAL B 69 -13.07 28.66 10.36
N VAL B 70 -12.11 28.17 9.59
CA VAL B 70 -11.03 27.37 10.17
C VAL B 70 -10.20 28.28 11.06
N LEU B 71 -10.09 29.55 10.67
CA LEU B 71 -9.34 30.53 11.43
C LEU B 71 -9.99 30.63 12.81
N LYS B 72 -11.32 30.75 12.82
CA LYS B 72 -12.05 30.85 14.07
C LYS B 72 -11.94 29.56 14.88
N LEU B 73 -11.83 28.43 14.18
CA LEU B 73 -11.71 27.15 14.87
C LEU B 73 -10.37 27.10 15.59
N SER B 74 -9.31 27.48 14.88
N SER B 74 -9.31 27.49 14.89
CA SER B 74 -7.98 27.50 15.46
CA SER B 74 -7.98 27.47 15.48
C SER B 74 -7.93 28.42 16.66
C SER B 74 -7.93 28.42 16.68
N GLN B 75 -8.59 29.57 16.55
CA GLN B 75 -8.60 30.54 17.63
C GLN B 75 -9.36 30.00 18.85
N ARG B 76 -10.49 29.34 18.61
CA ARG B 76 -11.26 28.78 19.72
C ARG B 76 -10.48 27.65 20.40
N VAL B 77 -9.78 26.83 19.61
CA VAL B 77 -9.01 25.73 20.17
C VAL B 77 -7.87 26.29 21.03
N ASN B 78 -7.23 27.36 20.56
CA ASN B 78 -6.15 27.96 21.34
C ASN B 78 -6.73 28.46 22.65
N GLU B 79 -7.93 29.06 22.60
CA GLU B 79 -8.57 29.57 23.80
C GLU B 79 -8.79 28.43 24.78
N LEU B 80 -9.38 27.35 24.30
CA LEU B 80 -9.67 26.18 25.11
C LEU B 80 -8.41 25.61 25.79
N LEU B 81 -7.39 25.33 24.99
CA LEU B 81 -6.15 24.76 25.51
C LEU B 81 -5.38 25.65 26.48
N ALA B 82 -5.70 26.94 26.50
CA ALA B 82 -5.04 27.87 27.41
C ALA B 82 -5.61 27.68 28.82
N ARG B 83 -6.78 27.05 28.89
CA ARG B 83 -7.45 26.80 30.17
C ARG B 83 -6.82 25.67 30.96
N ASP B 84 -6.64 25.87 32.27
CA ASP B 84 -6.07 24.84 33.12
C ASP B 84 -7.01 23.64 33.24
N ASP B 85 -8.31 23.88 33.07
CA ASP B 85 -9.30 22.81 33.20
C ASP B 85 -9.59 22.02 31.92
N VAL B 86 -8.74 22.18 30.92
CA VAL B 86 -8.89 21.47 29.65
C VAL B 86 -7.58 20.74 29.38
N ASP B 87 -7.66 19.41 29.22
CA ASP B 87 -6.45 18.61 28.97
C ASP B 87 -6.26 18.27 27.50
N GLY B 88 -7.33 18.36 26.72
CA GLY B 88 -7.24 18.06 25.30
C GLY B 88 -8.55 18.34 24.61
N VAL B 89 -8.53 18.34 23.28
CA VAL B 89 -9.72 18.58 22.49
C VAL B 89 -9.85 17.60 21.34
N VAL B 90 -11.07 17.13 21.12
CA VAL B 90 -11.39 16.22 20.03
C VAL B 90 -12.29 17.06 19.13
N ILE B 91 -11.98 17.12 17.83
CA ILE B 91 -12.78 17.90 16.92
C ILE B 91 -13.42 17.00 15.88
N THR B 92 -14.75 16.92 15.90
CA THR B 92 -15.46 16.11 14.92
C THR B 92 -15.54 16.96 13.67
N HIS B 93 -15.24 16.36 12.52
CA HIS B 93 -15.17 17.10 11.27
C HIS B 93 -15.47 16.16 10.10
N GLY B 94 -15.96 16.73 8.99
CA GLY B 94 -16.24 15.92 7.82
C GLY B 94 -14.93 15.38 7.26
N THR B 95 -14.97 14.20 6.65
CA THR B 95 -13.76 13.59 6.11
C THR B 95 -13.17 14.29 4.90
N ASP B 96 -14.02 14.84 4.04
CA ASP B 96 -13.55 15.46 2.81
C ASP B 96 -12.44 16.49 2.92
N THR B 97 -12.55 17.43 3.85
CA THR B 97 -11.50 18.44 3.97
C THR B 97 -10.87 18.45 5.34
N VAL B 98 -11.00 17.34 6.07
CA VAL B 98 -10.42 17.28 7.41
C VAL B 98 -8.90 17.43 7.37
N GLU B 99 -8.27 17.02 6.28
CA GLU B 99 -6.82 17.13 6.20
C GLU B 99 -6.39 18.57 6.10
N GLU B 100 -7.29 19.41 5.58
CA GLU B 100 -7.02 20.83 5.42
C GLU B 100 -7.19 21.54 6.76
N SER B 101 -8.32 21.30 7.44
CA SER B 101 -8.53 21.95 8.73
C SER B 101 -7.48 21.45 9.73
N ALA B 102 -7.21 20.15 9.72
CA ALA B 102 -6.24 19.58 10.65
C ALA B 102 -4.84 20.17 10.48
N TYR B 103 -4.38 20.29 9.23
CA TYR B 103 -3.05 20.84 8.98
C TYR B 103 -3.00 22.33 9.34
N PHE B 104 -4.13 23.03 9.19
CA PHE B 104 -4.16 24.44 9.53
C PHE B 104 -3.91 24.59 11.03
N LEU B 105 -4.64 23.84 11.85
CA LEU B 105 -4.45 23.92 13.30
C LEU B 105 -3.08 23.36 13.72
N HIS B 106 -2.57 22.42 12.94
CA HIS B 106 -1.27 21.80 13.18
C HIS B 106 -0.21 22.90 13.18
N LEU B 107 -0.44 23.92 12.35
CA LEU B 107 0.50 25.04 12.23
C LEU B 107 0.15 26.23 13.12
N THR B 108 -1.09 26.32 13.57
CA THR B 108 -1.50 27.47 14.35
C THR B 108 -1.87 27.32 15.82
N VAL B 109 -1.98 26.09 16.32
CA VAL B 109 -2.34 25.89 17.72
C VAL B 109 -1.06 25.92 18.57
N LYS B 110 -0.95 26.94 19.42
CA LYS B 110 0.22 27.12 20.27
C LYS B 110 0.13 26.35 21.58
N SER B 111 0.00 25.04 21.52
CA SER B 111 -0.09 24.23 22.73
C SER B 111 0.36 22.81 22.46
N ASP B 112 0.84 22.14 23.49
CA ASP B 112 1.28 20.76 23.38
C ASP B 112 0.18 19.80 23.80
N LYS B 113 -0.94 20.33 24.27
CA LYS B 113 -2.05 19.49 24.67
C LYS B 113 -2.61 18.82 23.41
N PRO B 114 -3.09 17.58 23.51
CA PRO B 114 -3.62 16.91 22.33
C PRO B 114 -4.80 17.56 21.62
N VAL B 115 -4.70 17.65 20.30
CA VAL B 115 -5.77 18.19 19.46
C VAL B 115 -6.00 17.05 18.49
N VAL B 116 -7.15 16.37 18.63
CA VAL B 116 -7.45 15.22 17.78
C VAL B 116 -8.69 15.36 16.93
N PHE B 117 -8.50 15.39 15.62
CA PHE B 117 -9.63 15.47 14.70
C PHE B 117 -10.14 14.04 14.55
N VAL B 118 -11.45 13.89 14.45
CA VAL B 118 -12.07 12.58 14.29
C VAL B 118 -13.17 12.70 13.25
N ALA B 119 -13.38 11.63 12.49
CA ALA B 119 -14.37 11.65 11.44
C ALA B 119 -14.92 10.24 11.26
N ALA B 120 -15.83 10.09 10.30
CA ALA B 120 -16.45 8.80 10.01
C ALA B 120 -16.82 8.76 8.53
N MET B 121 -16.64 7.60 7.90
CA MET B 121 -16.97 7.45 6.49
C MET B 121 -18.40 6.99 6.26
N ARG B 122 -19.02 6.42 7.29
CA ARG B 122 -20.41 5.98 7.20
C ARG B 122 -21.25 6.84 8.16
N PRO B 123 -22.46 7.23 7.73
CA PRO B 123 -23.30 8.04 8.61
C PRO B 123 -23.68 7.28 9.89
N ALA B 124 -24.00 8.03 10.94
CA ALA B 124 -24.36 7.46 12.23
C ALA B 124 -25.52 6.49 12.15
N THR B 125 -26.31 6.59 11.09
CA THR B 125 -27.48 5.73 10.91
C THR B 125 -27.22 4.47 10.10
N ALA B 126 -26.02 4.33 9.58
CA ALA B 126 -25.69 3.17 8.75
C ALA B 126 -25.36 1.93 9.58
N ILE B 127 -25.61 0.75 9.01
CA ILE B 127 -25.27 -0.45 9.75
C ILE B 127 -23.75 -0.49 9.71
N SER B 128 -23.15 -0.95 10.81
CA SER B 128 -21.70 -1.00 10.94
C SER B 128 -21.08 0.38 10.79
N ALA B 129 -21.78 1.40 11.29
CA ALA B 129 -21.26 2.76 11.25
C ALA B 129 -19.94 2.80 12.01
N ASP B 130 -18.94 3.49 11.45
CA ASP B 130 -17.62 3.56 12.06
C ASP B 130 -17.44 4.71 13.07
N GLY B 131 -18.31 5.70 13.01
CA GLY B 131 -18.21 6.84 13.91
C GLY B 131 -18.08 6.56 15.41
N PRO B 132 -18.95 5.72 15.98
CA PRO B 132 -18.85 5.42 17.42
C PRO B 132 -17.46 5.00 17.87
N MET B 133 -16.87 4.01 17.20
CA MET B 133 -15.53 3.57 17.59
C MET B 133 -14.48 4.63 17.33
N ASN B 134 -14.59 5.34 16.21
CA ASN B 134 -13.60 6.37 15.91
C ASN B 134 -13.58 7.43 17.01
N LEU B 135 -14.76 7.83 17.48
CA LEU B 135 -14.87 8.83 18.53
C LEU B 135 -14.29 8.34 19.85
N LEU B 136 -14.56 7.07 20.17
CA LEU B 136 -14.06 6.48 21.40
C LEU B 136 -12.53 6.50 21.37
N GLU B 137 -11.98 6.17 20.21
CA GLU B 137 -10.54 6.14 20.06
C GLU B 137 -9.93 7.54 20.13
N ALA B 138 -10.62 8.50 19.51
CA ALA B 138 -10.16 9.88 19.50
C ALA B 138 -10.07 10.42 20.92
N VAL B 139 -11.07 10.10 21.75
CA VAL B 139 -11.06 10.56 23.13
C VAL B 139 -9.93 9.85 23.89
N ARG B 140 -9.74 8.56 23.65
CA ARG B 140 -8.67 7.84 24.33
C ARG B 140 -7.33 8.51 24.00
N VAL B 141 -7.12 8.84 22.73
CA VAL B 141 -5.87 9.47 22.31
C VAL B 141 -5.72 10.86 22.92
N ALA B 142 -6.79 11.66 22.85
CA ALA B 142 -6.77 13.00 23.39
C ALA B 142 -6.46 13.07 24.89
N GLY B 143 -6.90 12.05 25.63
CA GLY B 143 -6.68 12.04 27.08
C GLY B 143 -5.47 11.30 27.59
N ASP B 144 -4.69 10.71 26.69
CA ASP B 144 -3.50 9.98 27.13
C ASP B 144 -2.33 10.94 27.28
N LYS B 145 -1.65 10.89 28.41
CA LYS B 145 -0.52 11.79 28.64
C LYS B 145 0.59 11.60 27.62
N GLN B 146 0.69 10.39 27.08
CA GLN B 146 1.70 10.07 26.07
C GLN B 146 1.42 10.75 24.74
N SER B 147 0.22 11.31 24.60
CA SER B 147 -0.17 11.96 23.34
C SER B 147 0.28 13.41 23.21
N ARG B 148 0.89 13.94 24.26
CA ARG B 148 1.34 15.33 24.24
C ARG B 148 2.49 15.64 23.29
N GLY B 149 2.45 16.83 22.71
CA GLY B 149 3.50 17.29 21.81
C GLY B 149 3.76 16.54 20.52
N ARG B 150 2.74 15.89 19.98
CA ARG B 150 2.90 15.13 18.74
C ARG B 150 2.35 15.84 17.51
N GLY B 151 1.86 17.06 17.70
CA GLY B 151 1.28 17.81 16.59
C GLY B 151 -0.18 17.40 16.46
N VAL B 152 -0.93 18.04 15.57
CA VAL B 152 -2.33 17.69 15.42
C VAL B 152 -2.47 16.32 14.77
N MET B 153 -3.40 15.53 15.29
CA MET B 153 -3.62 14.18 14.81
C MET B 153 -5.02 13.99 14.25
N VAL B 154 -5.18 12.97 13.42
CA VAL B 154 -6.46 12.63 12.83
C VAL B 154 -6.66 11.15 13.16
N VAL B 155 -7.70 10.86 13.93
CA VAL B 155 -7.99 9.51 14.36
C VAL B 155 -9.24 8.93 13.70
N ILE B 156 -9.07 7.73 13.13
CA ILE B 156 -10.15 7.03 12.45
C ILE B 156 -9.65 5.65 12.04
N ASN B 157 -10.53 4.67 12.07
CA ASN B 157 -10.21 3.30 11.69
C ASN B 157 -8.97 2.73 12.38
N ASP B 158 -8.93 2.89 13.70
CA ASP B 158 -7.85 2.39 14.55
C ASP B 158 -6.48 3.00 14.26
N ARG B 159 -6.44 4.08 13.47
CA ARG B 159 -5.15 4.70 13.13
C ARG B 159 -5.02 6.14 13.63
N ILE B 160 -3.79 6.55 13.93
CA ILE B 160 -3.50 7.91 14.35
C ILE B 160 -2.57 8.53 13.29
N GLY B 161 -3.06 9.49 12.53
CA GLY B 161 -2.22 10.09 11.51
C GLY B 161 -1.84 11.53 11.79
N SER B 162 -0.63 11.93 11.41
CA SER B 162 -0.21 13.31 11.61
C SER B 162 -0.92 14.19 10.58
N ALA B 163 -1.41 15.34 11.02
CA ALA B 163 -2.11 16.26 10.13
C ALA B 163 -1.25 16.66 8.91
N ARG B 164 0.08 16.62 9.06
CA ARG B 164 0.98 17.00 7.98
C ARG B 164 1.14 15.93 6.89
N TYR B 165 0.92 14.66 7.25
CA TYR B 165 1.08 13.57 6.31
C TYR B 165 -0.20 12.86 5.88
N ILE B 166 -1.15 12.73 6.81
CA ILE B 166 -2.39 12.02 6.53
C ILE B 166 -3.26 12.72 5.48
N THR B 167 -3.91 11.92 4.65
CA THR B 167 -4.78 12.43 3.60
C THR B 167 -5.86 11.39 3.28
N LYS B 168 -6.98 11.85 2.77
CA LYS B 168 -8.07 10.96 2.37
C LYS B 168 -7.63 10.46 1.00
N THR B 169 -7.22 9.19 0.94
CA THR B 169 -6.73 8.61 -0.32
C THR B 169 -7.78 7.89 -1.17
N ASN B 170 -8.94 7.62 -0.57
CA ASN B 170 -10.00 6.91 -1.30
C ASN B 170 -11.30 7.67 -1.13
N ALA B 171 -12.08 7.74 -2.20
CA ALA B 171 -13.33 8.46 -2.16
C ALA B 171 -14.38 7.90 -1.22
N SER B 172 -14.42 6.57 -1.05
CA SER B 172 -15.50 5.98 -0.26
C SER B 172 -15.27 4.85 0.74
N THR B 173 -14.02 4.52 1.05
CA THR B 173 -13.72 3.42 1.96
C THR B 173 -13.43 3.83 3.40
N LEU B 174 -13.67 2.91 4.33
CA LEU B 174 -13.42 3.16 5.75
C LEU B 174 -11.95 3.38 6.06
N ASP B 175 -11.07 2.73 5.29
CA ASP B 175 -9.63 2.81 5.51
C ASP B 175 -8.97 3.84 4.61
N THR B 176 -9.78 4.78 4.13
CA THR B 176 -9.31 5.84 3.24
C THR B 176 -8.13 6.69 3.74
N PHE B 177 -8.10 7.03 5.02
CA PHE B 177 -6.99 7.85 5.51
C PHE B 177 -5.69 7.08 5.68
N ARG B 178 -4.69 7.48 4.89
CA ARG B 178 -3.37 6.86 4.91
C ARG B 178 -2.28 7.87 4.57
N ALA B 179 -1.06 7.55 4.96
CA ALA B 179 0.12 8.36 4.65
C ALA B 179 1.04 7.27 4.09
N ASN B 180 0.91 7.01 2.79
CA ASN B 180 1.68 5.95 2.17
C ASN B 180 3.17 5.89 2.47
N GLU B 181 3.86 7.03 2.37
CA GLU B 181 5.30 7.06 2.60
C GLU B 181 5.73 7.35 4.03
N GLU B 182 4.85 8.00 4.79
CA GLU B 182 5.17 8.39 6.16
C GLU B 182 4.54 7.54 7.26
N GLY B 183 3.56 6.70 6.89
CA GLY B 183 2.91 5.85 7.87
C GLY B 183 2.10 6.62 8.91
N TYR B 184 1.68 5.90 9.94
CA TYR B 184 0.88 6.48 11.02
C TYR B 184 1.72 6.81 12.24
N LEU B 185 1.31 7.82 12.98
CA LEU B 185 2.04 8.18 14.21
C LEU B 185 1.85 7.02 15.18
N GLY B 186 0.69 6.38 15.10
CA GLY B 186 0.41 5.25 15.96
C GLY B 186 -0.89 4.56 15.61
N VAL B 187 -1.22 3.52 16.36
CA VAL B 187 -2.45 2.78 16.14
C VAL B 187 -3.12 2.49 17.47
N ILE B 188 -4.41 2.16 17.43
CA ILE B 188 -5.17 1.85 18.64
C ILE B 188 -5.81 0.49 18.45
N ILE B 189 -5.32 -0.50 19.20
CA ILE B 189 -5.81 -1.87 19.13
C ILE B 189 -6.09 -2.39 20.52
N GLY B 190 -7.23 -3.04 20.70
CA GLY B 190 -7.56 -3.60 22.01
C GLY B 190 -7.58 -2.54 23.11
N ASN B 191 -8.14 -1.38 22.80
CA ASN B 191 -8.24 -0.28 23.74
C ASN B 191 -6.89 0.19 24.27
N ARG B 192 -5.84 -0.03 23.48
CA ARG B 192 -4.50 0.38 23.86
C ARG B 192 -3.84 1.15 22.73
N ILE B 193 -3.10 2.20 23.08
CA ILE B 193 -2.42 3.02 22.08
C ILE B 193 -0.98 2.58 21.90
N TYR B 194 -0.59 2.44 20.63
CA TYR B 194 0.76 2.04 20.28
C TYR B 194 1.34 3.16 19.42
N TYR B 195 2.20 3.97 20.02
CA TYR B 195 2.83 5.08 19.30
C TYR B 195 4.08 4.58 18.59
N GLN B 196 4.10 4.81 17.28
CA GLN B 196 5.17 4.37 16.40
C GLN B 196 6.20 5.41 16.00
N ASN B 197 5.72 6.60 15.64
CA ASN B 197 6.60 7.69 15.18
C ASN B 197 6.27 9.04 15.82
N ARG B 198 7.20 9.95 15.65
CA ARG B 198 7.07 11.36 16.06
C ARG B 198 7.47 12.06 14.76
N ILE B 199 6.61 12.92 14.24
N ILE B 199 6.62 12.93 14.26
CA ILE B 199 6.93 13.62 13.01
CA ILE B 199 6.91 13.63 13.02
C ILE B 199 8.17 14.48 13.17
C ILE B 199 8.16 14.49 13.18
N ASP B 200 9.04 14.46 12.18
CA ASP B 200 10.28 15.22 12.22
C ASP B 200 10.10 16.54 11.49
N LYS B 201 9.10 17.31 11.91
CA LYS B 201 8.80 18.61 11.32
C LYS B 201 8.35 19.55 12.43
N LEU B 202 8.33 20.85 12.11
CA LEU B 202 7.91 21.86 13.07
C LEU B 202 6.39 21.94 13.08
N HIS B 203 5.83 22.21 14.25
CA HIS B 203 4.40 22.33 14.40
C HIS B 203 4.07 22.91 15.76
N THR B 204 2.79 23.21 15.95
CA THR B 204 2.25 23.76 17.19
C THR B 204 3.13 24.73 17.98
N THR B 205 3.63 24.29 19.13
CA THR B 205 4.45 25.15 19.98
C THR B 205 5.76 25.65 19.38
N ARG B 206 6.25 25.01 18.32
CA ARG B 206 7.49 25.46 17.68
C ARG B 206 7.22 26.14 16.34
N SER B 207 5.97 26.49 16.09
CA SER B 207 5.58 27.14 14.83
C SER B 207 5.55 28.65 14.91
N VAL B 208 5.92 29.31 13.82
CA VAL B 208 5.91 30.78 13.76
C VAL B 208 4.57 31.29 13.25
N PHE B 209 3.68 30.38 12.88
CA PHE B 209 2.39 30.78 12.32
C PHE B 209 1.29 31.11 13.31
N ASP B 210 1.42 32.25 13.96
CA ASP B 210 0.42 32.71 14.93
C ASP B 210 -0.58 33.55 14.15
N VAL B 211 -1.85 33.16 14.15
CA VAL B 211 -2.88 33.89 13.43
C VAL B 211 -4.01 34.39 14.33
N ARG B 212 -3.79 34.32 15.63
CA ARG B 212 -4.81 34.74 16.59
C ARG B 212 -5.32 36.16 16.37
N GLY B 213 -4.54 37.00 15.71
CA GLY B 213 -4.99 38.35 15.46
C GLY B 213 -5.49 38.58 14.04
N LEU B 214 -5.94 37.51 13.38
CA LEU B 214 -6.43 37.62 12.00
C LEU B 214 -7.90 37.26 11.84
N THR B 215 -8.53 37.82 10.81
CA THR B 215 -9.94 37.55 10.53
C THR B 215 -10.12 37.01 9.12
N SER B 216 -9.11 37.19 8.28
CA SER B 216 -9.15 36.69 6.91
C SER B 216 -7.77 36.21 6.49
N LEU B 217 -7.71 35.45 5.40
CA LEU B 217 -6.44 34.89 4.91
C LEU B 217 -6.19 35.19 3.44
N PRO B 218 -4.93 35.17 3.01
CA PRO B 218 -4.59 35.43 1.61
C PRO B 218 -5.27 34.39 0.70
N LYS B 219 -5.75 34.84 -0.45
CA LYS B 219 -6.42 33.95 -1.39
C LYS B 219 -5.41 33.10 -2.14
N VAL B 220 -5.62 31.78 -2.10
CA VAL B 220 -4.74 30.84 -2.78
C VAL B 220 -5.61 29.82 -3.49
N ASP B 221 -5.42 29.70 -4.79
CA ASP B 221 -6.19 28.75 -5.58
C ASP B 221 -5.29 27.62 -6.05
N ILE B 222 -5.92 26.50 -6.39
CA ILE B 222 -5.19 25.33 -6.86
C ILE B 222 -5.60 25.05 -8.30
N LEU B 223 -4.61 24.93 -9.18
CA LEU B 223 -4.85 24.65 -10.58
C LEU B 223 -4.24 23.29 -10.91
N TYR B 224 -4.98 22.47 -11.64
CA TYR B 224 -4.56 21.12 -12.00
C TYR B 224 -3.62 21.07 -13.22
N GLY B 225 -2.77 20.06 -13.26
CA GLY B 225 -1.85 19.88 -14.38
C GLY B 225 -2.25 18.63 -15.12
N TYR B 226 -2.34 18.73 -16.45
CA TYR B 226 -2.76 17.60 -17.28
C TYR B 226 -2.51 17.95 -18.75
N GLN B 227 -2.64 16.96 -19.64
CA GLN B 227 -2.42 17.20 -21.06
C GLN B 227 -3.40 18.27 -21.53
N ASP B 228 -2.87 19.24 -22.28
CA ASP B 228 -3.67 20.34 -22.82
C ASP B 228 -4.16 21.32 -21.76
N ASP B 229 -3.50 21.37 -20.60
CA ASP B 229 -3.94 22.32 -19.58
C ASP B 229 -3.85 23.72 -20.17
N PRO B 230 -4.91 24.52 -19.99
CA PRO B 230 -5.01 25.89 -20.51
C PRO B 230 -4.39 27.03 -19.72
N GLU B 231 -3.87 28.01 -20.46
N GLU B 231 -3.87 28.01 -20.46
CA GLU B 231 -3.25 29.17 -19.83
CA GLU B 231 -3.26 29.19 -19.85
C GLU B 231 -4.30 30.09 -19.21
C GLU B 231 -4.31 30.07 -19.20
N TYR B 232 -5.50 30.08 -19.78
CA TYR B 232 -6.58 30.93 -19.28
C TYR B 232 -6.97 30.73 -17.82
N LEU B 233 -6.73 29.54 -17.27
CA LEU B 233 -7.07 29.32 -15.87
C LEU B 233 -6.15 30.16 -14.99
N TYR B 234 -4.92 30.36 -15.45
CA TYR B 234 -3.98 31.17 -14.69
C TYR B 234 -4.40 32.63 -14.80
N ASP B 235 -4.76 33.05 -16.02
CA ASP B 235 -5.18 34.43 -16.25
C ASP B 235 -6.36 34.75 -15.36
N ALA B 236 -7.29 33.81 -15.27
CA ALA B 236 -8.49 33.99 -14.44
C ALA B 236 -8.14 34.14 -12.96
N ALA B 237 -7.27 33.28 -12.46
CA ALA B 237 -6.85 33.33 -11.06
C ALA B 237 -6.23 34.69 -10.77
N ILE B 238 -5.31 35.11 -11.63
CA ILE B 238 -4.63 36.39 -11.48
C ILE B 238 -5.66 37.52 -11.45
N GLN B 239 -6.53 37.54 -12.44
CA GLN B 239 -7.56 38.58 -12.54
C GLN B 239 -8.44 38.62 -11.30
N HIS B 240 -8.56 37.50 -10.59
CA HIS B 240 -9.38 37.47 -9.40
C HIS B 240 -8.61 37.69 -8.09
N GLY B 241 -7.44 38.29 -8.22
CA GLY B 241 -6.63 38.62 -7.06
C GLY B 241 -6.01 37.54 -6.18
N VAL B 242 -5.66 36.39 -6.73
CA VAL B 242 -5.03 35.38 -5.90
C VAL B 242 -3.65 35.90 -5.49
N LYS B 243 -3.24 35.59 -4.26
CA LYS B 243 -1.93 36.01 -3.78
C LYS B 243 -0.97 34.85 -4.02
N GLY B 244 -1.53 33.66 -4.16
CA GLY B 244 -0.71 32.49 -4.41
C GLY B 244 -1.44 31.45 -5.24
N ILE B 245 -0.69 30.66 -5.99
CA ILE B 245 -1.27 29.59 -6.79
C ILE B 245 -0.55 28.29 -6.47
N VAL B 246 -1.31 27.26 -6.10
CA VAL B 246 -0.71 25.95 -5.85
C VAL B 246 -1.01 25.13 -7.10
N TYR B 247 0.03 24.54 -7.67
CA TYR B 247 -0.09 23.75 -8.88
C TYR B 247 -0.06 22.24 -8.57
N ALA B 248 -1.18 21.57 -8.82
CA ALA B 248 -1.28 20.12 -8.60
C ALA B 248 -0.77 19.58 -9.92
N GLY B 249 0.55 19.62 -10.07
CA GLY B 249 1.14 19.24 -11.33
C GLY B 249 1.32 17.80 -11.75
N MET B 250 1.65 17.67 -13.03
CA MET B 250 1.92 16.37 -13.61
C MET B 250 3.27 15.96 -13.01
N GLY B 251 3.38 14.70 -12.60
CA GLY B 251 4.61 14.21 -12.01
C GLY B 251 5.16 15.10 -10.91
N ALA B 252 6.47 15.35 -10.95
CA ALA B 252 7.12 16.18 -9.94
C ALA B 252 6.96 17.65 -10.30
N GLY B 253 5.72 18.10 -10.35
CA GLY B 253 5.43 19.48 -10.68
C GLY B 253 5.90 19.92 -12.05
N SER B 254 5.96 18.99 -13.01
N SER B 254 5.97 18.99 -13.00
CA SER B 254 6.38 19.32 -14.36
CA SER B 254 6.39 19.33 -14.36
C SER B 254 5.34 20.26 -14.97
C SER B 254 5.34 20.26 -14.97
N VAL B 255 5.78 21.15 -15.85
CA VAL B 255 4.88 22.12 -16.47
C VAL B 255 4.95 22.16 -17.99
N SER B 256 3.78 22.21 -18.63
CA SER B 256 3.68 22.28 -20.08
C SER B 256 4.01 23.70 -20.51
N VAL B 257 4.13 23.91 -21.82
CA VAL B 257 4.46 25.24 -22.31
C VAL B 257 3.37 26.22 -21.92
N ARG B 258 2.14 25.74 -21.82
CA ARG B 258 1.01 26.60 -21.47
C ARG B 258 1.03 26.90 -19.97
N GLY B 259 1.38 25.90 -19.16
CA GLY B 259 1.43 26.10 -17.73
C GLY B 259 2.54 27.08 -17.38
N ILE B 260 3.66 26.95 -18.08
CA ILE B 260 4.80 27.82 -17.83
C ILE B 260 4.42 29.27 -18.13
N ALA B 261 3.70 29.48 -19.23
CA ALA B 261 3.28 30.82 -19.61
C ALA B 261 2.37 31.37 -18.52
N GLY B 262 1.46 30.53 -18.05
CA GLY B 262 0.55 30.95 -17.00
C GLY B 262 1.29 31.31 -15.72
N MET B 263 2.25 30.48 -15.33
CA MET B 263 3.02 30.72 -14.11
C MET B 263 3.85 31.99 -14.24
N ARG B 264 4.42 32.22 -15.41
CA ARG B 264 5.22 33.41 -15.64
C ARG B 264 4.39 34.68 -15.58
N LYS B 265 3.17 34.63 -16.11
CA LYS B 265 2.28 35.78 -16.05
C LYS B 265 1.95 36.03 -14.58
N ALA B 266 1.70 34.95 -13.85
CA ALA B 266 1.38 35.07 -12.43
C ALA B 266 2.53 35.71 -11.64
N LEU B 267 3.75 35.23 -11.89
CA LEU B 267 4.92 35.77 -11.19
C LEU B 267 5.11 37.24 -11.56
N GLU B 268 4.88 37.55 -12.82
CA GLU B 268 5.03 38.93 -13.28
C GLU B 268 4.05 39.81 -12.54
N LYS B 269 2.88 39.25 -12.23
CA LYS B 269 1.84 40.00 -11.52
C LYS B 269 1.91 39.96 -10.01
N GLY B 270 3.04 39.51 -9.46
CA GLY B 270 3.20 39.49 -8.01
C GLY B 270 2.64 38.31 -7.23
N VAL B 271 2.17 37.29 -7.94
CA VAL B 271 1.61 36.11 -7.27
C VAL B 271 2.74 35.14 -6.96
N VAL B 272 2.62 34.44 -5.84
CA VAL B 272 3.61 33.42 -5.47
C VAL B 272 3.13 32.09 -6.03
N VAL B 273 4.00 31.44 -6.81
CA VAL B 273 3.66 30.15 -7.41
C VAL B 273 4.33 28.99 -6.67
N MET B 274 3.53 27.99 -6.31
CA MET B 274 4.02 26.82 -5.60
C MET B 274 3.69 25.56 -6.40
N ARG B 275 4.72 24.85 -6.85
CA ARG B 275 4.51 23.64 -7.62
C ARG B 275 4.43 22.38 -6.74
N SER B 276 3.26 21.76 -6.75
CA SER B 276 3.03 20.51 -6.01
C SER B 276 2.77 19.42 -7.05
N THR B 277 2.09 18.35 -6.67
CA THR B 277 1.85 17.26 -7.59
C THR B 277 0.45 16.66 -7.46
N ARG B 278 -0.05 16.15 -8.59
CA ARG B 278 -1.37 15.53 -8.63
C ARG B 278 -1.26 14.03 -8.34
N THR B 279 -0.04 13.50 -8.30
CA THR B 279 0.17 12.07 -8.10
C THR B 279 -0.40 11.48 -6.81
N GLY B 280 -0.23 12.21 -5.72
CA GLY B 280 -0.74 11.77 -4.44
C GLY B 280 0.31 11.59 -3.36
N ASN B 281 1.56 11.41 -3.77
CA ASN B 281 2.65 11.16 -2.82
C ASN B 281 4.01 11.64 -3.32
N GLY B 282 4.98 11.72 -2.42
CA GLY B 282 6.32 12.07 -2.84
C GLY B 282 6.83 13.49 -2.84
N ILE B 283 8.08 13.59 -3.27
CA ILE B 283 8.82 14.84 -3.32
C ILE B 283 8.84 15.57 -4.65
N VAL B 284 8.56 16.86 -4.59
CA VAL B 284 8.68 17.70 -5.78
C VAL B 284 9.99 18.40 -5.38
N PRO B 285 11.09 18.02 -6.04
CA PRO B 285 12.42 18.55 -5.78
C PRO B 285 12.67 19.93 -6.38
N PRO B 286 13.68 20.63 -5.85
CA PRO B 286 14.01 21.97 -6.35
C PRO B 286 14.47 21.81 -7.82
N ASP B 287 14.21 22.82 -8.64
CA ASP B 287 14.60 22.78 -10.04
C ASP B 287 14.78 24.23 -10.47
N GLU B 288 16.02 24.67 -10.63
CA GLU B 288 16.26 26.06 -11.02
C GLU B 288 15.89 26.42 -12.47
N GLU B 289 15.53 25.42 -13.27
N GLU B 289 15.53 25.43 -13.26
CA GLU B 289 15.16 25.70 -14.65
CA GLU B 289 15.16 25.68 -14.65
C GLU B 289 13.65 25.83 -14.81
C GLU B 289 13.65 25.85 -14.81
N LEU B 290 12.94 25.75 -13.70
CA LEU B 290 11.48 25.89 -13.70
C LEU B 290 11.07 27.04 -12.79
N PRO B 291 10.03 27.78 -13.17
CA PRO B 291 9.60 28.88 -12.32
C PRO B 291 8.86 28.38 -11.09
N GLY B 292 8.71 29.26 -10.10
CA GLY B 292 8.00 28.90 -8.89
C GLY B 292 8.79 28.12 -7.85
N LEU B 293 8.14 27.91 -6.71
CA LEU B 293 8.73 27.18 -5.59
C LEU B 293 8.25 25.74 -5.71
N VAL B 294 8.81 24.86 -4.88
CA VAL B 294 8.41 23.45 -4.87
C VAL B 294 7.81 23.10 -3.50
N SER B 295 6.86 22.17 -3.49
CA SER B 295 6.15 21.82 -2.26
C SER B 295 6.71 20.73 -1.35
N ASP B 296 7.94 20.26 -1.60
CA ASP B 296 8.51 19.21 -0.76
C ASP B 296 7.53 18.03 -0.88
N SER B 297 7.12 17.44 0.24
N SER B 297 7.12 17.44 0.24
CA SER B 297 6.20 16.31 0.19
CA SER B 297 6.19 16.31 0.21
C SER B 297 4.74 16.69 0.46
C SER B 297 4.73 16.69 0.48
N LEU B 298 4.45 17.98 0.51
CA LEU B 298 3.08 18.43 0.77
C LEU B 298 2.22 18.28 -0.50
N ASN B 299 1.08 17.61 -0.38
CA ASN B 299 0.18 17.47 -1.53
C ASN B 299 -0.50 18.82 -1.76
N PRO B 300 -1.25 18.95 -2.88
CA PRO B 300 -1.92 20.24 -3.14
C PRO B 300 -2.76 20.83 -2.01
N ALA B 301 -3.61 20.02 -1.40
CA ALA B 301 -4.47 20.52 -0.32
C ALA B 301 -3.66 21.08 0.84
N HIS B 302 -2.63 20.35 1.26
CA HIS B 302 -1.77 20.78 2.36
C HIS B 302 -0.93 21.98 1.95
N ALA B 303 -0.43 21.95 0.72
CA ALA B 303 0.40 23.05 0.22
C ALA B 303 -0.36 24.37 0.23
N ARG B 304 -1.64 24.34 -0.13
CA ARG B 304 -2.42 25.57 -0.13
C ARG B 304 -2.52 26.14 1.29
N ILE B 305 -2.74 25.27 2.27
CA ILE B 305 -2.85 25.72 3.66
C ILE B 305 -1.56 26.39 4.12
N LEU B 306 -0.42 25.73 3.91
CA LEU B 306 0.85 26.30 4.32
C LEU B 306 1.16 27.59 3.55
N LEU B 307 0.83 27.64 2.26
CA LEU B 307 1.11 28.83 1.48
C LEU B 307 0.28 30.01 2.00
N MET B 308 -1.00 29.76 2.26
CA MET B 308 -1.88 30.81 2.77
C MET B 308 -1.30 31.38 4.04
N LEU B 309 -0.93 30.49 4.98
CA LEU B 309 -0.38 30.94 6.25
C LEU B 309 0.97 31.62 6.06
N ALA B 310 1.77 31.11 5.14
CA ALA B 310 3.08 31.72 4.88
C ALA B 310 2.89 33.16 4.40
N LEU B 311 1.89 33.37 3.56
CA LEU B 311 1.64 34.70 3.02
C LEU B 311 1.19 35.73 4.06
N THR B 312 0.80 35.26 5.24
CA THR B 312 0.38 36.18 6.30
C THR B 312 1.61 36.73 6.99
N ARG B 313 2.77 36.13 6.73
CA ARG B 313 4.02 36.55 7.35
C ARG B 313 5.03 37.10 6.38
N THR B 314 4.97 36.67 5.12
CA THR B 314 5.97 37.13 4.17
C THR B 314 5.59 36.92 2.71
N SER B 315 6.30 37.61 1.83
CA SER B 315 6.12 37.50 0.40
C SER B 315 7.46 37.09 -0.18
N ASP B 316 8.41 36.86 0.72
CA ASP B 316 9.77 36.47 0.34
C ASP B 316 9.82 35.00 -0.06
N PRO B 317 10.08 34.71 -1.36
CA PRO B 317 10.16 33.34 -1.88
C PRO B 317 11.13 32.43 -1.10
N LYS B 318 12.29 32.97 -0.74
CA LYS B 318 13.29 32.20 -0.02
C LYS B 318 12.76 31.73 1.33
N VAL B 319 12.02 32.62 2.01
CA VAL B 319 11.45 32.29 3.32
C VAL B 319 10.33 31.26 3.18
N ILE B 320 9.45 31.48 2.21
CA ILE B 320 8.34 30.56 2.00
C ILE B 320 8.85 29.17 1.66
N GLN B 321 9.86 29.11 0.80
CA GLN B 321 10.44 27.83 0.41
C GLN B 321 11.01 27.05 1.60
N GLU B 322 11.67 27.76 2.52
CA GLU B 322 12.23 27.10 3.70
C GLU B 322 11.09 26.58 4.58
N TYR B 323 9.98 27.30 4.62
CA TYR B 323 8.82 26.86 5.39
C TYR B 323 8.37 25.51 4.86
N PHE B 324 8.29 25.40 3.53
CA PHE B 324 7.85 24.16 2.91
C PHE B 324 8.77 22.96 3.12
N HIS B 325 10.01 23.22 3.51
CA HIS B 325 10.96 22.15 3.76
C HIS B 325 11.03 21.80 5.25
N THR B 326 10.44 22.66 6.08
CA THR B 326 10.50 22.44 7.53
C THR B 326 9.17 22.21 8.26
N TYR B 327 8.06 22.55 7.63
CA TYR B 327 6.74 22.38 8.23
C TYR B 327 5.93 21.25 7.58
N LEU C 4 35.53 16.28 4.52
N LEU C 4 34.88 16.65 4.83
CA LEU C 4 34.41 15.33 4.26
CA LEU C 4 34.39 15.37 4.26
C LEU C 4 34.34 14.26 5.34
C LEU C 4 34.33 14.30 5.35
N PRO C 5 33.15 13.70 5.57
CA PRO C 5 32.96 12.66 6.59
C PRO C 5 33.75 11.39 6.31
N ASN C 6 34.21 10.75 7.39
CA ASN C 6 34.96 9.51 7.28
C ASN C 6 33.97 8.37 7.45
N ILE C 7 33.75 7.62 6.37
CA ILE C 7 32.80 6.53 6.40
C ILE C 7 33.44 5.20 6.07
N VAL C 8 33.19 4.22 6.93
CA VAL C 8 33.71 2.89 6.70
C VAL C 8 32.56 2.08 6.10
N ILE C 9 32.86 1.40 5.00
CA ILE C 9 31.88 0.55 4.36
C ILE C 9 32.23 -0.86 4.74
N LEU C 10 31.46 -1.43 5.66
N LEU C 10 31.46 -1.43 5.66
CA LEU C 10 31.64 -2.78 6.15
CA LEU C 10 31.67 -2.78 6.15
C LEU C 10 30.84 -3.75 5.28
C LEU C 10 30.85 -3.75 5.31
N ALA C 11 31.54 -4.61 4.56
CA ALA C 11 30.89 -5.57 3.67
C ALA C 11 30.69 -6.96 4.28
N THR C 12 29.51 -7.54 4.04
CA THR C 12 29.19 -8.87 4.54
C THR C 12 28.73 -9.80 3.42
N GLY C 13 28.42 -9.24 2.26
CA GLY C 13 27.98 -10.06 1.14
C GLY C 13 26.69 -9.57 0.50
N GLY C 14 25.83 -10.52 0.09
CA GLY C 14 24.56 -10.17 -0.52
C GLY C 14 24.56 -9.96 -2.02
N THR C 15 23.36 -9.73 -2.57
CA THR C 15 23.18 -9.52 -3.99
C THR C 15 23.85 -8.23 -4.46
N ILE C 16 24.00 -7.27 -3.55
CA ILE C 16 24.65 -6.00 -3.89
C ILE C 16 26.10 -6.30 -4.28
N ALA C 17 26.58 -7.46 -3.84
CA ALA C 17 27.93 -7.91 -4.15
C ALA C 17 27.80 -9.21 -4.93
N GLY C 18 26.64 -9.38 -5.58
CA GLY C 18 26.39 -10.58 -6.34
C GLY C 18 26.72 -10.47 -7.81
N SER C 19 26.88 -11.61 -8.48
CA SER C 19 27.22 -11.62 -9.89
C SER C 19 26.63 -12.80 -10.63
N ALA C 20 26.54 -12.66 -11.95
CA ALA C 20 26.03 -13.68 -12.84
C ALA C 20 26.76 -13.49 -14.18
N ALA C 21 26.79 -14.54 -14.98
CA ALA C 21 27.47 -14.49 -16.28
C ALA C 21 26.89 -13.51 -17.28
N THR C 22 25.60 -13.22 -17.18
CA THR C 22 24.95 -12.29 -18.10
C THR C 22 24.17 -11.19 -17.39
N GLY C 23 23.95 -10.09 -18.11
CA GLY C 23 23.23 -8.96 -17.54
C GLY C 23 21.73 -9.20 -17.45
N THR C 24 21.26 -10.30 -18.02
CA THR C 24 19.84 -10.61 -17.98
C THR C 24 19.45 -11.53 -16.84
N GLN C 25 20.43 -12.15 -16.19
CA GLN C 25 20.15 -13.05 -15.07
C GLN C 25 20.03 -12.24 -13.77
N THR C 26 18.81 -12.11 -13.28
CA THR C 26 18.55 -11.36 -12.05
C THR C 26 18.09 -12.26 -10.91
N THR C 27 18.10 -13.57 -11.15
CA THR C 27 17.70 -14.55 -10.14
C THR C 27 18.68 -15.74 -10.20
N GLY C 28 18.81 -16.46 -9.09
CA GLY C 28 19.70 -17.60 -9.06
C GLY C 28 21.18 -17.29 -9.26
N TYR C 29 21.56 -16.03 -9.04
CA TYR C 29 22.94 -15.60 -9.20
C TYR C 29 23.74 -15.95 -7.95
N LYS C 30 25.00 -15.54 -7.93
CA LYS C 30 25.85 -15.80 -6.77
C LYS C 30 25.97 -14.56 -5.91
N ALA C 31 25.43 -14.63 -4.70
CA ALA C 31 25.49 -13.53 -3.75
C ALA C 31 26.85 -13.55 -3.05
N GLY C 32 27.27 -12.41 -2.52
CA GLY C 32 28.55 -12.32 -1.83
C GLY C 32 29.72 -12.77 -2.69
N ALA C 33 29.72 -12.36 -3.95
CA ALA C 33 30.77 -12.73 -4.88
C ALA C 33 31.85 -11.66 -5.06
N LEU C 34 31.44 -10.40 -5.06
CA LEU C 34 32.37 -9.29 -5.27
C LEU C 34 32.97 -8.67 -4.01
N GLY C 35 34.19 -8.16 -4.13
CA GLY C 35 34.86 -7.53 -3.00
C GLY C 35 34.36 -6.11 -2.78
N VAL C 36 34.51 -5.61 -1.55
CA VAL C 36 34.04 -4.27 -1.20
C VAL C 36 34.64 -3.14 -2.06
N ASP C 37 35.91 -3.25 -2.43
CA ASP C 37 36.51 -2.21 -3.25
C ASP C 37 35.93 -2.21 -4.66
N THR C 38 35.49 -3.37 -5.13
CA THR C 38 34.90 -3.47 -6.46
C THR C 38 33.58 -2.71 -6.45
N LEU C 39 32.86 -2.79 -5.34
CA LEU C 39 31.58 -2.08 -5.22
C LEU C 39 31.82 -0.58 -5.16
N ILE C 40 32.79 -0.17 -4.35
CA ILE C 40 33.12 1.24 -4.22
C ILE C 40 33.56 1.83 -5.57
N ASN C 41 34.47 1.14 -6.25
CA ASN C 41 34.97 1.62 -7.54
C ASN C 41 33.91 1.64 -8.63
N ALA C 42 32.87 0.83 -8.46
CA ALA C 42 31.80 0.77 -9.45
C ALA C 42 30.93 2.02 -9.35
N VAL C 43 31.04 2.73 -8.22
CA VAL C 43 30.29 3.95 -8.01
C VAL C 43 31.21 4.98 -7.33
N PRO C 44 32.21 5.46 -8.08
CA PRO C 44 33.24 6.42 -7.68
C PRO C 44 32.67 7.68 -7.05
N GLU C 45 31.43 7.99 -7.39
CA GLU C 45 30.76 9.18 -6.86
C GLU C 45 30.71 9.20 -5.33
N VAL C 46 30.78 8.04 -4.69
CA VAL C 46 30.72 8.02 -3.23
C VAL C 46 31.93 8.75 -2.65
N LYS C 47 33.04 8.70 -3.37
CA LYS C 47 34.28 9.35 -2.92
C LYS C 47 34.15 10.87 -2.86
N LYS C 48 33.16 11.40 -3.58
CA LYS C 48 32.95 12.84 -3.58
C LYS C 48 32.10 13.21 -2.37
N LEU C 49 31.40 12.22 -1.81
CA LEU C 49 30.54 12.45 -0.65
C LEU C 49 31.23 12.19 0.68
N ALA C 50 32.33 11.43 0.66
CA ALA C 50 33.02 11.12 1.89
C ALA C 50 34.35 10.41 1.68
N ASN C 51 35.13 10.35 2.75
N ASN C 51 35.13 10.35 2.75
CA ASN C 51 36.41 9.66 2.70
CA ASN C 51 36.41 9.65 2.71
C ASN C 51 36.08 8.24 3.12
C ASN C 51 36.06 8.23 3.12
N VAL C 52 35.85 7.38 2.14
CA VAL C 52 35.47 6.00 2.39
C VAL C 52 36.62 5.01 2.54
N LYS C 53 36.36 3.99 3.36
CA LYS C 53 37.34 2.94 3.62
C LYS C 53 36.58 1.62 3.63
N GLY C 54 36.96 0.73 2.71
CA GLY C 54 36.29 -0.55 2.62
C GLY C 54 36.89 -1.59 3.54
N GLU C 55 36.02 -2.37 4.20
CA GLU C 55 36.47 -3.43 5.10
C GLU C 55 35.61 -4.66 4.84
N GLN C 56 36.26 -5.76 4.48
CA GLN C 56 35.57 -7.00 4.19
C GLN C 56 35.35 -7.81 5.46
N PHE C 57 34.16 -7.67 6.05
CA PHE C 57 33.81 -8.38 7.27
C PHE C 57 33.55 -9.86 6.95
N SER C 58 32.76 -10.09 5.91
CA SER C 58 32.43 -11.44 5.45
C SER C 58 31.95 -11.29 4.02
N ASN C 59 31.59 -12.40 3.37
CA ASN C 59 31.08 -12.32 2.00
C ASN C 59 30.25 -13.57 1.77
N MET C 60 29.02 -13.54 2.25
CA MET C 60 28.12 -14.68 2.14
C MET C 60 26.72 -14.24 1.72
N ALA C 61 25.88 -15.22 1.40
CA ALA C 61 24.49 -14.94 1.05
C ALA C 61 23.85 -14.78 2.43
N SER C 62 22.99 -13.78 2.61
CA SER C 62 22.41 -13.54 3.94
C SER C 62 21.55 -14.65 4.51
N GLU C 63 21.11 -15.61 3.69
CA GLU C 63 20.32 -16.71 4.22
C GLU C 63 21.21 -17.54 5.15
N ASN C 64 22.52 -17.38 5.00
CA ASN C 64 23.47 -18.10 5.83
C ASN C 64 24.02 -17.28 6.97
N MET C 65 23.60 -16.03 7.09
CA MET C 65 24.05 -15.19 8.18
C MET C 65 23.53 -15.82 9.47
N THR C 66 24.40 -15.95 10.46
CA THR C 66 24.04 -16.55 11.73
C THR C 66 24.20 -15.60 12.91
N GLY C 67 23.44 -15.86 13.96
CA GLY C 67 23.48 -15.04 15.16
C GLY C 67 24.88 -14.78 15.72
N ASP C 68 25.73 -15.81 15.77
CA ASP C 68 27.07 -15.60 16.30
C ASP C 68 27.86 -14.63 15.44
N VAL C 69 27.63 -14.67 14.13
CA VAL C 69 28.34 -13.77 13.22
C VAL C 69 27.79 -12.34 13.33
N VAL C 70 26.47 -12.23 13.47
CA VAL C 70 25.84 -10.91 13.61
C VAL C 70 26.36 -10.29 14.92
N LEU C 71 26.54 -11.14 15.92
CA LEU C 71 27.05 -10.70 17.22
C LEU C 71 28.41 -10.02 17.02
N LYS C 72 29.27 -10.67 16.24
CA LYS C 72 30.60 -10.13 15.95
C LYS C 72 30.52 -8.85 15.14
N LEU C 73 29.56 -8.80 14.21
CA LEU C 73 29.36 -7.63 13.36
C LEU C 73 29.02 -6.43 14.24
N SER C 74 28.13 -6.65 15.19
CA SER C 74 27.72 -5.59 16.09
C SER C 74 28.90 -5.08 16.91
N GLN C 75 29.71 -6.01 17.40
CA GLN C 75 30.86 -5.65 18.21
C GLN C 75 31.88 -4.87 17.41
N ARG C 76 32.07 -5.25 16.14
CA ARG C 76 33.01 -4.53 15.28
C ARG C 76 32.54 -3.11 15.02
N VAL C 77 31.23 -2.95 14.74
CA VAL C 77 30.68 -1.63 14.49
C VAL C 77 30.77 -0.74 15.73
N ASN C 78 30.50 -1.31 16.91
CA ASN C 78 30.61 -0.54 18.15
C ASN C 78 32.05 -0.06 18.29
N GLU C 79 32.98 -0.95 17.97
CA GLU C 79 34.41 -0.64 18.04
C GLU C 79 34.75 0.51 17.09
N LEU C 80 34.35 0.38 15.83
CA LEU C 80 34.62 1.40 14.83
C LEU C 80 34.02 2.76 15.21
N LEU C 81 32.78 2.77 15.68
CA LEU C 81 32.12 4.01 16.05
C LEU C 81 32.70 4.66 17.28
N ALA C 82 33.49 3.92 18.05
CA ALA C 82 34.10 4.47 19.24
C ALA C 82 35.30 5.32 18.84
N ARG C 83 35.77 5.15 17.61
N ARG C 83 35.77 5.15 17.61
CA ARG C 83 36.92 5.90 17.11
CA ARG C 83 36.90 5.90 17.10
C ARG C 83 36.50 7.30 16.68
C ARG C 83 36.49 7.31 16.68
N ASP C 84 37.36 8.28 16.95
CA ASP C 84 37.06 9.66 16.58
C ASP C 84 37.25 9.86 15.08
N ASP C 85 37.99 8.97 14.43
CA ASP C 85 38.21 9.10 12.99
C ASP C 85 37.17 8.38 12.13
N VAL C 86 36.07 7.96 12.76
CA VAL C 86 34.98 7.30 12.04
C VAL C 86 33.70 8.07 12.34
N ASP C 87 33.05 8.59 11.31
CA ASP C 87 31.82 9.37 11.49
C ASP C 87 30.55 8.56 11.30
N GLY C 88 30.66 7.46 10.57
CA GLY C 88 29.52 6.61 10.31
C GLY C 88 29.92 5.32 9.61
N VAL C 89 29.04 4.34 9.62
CA VAL C 89 29.35 3.07 8.96
C VAL C 89 28.22 2.63 8.05
N VAL C 90 28.58 2.16 6.86
CA VAL C 90 27.62 1.64 5.89
C VAL C 90 27.92 0.15 5.85
N ILE C 91 26.90 -0.68 6.02
CA ILE C 91 27.08 -2.13 6.02
C ILE C 91 26.34 -2.75 4.85
N THR C 92 27.08 -3.34 3.91
CA THR C 92 26.47 -3.99 2.76
C THR C 92 26.06 -5.38 3.24
N HIS C 93 24.83 -5.79 2.90
CA HIS C 93 24.29 -7.05 3.40
C HIS C 93 23.27 -7.61 2.41
N GLY C 94 23.06 -8.92 2.44
CA GLY C 94 22.07 -9.53 1.56
C GLY C 94 20.70 -9.07 2.01
N THR C 95 19.76 -8.97 1.07
CA THR C 95 18.41 -8.50 1.39
C THR C 95 17.56 -9.46 2.23
N ASP C 96 17.75 -10.77 2.04
CA ASP C 96 16.94 -11.76 2.73
C ASP C 96 16.84 -11.64 4.24
N THR C 97 17.97 -11.41 4.91
CA THR C 97 17.93 -11.31 6.36
C THR C 97 18.48 -9.99 6.91
N VAL C 98 18.61 -8.98 6.04
CA VAL C 98 19.14 -7.70 6.51
C VAL C 98 18.28 -7.15 7.64
N GLU C 99 16.98 -7.45 7.64
CA GLU C 99 16.10 -6.94 8.68
C GLU C 99 16.43 -7.55 10.04
N GLU C 100 16.92 -8.78 10.04
CA GLU C 100 17.30 -9.42 11.29
C GLU C 100 18.61 -8.83 11.81
N SER C 101 19.62 -8.77 10.95
CA SER C 101 20.92 -8.21 11.33
C SER C 101 20.82 -6.73 11.70
N ALA C 102 20.02 -6.00 10.93
CA ALA C 102 19.84 -4.56 11.17
C ALA C 102 19.19 -4.30 12.52
N TYR C 103 18.16 -5.06 12.83
CA TYR C 103 17.48 -4.88 14.11
C TYR C 103 18.40 -5.28 15.26
N PHE C 104 19.23 -6.31 15.05
CA PHE C 104 20.15 -6.72 16.10
C PHE C 104 21.06 -5.55 16.47
N LEU C 105 21.70 -4.95 15.47
CA LEU C 105 22.58 -3.81 15.72
C LEU C 105 21.80 -2.63 16.27
N HIS C 106 20.56 -2.48 15.82
CA HIS C 106 19.68 -1.40 16.28
C HIS C 106 19.60 -1.44 17.81
N LEU C 107 19.62 -2.64 18.37
CA LEU C 107 19.51 -2.83 19.80
C LEU C 107 20.84 -2.88 20.56
N THR C 108 21.93 -3.18 19.86
CA THR C 108 23.22 -3.35 20.52
C THR C 108 24.36 -2.36 20.28
N VAL C 109 24.24 -1.51 19.26
CA VAL C 109 25.29 -0.54 18.98
C VAL C 109 25.04 0.72 19.80
N LYS C 110 25.94 1.00 20.75
CA LYS C 110 25.80 2.15 21.63
C LYS C 110 26.49 3.40 21.09
N SER C 111 25.90 3.98 20.05
CA SER C 111 26.43 5.18 19.43
C SER C 111 25.30 5.89 18.71
N ASP C 112 25.42 7.20 18.57
CA ASP C 112 24.42 7.98 17.86
C ASP C 112 24.89 8.21 16.43
N LYS C 113 26.12 7.78 16.15
CA LYS C 113 26.68 7.93 14.81
C LYS C 113 25.88 7.02 13.88
N PRO C 114 25.65 7.45 12.64
CA PRO C 114 24.89 6.65 11.68
C PRO C 114 25.41 5.24 11.34
N VAL C 115 24.50 4.26 11.44
CA VAL C 115 24.78 2.87 11.09
C VAL C 115 23.75 2.64 10.00
N VAL C 116 24.21 2.50 8.76
CA VAL C 116 23.32 2.34 7.62
C VAL C 116 23.50 1.06 6.84
N PHE C 117 22.55 0.14 6.95
CA PHE C 117 22.62 -1.09 6.18
C PHE C 117 22.15 -0.74 4.77
N VAL C 118 22.78 -1.37 3.78
CA VAL C 118 22.42 -1.13 2.40
C VAL C 118 22.44 -2.48 1.69
N ALA C 119 21.61 -2.63 0.66
CA ALA C 119 21.54 -3.88 -0.07
C ALA C 119 21.05 -3.59 -1.47
N ALA C 120 20.85 -4.64 -2.26
CA ALA C 120 20.38 -4.52 -3.63
C ALA C 120 19.57 -5.75 -4.02
N MET C 121 18.51 -5.55 -4.80
CA MET C 121 17.69 -6.67 -5.22
C MET C 121 18.15 -7.29 -6.54
N ARG C 122 18.98 -6.57 -7.28
CA ARG C 122 19.53 -7.08 -8.54
C ARG C 122 21.04 -7.19 -8.38
N PRO C 123 21.67 -8.22 -8.96
CA PRO C 123 23.12 -8.32 -8.82
C PRO C 123 23.85 -7.19 -9.53
N ALA C 124 25.07 -6.94 -9.11
CA ALA C 124 25.90 -5.86 -9.66
C ALA C 124 26.08 -5.97 -11.17
N THR C 125 25.98 -7.20 -11.68
CA THR C 125 26.14 -7.46 -13.10
C THR C 125 24.86 -7.33 -13.92
N ALA C 126 23.74 -7.12 -13.25
CA ALA C 126 22.45 -7.02 -13.94
C ALA C 126 22.18 -5.68 -14.63
N ILE C 127 21.34 -5.75 -15.66
CA ILE C 127 20.95 -4.56 -16.39
C ILE C 127 20.13 -3.76 -15.39
N SER C 128 20.39 -2.47 -15.31
CA SER C 128 19.68 -1.58 -14.39
C SER C 128 19.85 -2.01 -12.93
N ALA C 129 21.05 -2.48 -12.59
CA ALA C 129 21.35 -2.90 -11.22
C ALA C 129 21.07 -1.73 -10.26
N ASP C 130 20.45 -2.03 -9.12
CA ASP C 130 20.11 -0.99 -8.15
C ASP C 130 21.20 -0.72 -7.11
N GLY C 131 22.14 -1.65 -6.96
CA GLY C 131 23.22 -1.50 -5.99
C GLY C 131 24.00 -0.19 -6.04
N PRO C 132 24.44 0.25 -7.23
CA PRO C 132 25.20 1.50 -7.29
C PRO C 132 24.48 2.67 -6.63
N MET C 133 23.24 2.95 -7.03
CA MET C 133 22.52 4.07 -6.44
C MET C 133 22.20 3.83 -4.97
N ASN C 134 21.90 2.59 -4.60
CA ASN C 134 21.58 2.28 -3.21
C ASN C 134 22.78 2.59 -2.31
N LEU C 135 23.98 2.22 -2.77
CA LEU C 135 25.20 2.45 -2.01
C LEU C 135 25.51 3.95 -1.91
N LEU C 136 25.33 4.66 -3.02
CA LEU C 136 25.58 6.10 -3.04
C LEU C 136 24.67 6.77 -2.01
N GLU C 137 23.40 6.38 -2.01
CA GLU C 137 22.43 6.94 -1.09
C GLU C 137 22.79 6.61 0.36
N ALA C 138 23.22 5.37 0.60
CA ALA C 138 23.60 4.92 1.93
C ALA C 138 24.76 5.76 2.48
N VAL C 139 25.74 6.01 1.63
CA VAL C 139 26.89 6.81 2.04
C VAL C 139 26.46 8.25 2.31
N ARG C 140 25.53 8.76 1.50
CA ARG C 140 25.06 10.13 1.71
C ARG C 140 24.38 10.23 3.07
N VAL C 141 23.54 9.25 3.40
CA VAL C 141 22.83 9.23 4.68
C VAL C 141 23.82 9.07 5.85
N ALA C 142 24.76 8.15 5.72
CA ALA C 142 25.73 7.91 6.79
C ALA C 142 26.62 9.12 7.07
N GLY C 143 26.89 9.93 6.06
CA GLY C 143 27.74 11.09 6.25
C GLY C 143 27.03 12.39 6.57
N ASP C 144 25.71 12.39 6.54
CA ASP C 144 24.96 13.60 6.84
C ASP C 144 24.81 13.72 8.35
N LYS C 145 25.16 14.88 8.90
CA LYS C 145 25.07 15.07 10.34
C LYS C 145 23.63 15.07 10.86
N GLN C 146 22.69 15.31 9.97
CA GLN C 146 21.27 15.31 10.35
C GLN C 146 20.80 13.88 10.55
N SER C 147 21.65 12.92 10.18
CA SER C 147 21.31 11.49 10.31
C SER C 147 21.60 10.89 11.67
N ARG C 148 22.16 11.67 12.58
CA ARG C 148 22.50 11.17 13.89
C ARG C 148 21.34 10.87 14.84
N GLY C 149 21.56 9.89 15.71
CA GLY C 149 20.57 9.50 16.71
C GLY C 149 19.23 9.00 16.23
N ARG C 150 19.18 8.42 15.03
CA ARG C 150 17.91 7.93 14.48
C ARG C 150 17.71 6.42 14.57
N GLY C 151 18.68 5.73 15.15
CA GLY C 151 18.59 4.29 15.26
C GLY C 151 19.21 3.70 14.00
N VAL C 152 19.31 2.39 13.91
CA VAL C 152 19.88 1.78 12.71
C VAL C 152 18.91 1.91 11.54
N MET C 153 19.45 2.22 10.37
CA MET C 153 18.64 2.40 9.18
C MET C 153 18.98 1.41 8.09
N VAL C 154 18.04 1.22 7.16
CA VAL C 154 18.22 0.34 6.03
C VAL C 154 17.88 1.20 4.82
N VAL C 155 18.87 1.42 3.96
CA VAL C 155 18.70 2.27 2.80
C VAL C 155 18.70 1.49 1.48
N ILE C 156 17.65 1.71 0.69
CA ILE C 156 17.49 1.04 -0.59
C ILE C 156 16.30 1.63 -1.34
N ASN C 157 16.42 1.72 -2.66
CA ASN C 157 15.34 2.25 -3.49
C ASN C 157 14.85 3.65 -3.06
N ASP C 158 15.78 4.55 -2.78
CA ASP C 158 15.49 5.93 -2.37
C ASP C 158 14.78 6.07 -1.03
N ARG C 159 14.67 4.97 -0.29
CA ARG C 159 13.98 5.02 1.01
C ARG C 159 14.91 4.76 2.20
N ILE C 160 14.58 5.33 3.35
CA ILE C 160 15.34 5.13 4.60
C ILE C 160 14.38 4.51 5.61
N GLY C 161 14.55 3.24 5.91
CA GLY C 161 13.66 2.59 6.86
C GLY C 161 14.33 2.27 8.18
N SER C 162 13.57 2.34 9.26
CA SER C 162 14.09 2.02 10.59
C SER C 162 14.23 0.50 10.67
N ALA C 163 15.30 0.03 11.28
CA ALA C 163 15.52 -1.41 11.42
C ALA C 163 14.40 -2.10 12.20
N ARG C 164 13.73 -1.35 13.07
CA ARG C 164 12.65 -1.90 13.88
C ARG C 164 11.32 -2.10 13.13
N TYR C 165 11.16 -1.38 12.03
CA TYR C 165 9.92 -1.44 11.25
C TYR C 165 10.05 -2.04 9.86
N ILE C 166 11.16 -1.71 9.20
CA ILE C 166 11.39 -2.17 7.83
C ILE C 166 11.52 -3.70 7.71
N THR C 167 10.94 -4.22 6.63
CA THR C 167 10.98 -5.66 6.38
C THR C 167 10.89 -5.89 4.88
N LYS C 168 11.44 -7.02 4.43
CA LYS C 168 11.38 -7.37 3.01
C LYS C 168 9.98 -7.94 2.83
N THR C 169 9.12 -7.21 2.11
CA THR C 169 7.74 -7.63 1.90
C THR C 169 7.48 -8.38 0.61
N ASN C 170 8.41 -8.30 -0.34
CA ASN C 170 8.23 -8.99 -1.62
C ASN C 170 9.44 -9.84 -1.92
N ALA C 171 9.18 -11.05 -2.41
CA ALA C 171 10.26 -11.98 -2.72
C ALA C 171 11.25 -11.51 -3.77
N SER C 172 10.78 -10.72 -4.75
CA SER C 172 11.67 -10.34 -5.83
C SER C 172 11.71 -8.92 -6.43
N THR C 173 10.94 -7.99 -5.90
CA THR C 173 10.91 -6.63 -6.46
C THR C 173 11.92 -5.65 -5.85
N LEU C 174 12.24 -4.59 -6.60
CA LEU C 174 13.18 -3.58 -6.12
C LEU C 174 12.63 -2.77 -4.95
N ASP C 175 11.32 -2.56 -4.94
CA ASP C 175 10.66 -1.78 -3.90
C ASP C 175 10.14 -2.66 -2.76
N THR C 176 10.73 -3.83 -2.61
CA THR C 176 10.32 -4.80 -1.59
C THR C 176 10.36 -4.30 -0.14
N PHE C 177 11.32 -3.46 0.21
CA PHE C 177 11.41 -2.98 1.58
C PHE C 177 10.42 -1.87 1.94
N ARG C 178 9.47 -2.22 2.79
CA ARG C 178 8.45 -1.29 3.24
C ARG C 178 8.06 -1.56 4.69
N ALA C 179 7.48 -0.55 5.32
CA ALA C 179 6.97 -0.64 6.68
C ALA C 179 5.57 -0.05 6.47
N ASN C 180 4.65 -0.91 6.04
CA ASN C 180 3.29 -0.49 5.70
C ASN C 180 2.60 0.45 6.68
N GLU C 181 2.57 0.08 7.95
CA GLU C 181 1.90 0.88 8.96
C GLU C 181 2.76 1.99 9.55
N GLU C 182 4.08 1.85 9.46
CA GLU C 182 4.99 2.83 10.04
C GLU C 182 5.69 3.77 9.07
N GLY C 183 5.61 3.49 7.78
CA GLY C 183 6.26 4.35 6.80
C GLY C 183 7.76 4.37 6.95
N TYR C 184 8.40 5.26 6.20
CA TYR C 184 9.84 5.40 6.20
C TYR C 184 10.31 6.55 7.08
N LEU C 185 11.53 6.43 7.61
CA LEU C 185 12.10 7.50 8.41
C LEU C 185 12.37 8.68 7.49
N GLY C 186 12.73 8.37 6.25
CA GLY C 186 13.00 9.42 5.29
C GLY C 186 13.15 8.87 3.88
N VAL C 187 13.33 9.77 2.92
CA VAL C 187 13.53 9.38 1.53
C VAL C 187 14.66 10.23 0.95
N ILE C 188 15.26 9.76 -0.13
CA ILE C 188 16.36 10.50 -0.77
C ILE C 188 15.98 10.74 -2.22
N ILE C 189 15.75 12.01 -2.56
CA ILE C 189 15.36 12.39 -3.91
C ILE C 189 16.24 13.54 -4.37
N GLY C 190 16.72 13.47 -5.62
CA GLY C 190 17.57 14.52 -6.15
C GLY C 190 18.78 14.84 -5.28
N ASN C 191 19.42 13.81 -4.73
CA ASN C 191 20.61 13.96 -3.90
C ASN C 191 20.36 14.71 -2.59
N ARG C 192 19.11 14.75 -2.17
CA ARG C 192 18.76 15.44 -0.94
C ARG C 192 17.97 14.50 -0.02
N ILE C 193 18.28 14.54 1.26
CA ILE C 193 17.60 13.68 2.23
C ILE C 193 16.42 14.42 2.84
N TYR C 194 15.28 13.75 2.88
CA TYR C 194 14.06 14.31 3.45
C TYR C 194 13.65 13.42 4.62
N TYR C 195 13.93 13.89 5.83
CA TYR C 195 13.58 13.14 7.03
C TYR C 195 12.15 13.42 7.41
N GLN C 196 11.38 12.33 7.56
CA GLN C 196 9.96 12.38 7.85
C GLN C 196 9.54 12.06 9.28
N ASN C 197 10.13 11.00 9.84
CA ASN C 197 9.81 10.54 11.18
C ASN C 197 11.06 10.18 11.97
N ARG C 198 10.86 10.11 13.28
CA ARG C 198 11.88 9.66 14.23
C ARG C 198 11.12 8.53 14.93
N ILE C 199 11.71 7.35 15.03
CA ILE C 199 11.02 6.23 15.67
C ILE C 199 10.80 6.51 17.15
N ASP C 200 9.61 6.16 17.64
CA ASP C 200 9.28 6.39 19.04
C ASP C 200 9.50 5.10 19.83
N LYS C 201 10.74 4.63 19.81
CA LYS C 201 11.13 3.40 20.53
C LYS C 201 12.56 3.53 21.02
N LEU C 202 12.92 2.68 21.98
N LEU C 202 12.92 2.67 21.97
CA LEU C 202 14.27 2.68 22.52
CA LEU C 202 14.27 2.68 22.53
C LEU C 202 15.21 1.97 21.56
C LEU C 202 15.21 1.98 21.56
N HIS C 203 16.43 2.48 21.46
CA HIS C 203 17.43 1.89 20.58
C HIS C 203 18.80 2.48 20.86
N THR C 204 19.81 1.93 20.18
CA THR C 204 21.18 2.37 20.28
C THR C 204 21.65 2.86 21.65
N THR C 205 21.98 4.15 21.75
CA THR C 205 22.47 4.71 23.00
C THR C 205 21.55 4.61 24.22
N ARG C 206 20.27 4.33 24.00
CA ARG C 206 19.34 4.19 25.11
C ARG C 206 18.88 2.75 25.31
N SER C 207 19.60 1.82 24.69
CA SER C 207 19.31 0.40 24.81
C SER C 207 20.08 -0.23 25.97
N VAL C 208 19.43 -1.15 26.67
CA VAL C 208 20.07 -1.83 27.78
C VAL C 208 20.76 -3.12 27.31
N PHE C 209 20.67 -3.42 26.02
CA PHE C 209 21.26 -4.64 25.50
C PHE C 209 22.74 -4.56 25.19
N ASP C 210 23.54 -4.76 26.23
CA ASP C 210 25.00 -4.73 26.14
C ASP C 210 25.44 -6.14 25.71
N VAL C 211 26.18 -6.25 24.61
CA VAL C 211 26.65 -7.57 24.16
C VAL C 211 28.17 -7.65 24.07
N ARG C 212 28.85 -6.69 24.68
CA ARG C 212 30.31 -6.68 24.69
C ARG C 212 30.82 -7.97 25.30
N GLY C 213 31.77 -8.62 24.63
CA GLY C 213 32.35 -9.84 25.14
C GLY C 213 31.60 -11.15 24.95
N LEU C 214 30.34 -11.09 24.50
CA LEU C 214 29.58 -12.33 24.30
C LEU C 214 30.06 -13.04 23.05
N THR C 215 29.93 -14.37 23.03
CA THR C 215 30.34 -15.17 21.88
C THR C 215 29.24 -16.12 21.42
N SER C 216 28.05 -16.00 22.02
CA SER C 216 26.93 -16.83 21.62
C SER C 216 25.63 -16.22 22.14
N LEU C 217 24.52 -16.61 21.54
CA LEU C 217 23.21 -16.10 21.91
C LEU C 217 22.24 -17.22 22.20
N PRO C 218 21.24 -16.96 23.06
CA PRO C 218 20.23 -17.97 23.40
C PRO C 218 19.56 -18.50 22.13
N LYS C 219 19.28 -19.79 22.12
CA LYS C 219 18.65 -20.43 20.97
C LYS C 219 17.15 -20.11 20.92
N VAL C 220 16.71 -19.60 19.78
CA VAL C 220 15.30 -19.27 19.60
C VAL C 220 14.83 -19.71 18.22
N ASP C 221 13.80 -20.55 18.17
CA ASP C 221 13.29 -21.01 16.89
C ASP C 221 11.91 -20.43 16.61
N ILE C 222 11.52 -20.48 15.35
CA ILE C 222 10.23 -19.94 14.91
C ILE C 222 9.32 -21.02 14.33
N LEU C 223 8.11 -21.12 14.87
CA LEU C 223 7.15 -22.09 14.39
C LEU C 223 5.96 -21.38 13.75
N TYR C 224 5.53 -21.88 12.59
CA TYR C 224 4.43 -21.29 11.83
C TYR C 224 3.06 -21.71 12.34
N GLY C 225 2.06 -20.85 12.12
CA GLY C 225 0.70 -21.13 12.52
C GLY C 225 -0.14 -21.30 11.26
N TYR C 226 -0.91 -22.36 11.19
CA TYR C 226 -1.75 -22.65 10.01
C TYR C 226 -2.68 -23.80 10.35
N GLN C 227 -3.65 -24.06 9.47
CA GLN C 227 -4.59 -25.17 9.69
C GLN C 227 -3.82 -26.48 9.83
N ASP C 228 -4.20 -27.28 10.83
CA ASP C 228 -3.55 -28.57 11.08
C ASP C 228 -2.10 -28.46 11.54
N ASP C 229 -1.68 -27.31 12.05
CA ASP C 229 -0.30 -27.17 12.51
C ASP C 229 -0.09 -28.25 13.57
N PRO C 230 1.02 -29.01 13.44
CA PRO C 230 1.39 -30.10 14.34
C PRO C 230 2.04 -29.78 15.69
N GLU C 231 1.60 -30.51 16.71
CA GLU C 231 2.12 -30.34 18.06
C GLU C 231 3.56 -30.85 18.15
N TYR C 232 3.92 -31.81 17.30
CA TYR C 232 5.27 -32.38 17.35
C TYR C 232 6.39 -31.38 17.09
N LEU C 233 6.09 -30.29 16.38
CA LEU C 233 7.13 -29.29 16.11
C LEU C 233 7.56 -28.62 17.41
N TYR C 234 6.62 -28.44 18.33
CA TYR C 234 6.95 -27.86 19.63
C TYR C 234 7.79 -28.86 20.41
N ASP C 235 7.40 -30.13 20.36
CA ASP C 235 8.14 -31.19 21.05
C ASP C 235 9.59 -31.16 20.60
N ALA C 236 9.78 -31.11 19.29
CA ALA C 236 11.09 -31.07 18.68
C ALA C 236 11.95 -29.90 19.15
N ALA C 237 11.40 -28.70 19.10
CA ALA C 237 12.13 -27.52 19.54
C ALA C 237 12.57 -27.69 21.00
N ILE C 238 11.63 -28.08 21.86
CA ILE C 238 11.90 -28.28 23.28
C ILE C 238 13.04 -29.29 23.46
N GLN C 239 12.95 -30.41 22.74
CA GLN C 239 13.96 -31.47 22.82
C GLN C 239 15.34 -30.98 22.42
N HIS C 240 15.40 -29.95 21.59
CA HIS C 240 16.69 -29.43 21.14
C HIS C 240 17.16 -28.24 21.97
N GLY C 241 16.60 -28.11 23.17
CA GLY C 241 16.99 -27.07 24.09
C GLY C 241 16.84 -25.60 23.69
N VAL C 242 15.76 -25.24 23.02
CA VAL C 242 15.58 -23.84 22.66
C VAL C 242 15.25 -23.12 23.95
N LYS C 243 15.60 -21.85 24.05
CA LYS C 243 15.31 -21.04 25.23
C LYS C 243 14.04 -20.25 24.96
N GLY C 244 13.72 -20.08 23.69
CA GLY C 244 12.52 -19.35 23.33
C GLY C 244 11.95 -19.85 22.02
N ILE C 245 10.64 -19.68 21.86
CA ILE C 245 9.95 -20.06 20.64
C ILE C 245 9.13 -18.86 20.20
N VAL C 246 9.33 -18.43 18.97
CA VAL C 246 8.55 -17.33 18.42
C VAL C 246 7.52 -18.00 17.53
N TYR C 247 6.26 -17.64 17.74
CA TYR C 247 5.16 -18.21 17.00
C TYR C 247 4.66 -17.25 15.92
N ALA C 248 4.85 -17.62 14.65
CA ALA C 248 4.40 -16.81 13.51
C ALA C 248 2.95 -17.26 13.32
N GLY C 249 2.11 -16.81 14.24
CA GLY C 249 0.73 -17.26 14.25
C GLY C 249 -0.32 -16.79 13.27
N MET C 250 -1.47 -17.44 13.37
CA MET C 250 -2.61 -17.12 12.53
C MET C 250 -3.21 -15.86 13.15
N GLY C 251 -3.57 -14.90 12.30
CA GLY C 251 -4.15 -13.67 12.77
C GLY C 251 -3.35 -13.01 13.89
N ALA C 252 -4.05 -12.61 14.94
CA ALA C 252 -3.40 -11.96 16.08
C ALA C 252 -2.82 -13.00 17.03
N GLY C 253 -1.88 -13.79 16.52
CA GLY C 253 -1.24 -14.82 17.33
C GLY C 253 -2.22 -15.84 17.89
N SER C 254 -3.27 -16.13 17.14
N SER C 254 -3.28 -16.12 17.15
CA SER C 254 -4.27 -17.11 17.57
CA SER C 254 -4.27 -17.11 17.59
C SER C 254 -3.64 -18.50 17.57
C SER C 254 -3.62 -18.48 17.59
N VAL C 255 -4.05 -19.35 18.51
CA VAL C 255 -3.50 -20.69 18.63
C VAL C 255 -4.48 -21.85 18.58
N SER C 256 -4.17 -22.86 17.76
CA SER C 256 -5.02 -24.04 17.65
C SER C 256 -4.89 -24.86 18.93
N VAL C 257 -5.74 -25.88 19.08
CA VAL C 257 -5.67 -26.72 20.27
C VAL C 257 -4.33 -27.46 20.29
N ARG C 258 -3.78 -27.71 19.11
CA ARG C 258 -2.49 -28.39 19.05
C ARG C 258 -1.39 -27.43 19.44
N GLY C 259 -1.48 -26.20 18.94
CA GLY C 259 -0.48 -25.20 19.27
C GLY C 259 -0.48 -24.92 20.77
N ILE C 260 -1.67 -24.87 21.37
CA ILE C 260 -1.77 -24.60 22.80
C ILE C 260 -1.12 -25.71 23.61
N ALA C 261 -1.34 -26.96 23.20
CA ALA C 261 -0.75 -28.09 23.89
C ALA C 261 0.77 -27.97 23.81
N GLY C 262 1.27 -27.67 22.62
CA GLY C 262 2.69 -27.52 22.42
C GLY C 262 3.27 -26.38 23.26
N MET C 263 2.57 -25.25 23.29
CA MET C 263 3.04 -24.11 24.06
C MET C 263 3.06 -24.40 25.55
N ARG C 264 2.05 -25.11 26.02
CA ARG C 264 1.97 -25.46 27.44
C ARG C 264 3.16 -26.33 27.84
N LYS C 265 3.55 -27.25 26.98
CA LYS C 265 4.70 -28.10 27.26
C LYS C 265 5.95 -27.23 27.33
N ALA C 266 6.09 -26.34 26.35
CA ALA C 266 7.25 -25.44 26.29
C ALA C 266 7.40 -24.62 27.57
N LEU C 267 6.29 -24.01 28.00
CA LEU C 267 6.30 -23.19 29.20
C LEU C 267 6.65 -24.01 30.44
N GLU C 268 6.23 -25.28 30.47
CA GLU C 268 6.52 -26.15 31.59
C GLU C 268 8.01 -26.46 31.66
N LYS C 269 8.67 -26.44 30.52
CA LYS C 269 10.09 -26.72 30.45
C LYS C 269 10.92 -25.44 30.59
N GLY C 270 10.26 -24.33 30.86
CA GLY C 270 10.98 -23.08 31.03
C GLY C 270 11.32 -22.33 29.74
N VAL C 271 10.72 -22.73 28.62
CA VAL C 271 10.96 -22.04 27.35
C VAL C 271 10.02 -20.83 27.32
N VAL C 272 10.52 -19.69 26.87
CA VAL C 272 9.69 -18.50 26.77
C VAL C 272 8.98 -18.55 25.42
N VAL C 273 7.66 -18.41 25.44
CA VAL C 273 6.86 -18.44 24.22
C VAL C 273 6.42 -17.02 23.86
N MET C 274 6.73 -16.62 22.63
CA MET C 274 6.40 -15.30 22.13
C MET C 274 5.47 -15.42 20.92
N ARG C 275 4.24 -14.93 21.06
CA ARG C 275 3.27 -15.00 19.98
C ARG C 275 3.33 -13.80 19.06
N SER C 276 3.69 -14.05 17.81
CA SER C 276 3.76 -13.02 16.77
C SER C 276 2.69 -13.40 15.75
N THR C 277 2.84 -12.89 14.51
CA THR C 277 1.85 -13.17 13.48
C THR C 277 2.50 -13.45 12.13
N ARG C 278 1.84 -14.28 11.34
CA ARG C 278 2.32 -14.64 10.00
C ARG C 278 1.76 -13.66 8.97
N THR C 279 0.80 -12.84 9.39
CA THR C 279 0.12 -11.90 8.48
C THR C 279 1.01 -10.89 7.78
N GLY C 280 2.01 -10.38 8.50
CA GLY C 280 2.95 -9.42 7.94
C GLY C 280 2.97 -8.04 8.58
N ASN C 281 1.89 -7.68 9.26
CA ASN C 281 1.79 -6.36 9.87
C ASN C 281 0.86 -6.37 11.08
N GLY C 282 0.94 -5.31 11.88
CA GLY C 282 0.04 -5.19 13.00
C GLY C 282 0.42 -5.58 14.40
N ILE C 283 -0.53 -5.35 15.27
CA ILE C 283 -0.38 -5.61 16.70
C ILE C 283 -0.97 -6.93 17.15
N VAL C 284 -0.18 -7.67 17.93
CA VAL C 284 -0.67 -8.90 18.54
C VAL C 284 -0.90 -8.36 19.96
N PRO C 285 -2.17 -8.20 20.34
CA PRO C 285 -2.58 -7.69 21.65
C PRO C 285 -2.49 -8.71 22.76
N PRO C 286 -2.32 -8.24 24.00
CA PRO C 286 -2.24 -9.15 25.14
C PRO C 286 -3.54 -9.93 25.23
N ASP C 287 -3.47 -11.15 25.75
CA ASP C 287 -4.66 -11.99 25.92
C ASP C 287 -4.29 -12.96 27.01
N GLU C 288 -4.79 -12.71 28.22
CA GLU C 288 -4.50 -13.55 29.38
C GLU C 288 -5.03 -14.97 29.22
N GLU C 289 -5.99 -15.15 28.32
CA GLU C 289 -6.58 -16.47 28.10
C GLU C 289 -5.75 -17.33 27.17
N LEU C 290 -4.65 -16.78 26.68
CA LEU C 290 -3.77 -17.51 25.79
C LEU C 290 -2.39 -17.61 26.41
N PRO C 291 -1.64 -18.68 26.10
CA PRO C 291 -0.30 -18.86 26.65
C PRO C 291 0.77 -17.99 25.98
N GLY C 292 1.86 -17.75 26.72
CA GLY C 292 2.97 -16.97 26.21
C GLY C 292 2.81 -15.46 26.22
N LEU C 293 3.81 -14.78 25.66
CA LEU C 293 3.82 -13.33 25.58
C LEU C 293 3.32 -12.92 24.20
N VAL C 294 3.17 -11.61 23.99
CA VAL C 294 2.72 -11.08 22.69
C VAL C 294 3.82 -10.19 22.10
N SER C 295 3.97 -10.23 20.77
CA SER C 295 5.03 -9.50 20.09
C SER C 295 4.84 -8.02 19.75
N ASP C 296 3.75 -7.41 20.22
CA ASP C 296 3.49 -6.00 19.90
C ASP C 296 3.43 -5.95 18.37
N SER C 297 4.11 -5.00 17.74
CA SER C 297 4.10 -4.94 16.28
C SER C 297 5.30 -5.61 15.61
N LEU C 298 6.10 -6.34 16.40
CA LEU C 298 7.28 -7.01 15.84
C LEU C 298 6.88 -8.26 15.05
N ASN C 299 7.39 -8.40 13.83
CA ASN C 299 7.05 -9.58 13.06
C ASN C 299 7.91 -10.74 13.59
N PRO C 300 7.69 -11.97 13.12
CA PRO C 300 8.48 -13.11 13.60
C PRO C 300 9.99 -12.95 13.60
N ALA C 301 10.55 -12.48 12.49
CA ALA C 301 11.99 -12.29 12.37
C ALA C 301 12.55 -11.31 13.41
N HIS C 302 11.89 -10.15 13.53
CA HIS C 302 12.33 -9.14 14.50
C HIS C 302 12.09 -9.65 15.91
N ALA C 303 10.96 -10.34 16.10
CA ALA C 303 10.61 -10.88 17.42
C ALA C 303 11.68 -11.84 17.94
N ARG C 304 12.21 -12.67 17.05
CA ARG C 304 13.24 -13.62 17.43
C ARG C 304 14.50 -12.91 17.90
N ILE C 305 14.93 -11.90 17.15
CA ILE C 305 16.13 -11.15 17.51
C ILE C 305 15.96 -10.51 18.89
N LEU C 306 14.86 -9.81 19.12
CA LEU C 306 14.66 -9.17 20.41
C LEU C 306 14.56 -10.20 21.54
N LEU C 307 13.92 -11.34 21.29
CA LEU C 307 13.79 -12.36 22.33
C LEU C 307 15.16 -12.92 22.69
N MET C 308 16.00 -13.14 21.68
CA MET C 308 17.34 -13.66 21.95
C MET C 308 18.12 -12.70 22.84
N LEU C 309 18.06 -11.42 22.51
CA LEU C 309 18.77 -10.41 23.30
C LEU C 309 18.15 -10.28 24.69
N ALA C 310 16.82 -10.35 24.76
CA ALA C 310 16.15 -10.25 26.05
C ALA C 310 16.66 -11.36 26.97
N LEU C 311 16.75 -12.56 26.41
CA LEU C 311 17.19 -13.73 27.17
C LEU C 311 18.64 -13.69 27.67
N THR C 312 19.42 -12.72 27.20
CA THR C 312 20.80 -12.62 27.68
C THR C 312 20.79 -11.86 29.00
N ARG C 313 19.66 -11.21 29.29
CA ARG C 313 19.53 -10.42 30.51
C ARG C 313 18.53 -10.96 31.53
N THR C 314 17.50 -11.66 31.06
CA THR C 314 16.48 -12.16 31.96
C THR C 314 15.64 -13.29 31.39
N SER C 315 14.93 -13.98 32.28
CA SER C 315 14.05 -15.07 31.89
C SER C 315 12.68 -14.72 32.47
N ASP C 316 12.59 -13.52 33.05
CA ASP C 316 11.35 -13.04 33.64
C ASP C 316 10.41 -12.57 32.55
N PRO C 317 9.29 -13.31 32.33
CA PRO C 317 8.31 -12.97 31.30
C PRO C 317 7.81 -11.53 31.32
N LYS C 318 7.62 -10.97 32.51
CA LYS C 318 7.14 -9.59 32.63
C LYS C 318 8.14 -8.58 32.09
N VAL C 319 9.41 -8.79 32.39
CA VAL C 319 10.46 -7.89 31.92
C VAL C 319 10.60 -8.02 30.40
N ILE C 320 10.55 -9.25 29.91
CA ILE C 320 10.65 -9.51 28.48
C ILE C 320 9.47 -8.86 27.75
N GLN C 321 8.27 -9.00 28.29
CA GLN C 321 7.09 -8.40 27.67
C GLN C 321 7.21 -6.88 27.58
N GLU C 322 7.74 -6.25 28.62
CA GLU C 322 7.89 -4.80 28.60
C GLU C 322 8.93 -4.41 27.55
N TYR C 323 9.91 -5.28 27.33
CA TYR C 323 10.93 -5.03 26.31
C TYR C 323 10.23 -4.95 24.96
N PHE C 324 9.32 -5.89 24.71
CA PHE C 324 8.59 -5.94 23.46
C PHE C 324 7.65 -4.78 23.21
N HIS C 325 7.29 -4.06 24.26
CA HIS C 325 6.41 -2.91 24.10
C HIS C 325 7.20 -1.60 24.04
N THR C 326 8.51 -1.67 24.30
CA THR C 326 9.33 -0.47 24.30
C THR C 326 10.47 -0.43 23.29
N TYR C 327 10.86 -1.59 22.79
CA TYR C 327 11.95 -1.68 21.81
C TYR C 327 11.47 -1.97 20.40
N LEU D 4 11.53 -15.14 -34.12
CA LEU D 4 11.27 -14.08 -33.10
C LEU D 4 10.14 -13.17 -33.52
N PRO D 5 9.44 -12.56 -32.54
CA PRO D 5 8.34 -11.66 -32.89
C PRO D 5 8.87 -10.32 -33.40
N ASN D 6 8.07 -9.65 -34.22
CA ASN D 6 8.43 -8.37 -34.79
C ASN D 6 7.79 -7.26 -33.98
N ILE D 7 8.62 -6.50 -33.29
CA ILE D 7 8.13 -5.43 -32.43
C ILE D 7 8.64 -4.07 -32.88
N VAL D 8 7.72 -3.11 -32.98
CA VAL D 8 8.10 -1.75 -33.36
C VAL D 8 8.21 -0.98 -32.06
N ILE D 9 9.29 -0.23 -31.91
CA ILE D 9 9.48 0.60 -30.74
C ILE D 9 9.22 2.04 -31.22
N LEU D 10 8.01 2.52 -30.92
CA LEU D 10 7.57 3.85 -31.31
C LEU D 10 7.92 4.82 -30.17
N ALA D 11 8.90 5.69 -30.41
CA ALA D 11 9.37 6.62 -29.40
C ALA D 11 8.70 8.00 -29.43
N THR D 12 8.36 8.53 -28.26
CA THR D 12 7.73 9.85 -28.17
C THR D 12 8.51 10.81 -27.26
N GLY D 13 9.48 10.28 -26.52
CA GLY D 13 10.29 11.11 -25.62
C GLY D 13 10.35 10.58 -24.19
N GLY D 14 10.29 11.49 -23.22
CA GLY D 14 10.31 11.09 -21.83
C GLY D 14 11.67 10.90 -21.17
N THR D 15 11.65 10.64 -19.86
CA THR D 15 12.87 10.44 -19.08
C THR D 15 13.65 9.21 -19.51
N ILE D 16 12.96 8.25 -20.13
CA ILE D 16 13.62 7.03 -20.59
C ILE D 16 14.56 7.42 -21.75
N ALA D 17 14.35 8.62 -22.29
CA ALA D 17 15.16 9.16 -23.37
C ALA D 17 15.80 10.44 -22.84
N GLY D 18 15.85 10.56 -21.52
CA GLY D 18 16.42 11.73 -20.88
C GLY D 18 17.93 11.69 -20.70
N SER D 19 18.53 12.87 -20.54
CA SER D 19 19.96 12.97 -20.36
C SER D 19 20.35 14.13 -19.44
N ALA D 20 21.44 13.93 -18.70
CA ALA D 20 21.97 14.93 -17.78
C ALA D 20 23.49 14.87 -17.90
N ALA D 21 24.17 15.93 -17.48
CA ALA D 21 25.63 16.00 -17.56
C ALA D 21 26.39 15.07 -16.62
N THR D 22 25.73 14.59 -15.56
CA THR D 22 26.39 13.70 -14.61
C THR D 22 25.48 12.52 -14.26
N GLY D 23 26.08 11.46 -13.70
CA GLY D 23 25.32 10.28 -13.33
C GLY D 23 24.52 10.43 -12.05
N THR D 24 24.82 11.46 -11.28
CA THR D 24 24.11 11.69 -10.02
C THR D 24 22.86 12.56 -10.20
N GLN D 25 22.75 13.22 -11.34
CA GLN D 25 21.59 14.07 -11.58
C GLN D 25 20.41 13.22 -12.05
N THR D 26 19.44 13.03 -11.16
CA THR D 26 18.26 12.24 -11.47
C THR D 26 17.00 13.11 -11.54
N THR D 27 17.19 14.41 -11.37
CA THR D 27 16.07 15.35 -11.46
C THR D 27 16.55 16.59 -12.23
N GLY D 28 15.59 17.31 -12.82
CA GLY D 28 15.93 18.50 -13.57
C GLY D 28 16.65 18.24 -14.88
N TYR D 29 16.71 16.97 -15.28
CA TYR D 29 17.37 16.59 -16.54
C TYR D 29 16.50 16.96 -17.73
N LYS D 30 17.03 16.73 -18.92
CA LYS D 30 16.27 17.02 -20.14
C LYS D 30 15.67 15.73 -20.65
N ALA D 31 14.34 15.67 -20.71
CA ALA D 31 13.63 14.49 -21.20
C ALA D 31 13.53 14.55 -22.72
N GLY D 32 13.31 13.40 -23.34
CA GLY D 32 13.20 13.35 -24.79
C GLY D 32 14.41 13.93 -25.49
N ALA D 33 15.60 13.62 -24.97
CA ALA D 33 16.84 14.11 -25.56
C ALA D 33 17.54 13.09 -26.45
N LEU D 34 17.39 11.82 -26.12
CA LEU D 34 18.03 10.74 -26.88
C LEU D 34 17.10 10.11 -27.93
N GLY D 35 17.68 9.67 -29.05
CA GLY D 35 16.89 9.06 -30.11
C GLY D 35 16.56 7.61 -29.81
N VAL D 36 15.53 7.07 -30.47
CA VAL D 36 15.12 5.69 -30.26
C VAL D 36 16.24 4.66 -30.48
N ASP D 37 17.01 4.83 -31.54
CA ASP D 37 18.09 3.88 -31.81
C ASP D 37 19.14 3.85 -30.70
N THR D 38 19.32 5.00 -30.03
CA THR D 38 20.27 5.08 -28.93
C THR D 38 19.79 4.21 -27.78
N LEU D 39 18.49 4.27 -27.50
CA LEU D 39 17.94 3.47 -26.42
C LEU D 39 18.10 1.99 -26.75
N ILE D 40 17.82 1.64 -28.00
CA ILE D 40 17.92 0.25 -28.43
C ILE D 40 19.35 -0.29 -28.31
N ASN D 41 20.33 0.48 -28.76
CA ASN D 41 21.72 0.05 -28.70
C ASN D 41 22.23 -0.05 -27.27
N ALA D 42 21.56 0.62 -26.34
CA ALA D 42 21.95 0.60 -24.93
C ALA D 42 21.51 -0.71 -24.31
N VAL D 43 20.44 -1.28 -24.83
CA VAL D 43 19.91 -2.54 -24.32
C VAL D 43 19.80 -3.53 -25.50
N PRO D 44 20.96 -3.90 -26.07
CA PRO D 44 21.01 -4.82 -27.20
C PRO D 44 20.37 -6.17 -26.94
N GLU D 45 20.16 -6.50 -25.66
CA GLU D 45 19.55 -7.76 -25.29
C GLU D 45 18.14 -7.89 -25.85
N VAL D 46 17.50 -6.76 -26.16
CA VAL D 46 16.15 -6.77 -26.71
C VAL D 46 16.08 -7.53 -28.04
N LYS D 47 17.16 -7.48 -28.80
CA LYS D 47 17.20 -8.14 -30.09
C LYS D 47 17.19 -9.66 -30.00
N LYS D 48 17.39 -10.18 -28.78
CA LYS D 48 17.36 -11.62 -28.60
C LYS D 48 15.93 -12.02 -28.24
N LEU D 49 15.12 -11.02 -27.92
CA LEU D 49 13.72 -11.25 -27.58
C LEU D 49 12.82 -10.97 -28.78
N ALA D 50 13.30 -10.13 -29.68
CA ALA D 50 12.51 -9.80 -30.86
C ALA D 50 13.29 -9.09 -31.94
N ASN D 51 12.69 -9.03 -33.12
CA ASN D 51 13.28 -8.33 -34.26
C ASN D 51 12.65 -6.96 -34.05
N VAL D 52 13.46 -6.01 -33.60
CA VAL D 52 12.93 -4.69 -33.31
C VAL D 52 13.26 -3.62 -34.35
N LYS D 53 12.35 -2.68 -34.48
N LYS D 53 12.35 -2.68 -34.48
CA LYS D 53 12.50 -1.58 -35.42
CA LYS D 53 12.50 -1.58 -35.42
C LYS D 53 12.06 -0.30 -34.70
C LYS D 53 12.06 -0.30 -34.70
N GLY D 54 12.99 0.64 -34.56
CA GLY D 54 12.67 1.88 -33.89
C GLY D 54 12.08 2.91 -34.84
N GLU D 55 11.13 3.68 -34.33
CA GLU D 55 10.48 4.73 -35.11
C GLU D 55 10.32 5.93 -34.20
N GLN D 56 10.86 7.07 -34.62
CA GLN D 56 10.79 8.28 -33.82
C GLN D 56 9.53 9.09 -34.10
N PHE D 57 8.49 8.84 -33.33
CA PHE D 57 7.21 9.54 -33.46
C PHE D 57 7.39 11.00 -33.06
N SER D 58 8.04 11.21 -31.91
CA SER D 58 8.33 12.54 -31.38
C SER D 58 9.42 12.40 -30.30
N ASN D 59 9.86 13.53 -29.74
CA ASN D 59 10.86 13.50 -28.68
C ASN D 59 10.60 14.70 -27.77
N MET D 60 9.58 14.56 -26.93
CA MET D 60 9.17 15.62 -26.02
C MET D 60 8.96 15.12 -24.60
N ALA D 61 8.86 16.08 -23.68
CA ALA D 61 8.59 15.78 -22.28
C ALA D 61 7.09 15.53 -22.32
N SER D 62 6.61 14.49 -21.64
CA SER D 62 5.17 14.19 -21.70
C SER D 62 4.24 15.26 -21.14
N GLU D 63 4.76 16.21 -20.37
CA GLU D 63 3.90 17.27 -19.86
C GLU D 63 3.40 18.10 -21.05
N ASN D 64 4.07 17.95 -22.19
CA ASN D 64 3.70 18.69 -23.39
C ASN D 64 2.90 17.87 -24.40
N MET D 65 2.66 16.60 -24.09
CA MET D 65 1.86 15.76 -24.96
C MET D 65 0.46 16.36 -25.01
N THR D 66 -0.08 16.51 -26.22
CA THR D 66 -1.40 17.10 -26.42
C THR D 66 -2.34 16.13 -27.12
N GLY D 67 -3.64 16.37 -26.96
CA GLY D 67 -4.65 15.52 -27.58
C GLY D 67 -4.50 15.33 -29.07
N ASP D 68 -4.19 16.42 -29.77
CA ASP D 68 -4.01 16.38 -31.22
C ASP D 68 -2.87 15.42 -31.57
N VAL D 69 -1.82 15.41 -30.76
CA VAL D 69 -0.69 14.52 -31.01
C VAL D 69 -1.04 13.09 -30.60
N VAL D 70 -1.78 12.95 -29.51
CA VAL D 70 -2.18 11.62 -29.04
C VAL D 70 -3.10 10.98 -30.09
N LEU D 71 -3.87 11.80 -30.80
CA LEU D 71 -4.74 11.27 -31.84
C LEU D 71 -3.88 10.65 -32.93
N LYS D 72 -2.83 11.37 -33.33
CA LYS D 72 -1.92 10.88 -34.35
C LYS D 72 -1.19 9.62 -33.88
N LEU D 73 -0.92 9.55 -32.58
CA LEU D 73 -0.24 8.38 -32.01
C LEU D 73 -1.14 7.16 -32.12
N SER D 74 -2.41 7.33 -31.75
CA SER D 74 -3.37 6.24 -31.82
C SER D 74 -3.55 5.79 -33.27
N GLN D 75 -3.66 6.75 -34.17
CA GLN D 75 -3.85 6.43 -35.58
C GLN D 75 -2.61 5.74 -36.14
N ARG D 76 -1.44 6.13 -35.68
CA ARG D 76 -0.21 5.49 -36.17
C ARG D 76 -0.11 4.07 -35.65
N VAL D 77 -0.50 3.86 -34.40
CA VAL D 77 -0.44 2.51 -33.82
C VAL D 77 -1.47 1.59 -34.47
N ASN D 78 -2.67 2.11 -34.75
CA ASN D 78 -3.68 1.28 -35.40
C ASN D 78 -3.14 0.85 -36.75
N GLU D 79 -2.49 1.79 -37.42
CA GLU D 79 -1.89 1.56 -38.72
C GLU D 79 -0.85 0.44 -38.64
N LEU D 80 0.04 0.55 -37.67
CA LEU D 80 1.08 -0.46 -37.48
C LEU D 80 0.52 -1.84 -37.16
N LEU D 81 -0.41 -1.92 -36.22
CA LEU D 81 -0.95 -3.22 -35.83
C LEU D 81 -1.77 -3.91 -36.92
N ALA D 82 -2.21 -3.14 -37.91
CA ALA D 82 -2.98 -3.70 -39.02
C ALA D 82 -2.06 -4.51 -39.93
N ARG D 83 -0.77 -4.30 -39.78
CA ARG D 83 0.25 -4.97 -40.60
C ARG D 83 0.53 -6.40 -40.16
N ASP D 84 0.73 -7.30 -41.12
CA ASP D 84 1.05 -8.70 -40.82
C ASP D 84 2.40 -8.76 -40.13
N ASP D 85 3.32 -7.91 -40.56
CA ASP D 85 4.68 -7.90 -40.03
C ASP D 85 4.91 -7.17 -38.70
N VAL D 86 3.84 -6.84 -38.00
CA VAL D 86 4.00 -6.19 -36.70
C VAL D 86 3.20 -7.03 -35.70
N ASP D 87 3.91 -7.63 -34.75
CA ASP D 87 3.27 -8.47 -33.74
C ASP D 87 2.86 -7.68 -32.50
N GLY D 88 3.52 -6.54 -32.29
CA GLY D 88 3.20 -5.71 -31.15
C GLY D 88 3.98 -4.41 -31.20
N VAL D 89 3.57 -3.45 -30.38
CA VAL D 89 4.26 -2.17 -30.38
C VAL D 89 4.59 -1.73 -28.95
N VAL D 90 5.82 -1.27 -28.78
CA VAL D 90 6.27 -0.74 -27.50
C VAL D 90 6.38 0.76 -27.74
N ILE D 91 5.77 1.55 -26.86
CA ILE D 91 5.79 3.00 -27.02
C ILE D 91 6.53 3.65 -25.85
N THR D 92 7.66 4.29 -26.13
CA THR D 92 8.43 4.95 -25.07
C THR D 92 7.76 6.31 -24.86
N HIS D 93 7.47 6.63 -23.60
CA HIS D 93 6.73 7.85 -23.27
C HIS D 93 7.18 8.40 -21.91
N GLY D 94 7.02 9.70 -21.71
CA GLY D 94 7.39 10.29 -20.43
C GLY D 94 6.43 9.74 -19.38
N THR D 95 6.89 9.65 -18.14
CA THR D 95 6.05 9.11 -17.06
C THR D 95 4.92 10.02 -16.62
N ASP D 96 5.13 11.33 -16.71
CA ASP D 96 4.12 12.27 -16.24
C ASP D 96 2.72 12.13 -16.82
N THR D 97 2.59 11.92 -18.13
CA THR D 97 1.24 11.78 -18.67
C THR D 97 1.04 10.47 -19.44
N VAL D 98 1.89 9.48 -19.16
CA VAL D 98 1.74 8.22 -19.85
C VAL D 98 0.37 7.60 -19.55
N GLU D 99 -0.15 7.82 -18.35
CA GLU D 99 -1.46 7.25 -18.01
C GLU D 99 -2.58 7.83 -18.87
N GLU D 100 -2.38 9.07 -19.31
CA GLU D 100 -3.35 9.74 -20.15
C GLU D 100 -3.26 9.22 -21.58
N SER D 101 -2.06 9.20 -22.13
CA SER D 101 -1.84 8.70 -23.48
C SER D 101 -2.21 7.22 -23.59
N ALA D 102 -1.80 6.44 -22.60
CA ALA D 102 -2.09 5.01 -22.60
C ALA D 102 -3.58 4.70 -22.55
N TYR D 103 -4.31 5.42 -21.70
CA TYR D 103 -5.75 5.18 -21.59
C TYR D 103 -6.47 5.61 -22.87
N PHE D 104 -5.94 6.61 -23.56
CA PHE D 104 -6.55 7.07 -24.81
C PHE D 104 -6.44 5.95 -25.86
N LEU D 105 -5.25 5.38 -26.00
CA LEU D 105 -5.07 4.30 -26.97
C LEU D 105 -5.82 3.05 -26.54
N HIS D 106 -5.92 2.86 -25.23
CA HIS D 106 -6.64 1.74 -24.65
C HIS D 106 -8.09 1.77 -25.18
N LEU D 107 -8.59 2.99 -25.41
CA LEU D 107 -9.96 3.18 -25.89
C LEU D 107 -10.11 3.34 -27.40
N THR D 108 -9.01 3.56 -28.11
CA THR D 108 -9.09 3.79 -29.56
C THR D 108 -8.33 2.84 -30.50
N VAL D 109 -7.50 1.97 -29.95
CA VAL D 109 -6.75 1.04 -30.78
C VAL D 109 -7.57 -0.23 -30.99
N LYS D 110 -8.01 -0.45 -32.23
CA LYS D 110 -8.83 -1.61 -32.54
C LYS D 110 -8.04 -2.87 -32.92
N SER D 111 -7.23 -3.36 -31.99
CA SER D 111 -6.42 -4.56 -32.22
C SER D 111 -6.20 -5.30 -30.92
N ASP D 112 -5.97 -6.62 -31.03
CA ASP D 112 -5.71 -7.45 -29.87
C ASP D 112 -4.22 -7.61 -29.66
N LYS D 113 -3.43 -7.11 -30.61
CA LYS D 113 -1.98 -7.21 -30.49
C LYS D 113 -1.52 -6.30 -29.35
N PRO D 114 -0.47 -6.71 -28.63
CA PRO D 114 0.04 -5.92 -27.52
C PRO D 114 0.48 -4.48 -27.84
N VAL D 115 0.01 -3.55 -27.03
CA VAL D 115 0.37 -2.13 -27.12
C VAL D 115 0.95 -1.89 -25.74
N VAL D 116 2.27 -1.74 -25.67
CA VAL D 116 2.93 -1.58 -24.40
C VAL D 116 3.68 -0.28 -24.23
N PHE D 117 3.15 0.60 -23.37
CA PHE D 117 3.83 1.86 -23.10
C PHE D 117 4.93 1.54 -22.09
N VAL D 118 6.07 2.19 -22.24
CA VAL D 118 7.17 1.98 -21.31
C VAL D 118 7.77 3.34 -20.98
N ALA D 119 8.38 3.46 -19.81
CA ALA D 119 8.97 4.71 -19.39
C ALA D 119 10.05 4.44 -18.35
N ALA D 120 10.66 5.51 -17.85
CA ALA D 120 11.71 5.39 -16.85
C ALA D 120 11.62 6.59 -15.92
N MET D 121 11.94 6.40 -14.64
CA MET D 121 11.91 7.50 -13.69
C MET D 121 13.28 8.16 -13.52
N ARG D 122 14.34 7.46 -13.94
CA ARG D 122 15.69 8.02 -13.90
C ARG D 122 16.18 8.18 -15.33
N PRO D 123 16.90 9.29 -15.63
CA PRO D 123 17.39 9.48 -16.99
C PRO D 123 18.39 8.42 -17.39
N ALA D 124 18.54 8.21 -18.70
CA ALA D 124 19.46 7.21 -19.24
C ALA D 124 20.89 7.35 -18.75
N THR D 125 21.29 8.58 -18.44
CA THR D 125 22.64 8.88 -17.97
C THR D 125 22.82 8.68 -16.46
N ALA D 126 21.73 8.38 -15.76
CA ALA D 126 21.79 8.22 -14.31
C ALA D 126 22.36 6.90 -13.81
N ILE D 127 22.94 6.96 -12.62
CA ILE D 127 23.48 5.77 -11.98
C ILE D 127 22.23 4.92 -11.70
N SER D 128 22.34 3.62 -11.96
CA SER D 128 21.23 2.69 -11.75
C SER D 128 19.97 3.08 -12.53
N ALA D 129 20.16 3.58 -13.75
CA ALA D 129 19.02 3.98 -14.59
C ALA D 129 18.08 2.79 -14.77
N ASP D 130 16.78 3.04 -14.65
CA ASP D 130 15.79 1.98 -14.77
C ASP D 130 15.32 1.74 -16.21
N GLY D 131 15.55 2.72 -17.07
CA GLY D 131 15.13 2.61 -18.46
C GLY D 131 15.53 1.34 -19.20
N PRO D 132 16.81 0.92 -19.13
CA PRO D 132 17.22 -0.30 -19.84
C PRO D 132 16.36 -1.53 -19.51
N MET D 133 16.20 -1.84 -18.22
CA MET D 133 15.40 -2.99 -17.84
C MET D 133 13.93 -2.82 -18.19
N ASN D 134 13.41 -1.61 -18.00
CA ASN D 134 12.02 -1.33 -18.32
C ASN D 134 11.76 -1.64 -19.78
N LEU D 135 12.64 -1.17 -20.65
CA LEU D 135 12.49 -1.39 -22.08
C LEU D 135 12.54 -2.89 -22.43
N LEU D 136 13.51 -3.58 -21.84
CA LEU D 136 13.67 -5.01 -22.08
C LEU D 136 12.39 -5.76 -21.68
N GLU D 137 11.85 -5.43 -20.52
CA GLU D 137 10.64 -6.07 -20.06
C GLU D 137 9.46 -5.75 -20.98
N ALA D 138 9.38 -4.50 -21.43
CA ALA D 138 8.30 -4.07 -22.32
C ALA D 138 8.32 -4.86 -23.63
N VAL D 139 9.51 -5.07 -24.18
CA VAL D 139 9.65 -5.82 -25.42
C VAL D 139 9.22 -7.28 -25.19
N ARG D 140 9.61 -7.84 -24.03
CA ARG D 140 9.24 -9.21 -23.71
C ARG D 140 7.72 -9.35 -23.61
N VAL D 141 7.07 -8.37 -22.98
CA VAL D 141 5.62 -8.40 -22.84
C VAL D 141 4.93 -8.23 -24.19
N ALA D 142 5.44 -7.31 -25.00
CA ALA D 142 4.84 -7.04 -26.32
C ALA D 142 4.96 -8.20 -27.29
N GLY D 143 6.01 -9.02 -27.13
CA GLY D 143 6.20 -10.15 -28.03
C GLY D 143 5.67 -11.48 -27.53
N ASP D 144 5.15 -11.52 -26.31
CA ASP D 144 4.63 -12.78 -25.77
C ASP D 144 3.20 -13.04 -26.24
N LYS D 145 2.96 -14.24 -26.74
CA LYS D 145 1.64 -14.62 -27.23
C LYS D 145 0.58 -14.50 -26.12
N GLN D 146 0.98 -14.75 -24.88
CA GLN D 146 0.06 -14.66 -23.75
C GLN D 146 -0.40 -13.24 -23.42
N SER D 147 0.24 -12.25 -24.05
CA SER D 147 -0.09 -10.84 -23.81
C SER D 147 -1.24 -10.28 -24.65
N ARG D 148 -1.70 -11.05 -25.63
CA ARG D 148 -2.76 -10.56 -26.50
C ARG D 148 -4.13 -10.38 -25.86
N GLY D 149 -4.83 -9.35 -26.32
CA GLY D 149 -6.17 -9.06 -25.83
C GLY D 149 -6.32 -8.63 -24.38
N ARG D 150 -5.29 -8.02 -23.82
CA ARG D 150 -5.34 -7.60 -22.43
C ARG D 150 -5.57 -6.09 -22.27
N GLY D 151 -5.74 -5.40 -23.39
CA GLY D 151 -5.93 -3.96 -23.32
C GLY D 151 -4.56 -3.31 -23.35
N VAL D 152 -4.49 -1.98 -23.37
CA VAL D 152 -3.19 -1.31 -23.40
C VAL D 152 -2.52 -1.45 -22.04
N MET D 153 -1.21 -1.65 -22.06
CA MET D 153 -0.43 -1.86 -20.84
C MET D 153 0.68 -0.83 -20.65
N VAL D 154 1.09 -0.67 -19.40
CA VAL D 154 2.18 0.24 -19.05
C VAL D 154 3.15 -0.63 -18.27
N VAL D 155 4.35 -0.80 -18.80
CA VAL D 155 5.35 -1.63 -18.15
C VAL D 155 6.51 -0.82 -17.60
N ILE D 156 6.84 -1.07 -16.33
CA ILE D 156 7.92 -0.38 -15.65
C ILE D 156 8.13 -0.98 -14.26
N ASN D 157 9.39 -1.07 -13.84
CA ASN D 157 9.72 -1.61 -12.52
C ASN D 157 9.14 -3.02 -12.27
N ASP D 158 9.29 -3.89 -13.25
CA ASP D 158 8.85 -5.29 -13.18
C ASP D 158 7.33 -5.48 -13.08
N ARG D 159 6.57 -4.40 -13.31
CA ARG D 159 5.12 -4.49 -13.23
C ARG D 159 4.43 -4.19 -14.55
N ILE D 160 3.33 -4.90 -14.80
CA ILE D 160 2.53 -4.69 -16.02
C ILE D 160 1.20 -4.10 -15.54
N GLY D 161 0.95 -2.84 -15.85
CA GLY D 161 -0.31 -2.24 -15.41
C GLY D 161 -1.30 -1.94 -16.53
N SER D 162 -2.59 -2.05 -16.22
CA SER D 162 -3.62 -1.75 -17.22
C SER D 162 -3.73 -0.25 -17.36
N ALA D 163 -3.88 0.23 -18.59
CA ALA D 163 -4.00 1.66 -18.85
C ALA D 163 -5.22 2.26 -18.13
N ARG D 164 -6.23 1.43 -17.91
CA ARG D 164 -7.45 1.90 -17.25
C ARG D 164 -7.30 2.11 -15.75
N TYR D 165 -6.36 1.40 -15.12
CA TYR D 165 -6.18 1.49 -13.68
C TYR D 165 -4.86 2.11 -13.22
N ILE D 166 -3.80 1.87 -13.97
CA ILE D 166 -2.48 2.36 -13.57
C ILE D 166 -2.39 3.89 -13.58
N THR D 167 -1.63 4.43 -12.63
CA THR D 167 -1.45 5.88 -12.51
C THR D 167 -0.12 6.16 -11.81
N LYS D 168 0.45 7.32 -12.07
CA LYS D 168 1.71 7.70 -11.42
C LYS D 168 1.29 8.20 -10.03
N THR D 169 1.61 7.43 -8.99
CA THR D 169 1.21 7.79 -7.64
C THR D 169 2.25 8.57 -6.82
N ASN D 170 3.50 8.57 -7.29
CA ASN D 170 4.55 9.29 -6.57
C ASN D 170 5.28 10.23 -7.53
N ALA D 171 5.58 11.42 -7.05
CA ALA D 171 6.26 12.40 -7.88
C ALA D 171 7.63 11.99 -8.38
N SER D 172 8.38 11.24 -7.56
CA SER D 172 9.76 10.92 -7.92
C SER D 172 10.35 9.52 -7.72
N THR D 173 9.56 8.54 -7.29
CA THR D 173 10.11 7.20 -7.05
C THR D 173 10.04 6.24 -8.22
N LEU D 174 10.93 5.26 -8.21
CA LEU D 174 10.97 4.25 -9.27
C LEU D 174 9.72 3.38 -9.28
N ASP D 175 9.15 3.15 -8.10
CA ASP D 175 7.95 2.31 -7.96
C ASP D 175 6.67 3.12 -7.95
N THR D 176 6.73 4.31 -8.53
CA THR D 176 5.60 5.22 -8.57
C THR D 176 4.30 4.67 -9.21
N PHE D 177 4.40 3.91 -10.29
CA PHE D 177 3.20 3.39 -10.95
C PHE D 177 2.56 2.23 -10.22
N ARG D 178 1.33 2.47 -9.77
CA ARG D 178 0.55 1.49 -9.03
C ARG D 178 -0.95 1.69 -9.28
N ALA D 179 -1.72 0.66 -8.96
CA ALA D 179 -3.18 0.68 -9.05
C ALA D 179 -3.54 0.07 -7.71
N ASN D 180 -3.55 0.91 -6.69
CA ASN D 180 -3.81 0.47 -5.32
C ASN D 180 -4.95 -0.52 -5.11
N GLU D 181 -6.11 -0.24 -5.69
CA GLU D 181 -7.26 -1.13 -5.50
C GLU D 181 -7.42 -2.22 -6.54
N GLU D 182 -6.80 -2.02 -7.71
CA GLU D 182 -6.94 -2.97 -8.81
C GLU D 182 -5.74 -3.86 -9.11
N GLY D 183 -4.61 -3.55 -8.49
CA GLY D 183 -3.42 -4.35 -8.70
C GLY D 183 -2.88 -4.27 -10.12
N TYR D 184 -1.90 -5.11 -10.39
CA TYR D 184 -1.27 -5.18 -11.70
C TYR D 184 -1.83 -6.33 -12.52
N LEU D 185 -1.81 -6.17 -13.84
CA LEU D 185 -2.27 -7.21 -14.73
C LEU D 185 -1.31 -8.39 -14.58
N GLY D 186 -0.05 -8.08 -14.29
CA GLY D 186 0.95 -9.11 -14.11
C GLY D 186 2.29 -8.53 -13.73
N VAL D 187 3.29 -9.39 -13.52
CA VAL D 187 4.63 -8.94 -13.16
C VAL D 187 5.68 -9.70 -13.98
N ILE D 188 6.88 -9.13 -14.06
CA ILE D 188 7.97 -9.76 -14.81
C ILE D 188 9.11 -9.97 -13.83
N ILE D 189 9.41 -11.24 -13.55
CA ILE D 189 10.45 -11.61 -12.62
C ILE D 189 11.27 -12.74 -13.22
N GLY D 190 12.59 -12.61 -13.17
CA GLY D 190 13.45 -13.65 -13.71
C GLY D 190 13.21 -13.95 -15.18
N ASN D 191 12.97 -12.91 -15.98
CA ASN D 191 12.75 -13.06 -17.40
C ASN D 191 11.50 -13.86 -17.74
N ARG D 192 10.54 -13.88 -16.82
CA ARG D 192 9.31 -14.61 -17.04
C ARG D 192 8.11 -13.76 -16.67
N ILE D 193 7.06 -13.83 -17.49
CA ILE D 193 5.86 -13.07 -17.24
C ILE D 193 4.87 -13.88 -16.42
N TYR D 194 4.30 -13.24 -15.41
CA TYR D 194 3.32 -13.88 -14.55
C TYR D 194 2.02 -13.07 -14.63
N TYR D 195 1.08 -13.54 -15.44
CA TYR D 195 -0.18 -12.83 -15.57
C TYR D 195 -1.13 -13.16 -14.42
N GLN D 196 -1.60 -12.09 -13.78
CA GLN D 196 -2.46 -12.17 -12.62
C GLN D 196 -3.94 -11.90 -12.85
N ASN D 197 -4.23 -10.82 -13.57
CA ASN D 197 -5.61 -10.41 -13.84
C ASN D 197 -5.85 -10.05 -15.30
N ARG D 198 -7.14 -9.97 -15.62
CA ARG D 198 -7.63 -9.52 -16.91
C ARG D 198 -8.63 -8.47 -16.45
N ILE D 199 -8.54 -7.25 -16.98
CA ILE D 199 -9.47 -6.22 -16.54
C ILE D 199 -10.87 -6.54 -17.01
N ASP D 200 -11.85 -6.26 -16.15
CA ASP D 200 -13.24 -6.53 -16.46
C ASP D 200 -13.93 -5.26 -16.96
N LYS D 201 -13.43 -4.75 -18.09
CA LYS D 201 -13.95 -3.54 -18.72
C LYS D 201 -13.81 -3.62 -20.24
N LEU D 202 -14.51 -2.74 -20.94
CA LEU D 202 -14.45 -2.70 -22.39
C LEU D 202 -13.19 -1.95 -22.82
N HIS D 203 -12.56 -2.41 -23.89
CA HIS D 203 -11.38 -1.75 -24.41
C HIS D 203 -11.04 -2.27 -25.80
N THR D 204 -10.08 -1.60 -26.43
CA THR D 204 -9.58 -1.91 -27.76
C THR D 204 -10.62 -2.45 -28.76
N THR D 205 -10.53 -3.72 -29.11
CA THR D 205 -11.44 -4.32 -30.08
C THR D 205 -12.93 -4.18 -29.76
N ARG D 206 -13.28 -4.02 -28.49
CA ARG D 206 -14.68 -3.89 -28.13
C ARG D 206 -15.11 -2.44 -27.87
N SER D 207 -14.24 -1.49 -28.19
CA SER D 207 -14.54 -0.09 -27.98
C SER D 207 -15.31 0.55 -29.13
N VAL D 208 -16.26 1.42 -28.79
CA VAL D 208 -17.07 2.10 -29.80
C VAL D 208 -16.45 3.44 -30.18
N PHE D 209 -15.33 3.79 -29.56
CA PHE D 209 -14.69 5.07 -29.82
C PHE D 209 -13.79 5.12 -31.04
N ASP D 210 -14.43 5.37 -32.18
CA ASP D 210 -13.77 5.48 -33.48
C ASP D 210 -13.26 6.92 -33.61
N VAL D 211 -11.95 7.08 -33.79
CA VAL D 211 -11.39 8.42 -33.91
C VAL D 211 -10.71 8.67 -35.26
N ARG D 212 -10.88 7.73 -36.18
CA ARG D 212 -10.27 7.90 -37.50
C ARG D 212 -10.95 9.06 -38.21
N GLY D 213 -10.14 9.99 -38.70
CA GLY D 213 -10.67 11.16 -39.38
C GLY D 213 -10.62 12.40 -38.51
N LEU D 214 -10.59 12.21 -37.19
CA LEU D 214 -10.54 13.34 -36.28
C LEU D 214 -9.14 13.92 -36.19
N THR D 215 -9.06 15.24 -36.10
CA THR D 215 -7.78 15.95 -35.99
C THR D 215 -7.72 16.69 -34.66
N SER D 216 -8.83 16.69 -33.94
N SER D 216 -8.83 16.69 -33.94
CA SER D 216 -8.92 17.35 -32.65
CA SER D 216 -8.91 17.35 -32.65
C SER D 216 -9.99 16.68 -31.81
C SER D 216 -9.99 16.68 -31.81
N LEU D 217 -10.00 16.97 -30.51
CA LEU D 217 -10.98 16.39 -29.60
C LEU D 217 -11.75 17.47 -28.85
N PRO D 218 -12.96 17.13 -28.37
CA PRO D 218 -13.72 18.13 -27.63
C PRO D 218 -12.89 18.63 -26.46
N LYS D 219 -13.00 19.93 -26.18
CA LYS D 219 -12.23 20.53 -25.10
C LYS D 219 -12.79 20.17 -23.73
N VAL D 220 -11.93 19.64 -22.87
CA VAL D 220 -12.32 19.26 -21.52
C VAL D 220 -11.25 19.72 -20.54
N ASP D 221 -11.65 20.48 -19.54
CA ASP D 221 -10.71 20.97 -18.54
C ASP D 221 -11.01 20.38 -17.16
N ILE D 222 -10.01 20.40 -16.30
CA ILE D 222 -10.12 19.83 -14.95
C ILE D 222 -10.02 20.92 -13.88
N LEU D 223 -10.98 20.96 -12.98
CA LEU D 223 -10.98 21.92 -11.88
C LEU D 223 -10.88 21.15 -10.57
N TYR D 224 -10.08 21.68 -9.64
CA TYR D 224 -9.83 21.06 -8.35
C TYR D 224 -10.88 21.44 -7.29
N GLY D 225 -11.10 20.54 -6.34
CA GLY D 225 -12.03 20.76 -5.26
C GLY D 225 -11.24 20.92 -3.97
N TYR D 226 -11.51 21.99 -3.23
CA TYR D 226 -10.81 22.26 -1.98
C TYR D 226 -11.55 23.35 -1.22
N GLN D 227 -11.16 23.58 0.03
CA GLN D 227 -11.82 24.61 0.82
C GLN D 227 -11.66 25.94 0.11
N ASP D 228 -12.76 26.69 0.00
CA ASP D 228 -12.76 28.00 -0.64
C ASP D 228 -12.59 27.94 -2.15
N ASP D 229 -12.89 26.80 -2.76
CA ASP D 229 -12.75 26.69 -4.20
C ASP D 229 -13.62 27.77 -4.85
N PRO D 230 -13.02 28.51 -5.79
CA PRO D 230 -13.67 29.60 -6.51
C PRO D 230 -14.67 29.26 -7.63
N GLU D 231 -15.78 29.98 -7.63
CA GLU D 231 -16.81 29.80 -8.64
C GLU D 231 -16.32 30.35 -9.99
N TYR D 232 -15.46 31.37 -9.94
CA TYR D 232 -14.98 32.01 -11.17
C TYR D 232 -14.22 31.11 -12.14
N LEU D 233 -13.64 30.01 -11.66
CA LEU D 233 -12.93 29.12 -12.57
C LEU D 233 -13.94 28.39 -13.48
N TYR D 234 -15.13 28.17 -12.96
CA TYR D 234 -16.17 27.54 -13.76
C TYR D 234 -16.60 28.56 -14.82
N ASP D 235 -16.78 29.81 -14.40
CA ASP D 235 -17.16 30.88 -15.33
C ASP D 235 -16.12 30.95 -16.45
N ALA D 236 -14.85 30.89 -16.08
CA ALA D 236 -13.75 30.97 -17.04
C ALA D 236 -13.79 29.83 -18.06
N ALA D 237 -14.01 28.61 -17.58
CA ALA D 237 -14.08 27.44 -18.44
C ALA D 237 -15.24 27.61 -19.43
N ILE D 238 -16.38 28.04 -18.90
CA ILE D 238 -17.56 28.24 -19.74
C ILE D 238 -17.24 29.28 -20.80
N GLN D 239 -16.65 30.39 -20.39
CA GLN D 239 -16.30 31.46 -21.32
C GLN D 239 -15.38 30.99 -22.44
N HIS D 240 -14.56 29.98 -22.14
CA HIS D 240 -13.65 29.47 -23.16
C HIS D 240 -14.22 28.30 -23.95
N GLY D 241 -15.53 28.12 -23.83
CA GLY D 241 -16.22 27.07 -24.56
C GLY D 241 -15.87 25.62 -24.34
N VAL D 242 -15.56 25.24 -23.10
CA VAL D 242 -15.25 23.84 -22.83
C VAL D 242 -16.53 23.04 -23.10
N LYS D 243 -16.38 21.80 -23.55
CA LYS D 243 -17.52 20.93 -23.81
C LYS D 243 -17.76 20.06 -22.57
N GLY D 244 -16.71 19.91 -21.78
CA GLY D 244 -16.81 19.12 -20.57
C GLY D 244 -15.88 19.63 -19.48
N ILE D 245 -16.26 19.38 -18.24
CA ILE D 245 -15.44 19.75 -17.09
C ILE D 245 -15.33 18.55 -16.17
N VAL D 246 -14.11 18.16 -15.86
CA VAL D 246 -13.89 17.05 -14.93
C VAL D 246 -13.55 17.72 -13.61
N TYR D 247 -14.27 17.34 -12.56
CA TYR D 247 -14.09 17.90 -11.24
C TYR D 247 -13.29 16.95 -10.35
N ALA D 248 -12.07 17.35 -10.01
CA ALA D 248 -11.21 16.55 -9.13
C ALA D 248 -11.69 16.94 -7.75
N GLY D 249 -12.83 16.39 -7.36
CA GLY D 249 -13.46 16.75 -6.12
C GLY D 249 -12.94 16.28 -4.78
N MET D 250 -13.48 16.92 -3.75
CA MET D 250 -13.16 16.61 -2.37
C MET D 250 -13.94 15.32 -2.09
N GLY D 251 -13.30 14.36 -1.42
CA GLY D 251 -13.97 13.11 -1.11
C GLY D 251 -14.60 12.44 -2.33
N ALA D 252 -15.83 11.95 -2.16
CA ALA D 252 -16.54 11.29 -3.24
C ALA D 252 -17.17 12.31 -4.18
N GLY D 253 -16.36 13.21 -4.70
CA GLY D 253 -16.86 14.23 -5.61
C GLY D 253 -17.83 15.21 -4.95
N SER D 254 -17.64 15.46 -3.66
N SER D 254 -17.64 15.46 -3.66
CA SER D 254 -18.50 16.40 -2.95
CA SER D 254 -18.51 16.39 -2.95
C SER D 254 -18.26 17.79 -3.51
C SER D 254 -18.26 17.79 -3.51
N VAL D 255 -19.31 18.62 -3.50
CA VAL D 255 -19.23 19.97 -4.03
C VAL D 255 -19.64 21.05 -3.03
N SER D 256 -18.87 22.13 -2.98
CA SER D 256 -19.18 23.24 -2.09
C SER D 256 -20.30 24.05 -2.73
N VAL D 257 -20.87 24.99 -1.97
CA VAL D 257 -21.94 25.81 -2.51
C VAL D 257 -21.47 26.56 -3.75
N ARG D 258 -20.20 26.97 -3.74
CA ARG D 258 -19.63 27.69 -4.87
C ARG D 258 -19.49 26.75 -6.07
N GLY D 259 -19.03 25.54 -5.80
CA GLY D 259 -18.87 24.57 -6.87
C GLY D 259 -20.21 24.23 -7.48
N ILE D 260 -21.24 24.12 -6.65
CA ILE D 260 -22.56 23.81 -7.17
C ILE D 260 -23.04 24.94 -8.08
N ALA D 261 -22.89 26.17 -7.62
CA ALA D 261 -23.28 27.33 -8.41
C ALA D 261 -22.56 27.29 -9.75
N GLY D 262 -21.26 27.03 -9.70
CA GLY D 262 -20.50 26.95 -10.94
C GLY D 262 -20.94 25.82 -11.84
N MET D 263 -21.25 24.67 -11.26
CA MET D 263 -21.68 23.53 -12.06
C MET D 263 -23.05 23.77 -12.69
N ARG D 264 -23.94 24.43 -11.95
CA ARG D 264 -25.27 24.72 -12.48
C ARG D 264 -25.14 25.61 -13.71
N LYS D 265 -24.26 26.59 -13.66
CA LYS D 265 -24.03 27.49 -14.80
C LYS D 265 -23.52 26.71 -16.01
N ALA D 266 -22.56 25.82 -15.78
CA ALA D 266 -22.00 25.02 -16.86
C ALA D 266 -23.06 24.15 -17.51
N LEU D 267 -23.84 23.45 -16.69
CA LEU D 267 -24.89 22.58 -17.20
C LEU D 267 -25.91 23.36 -18.03
N GLU D 268 -26.26 24.56 -17.57
CA GLU D 268 -27.21 25.41 -18.28
C GLU D 268 -26.66 25.76 -19.66
N LYS D 269 -25.34 25.84 -19.76
CA LYS D 269 -24.68 26.18 -21.01
C LYS D 269 -24.38 24.96 -21.87
N GLY D 270 -24.87 23.79 -21.45
CA GLY D 270 -24.66 22.58 -22.21
C GLY D 270 -23.36 21.84 -21.95
N VAL D 271 -22.60 22.31 -20.97
CA VAL D 271 -21.33 21.67 -20.64
C VAL D 271 -21.63 20.39 -19.87
N VAL D 272 -20.93 19.31 -20.19
CA VAL D 272 -21.14 18.07 -19.45
C VAL D 272 -20.22 18.13 -18.23
N VAL D 273 -20.80 17.99 -17.04
CA VAL D 273 -20.02 18.02 -15.81
C VAL D 273 -19.81 16.61 -15.29
N MET D 274 -18.55 16.25 -15.05
CA MET D 274 -18.18 14.93 -14.56
C MET D 274 -17.46 15.02 -13.23
N ARG D 275 -18.08 14.46 -12.18
CA ARG D 275 -17.50 14.49 -10.85
C ARG D 275 -16.60 13.30 -10.51
N SER D 276 -15.31 13.58 -10.40
CA SER D 276 -14.31 12.57 -10.04
C SER D 276 -13.82 12.93 -8.64
N THR D 277 -12.63 12.47 -8.28
CA THR D 277 -12.10 12.72 -6.94
C THR D 277 -10.60 13.06 -6.91
N ARG D 278 -10.22 13.92 -5.97
CA ARG D 278 -8.82 14.33 -5.81
C ARG D 278 -8.08 13.34 -4.89
N THR D 279 -8.82 12.46 -4.24
CA THR D 279 -8.22 11.53 -3.28
C THR D 279 -7.15 10.61 -3.86
N GLY D 280 -7.39 10.10 -5.06
CA GLY D 280 -6.43 9.23 -5.70
C GLY D 280 -6.93 7.82 -6.01
N ASN D 281 -7.98 7.39 -5.32
CA ASN D 281 -8.52 6.04 -5.51
C ASN D 281 -10.00 5.96 -5.18
N GLY D 282 -10.63 4.87 -5.59
CA GLY D 282 -12.02 4.67 -5.22
C GLY D 282 -13.15 5.06 -6.14
N ILE D 283 -14.36 4.74 -5.71
N ILE D 283 -14.35 4.75 -5.69
CA ILE D 283 -15.56 5.01 -6.47
CA ILE D 283 -15.58 5.00 -6.44
C ILE D 283 -16.27 6.29 -6.05
C ILE D 283 -16.27 6.31 -6.05
N VAL D 284 -16.70 7.06 -7.05
CA VAL D 284 -17.44 8.29 -6.81
C VAL D 284 -18.82 7.72 -7.18
N PRO D 285 -19.68 7.48 -6.17
CA PRO D 285 -21.00 6.91 -6.40
C PRO D 285 -22.04 7.89 -6.93
N PRO D 286 -23.10 7.39 -7.57
CA PRO D 286 -24.18 8.23 -8.11
C PRO D 286 -24.88 8.93 -6.95
N ASP D 287 -25.29 10.17 -7.16
CA ASP D 287 -26.00 10.93 -6.15
C ASP D 287 -26.94 11.90 -6.85
N GLU D 288 -28.24 11.63 -6.81
CA GLU D 288 -29.23 12.47 -7.46
C GLU D 288 -29.29 13.89 -6.89
N GLU D 289 -28.82 14.06 -5.66
CA GLU D 289 -28.83 15.36 -5.00
C GLU D 289 -27.75 16.31 -5.53
N LEU D 290 -26.77 15.77 -6.24
CA LEU D 290 -25.69 16.60 -6.77
C LEU D 290 -25.72 16.75 -8.29
N PRO D 291 -25.14 17.84 -8.82
CA PRO D 291 -25.11 18.08 -10.25
C PRO D 291 -24.10 17.20 -10.98
N GLY D 292 -24.29 17.05 -12.27
CA GLY D 292 -23.37 16.29 -13.10
C GLY D 292 -23.38 14.79 -12.96
N LEU D 293 -22.42 14.16 -13.65
CA LEU D 293 -22.26 12.71 -13.64
C LEU D 293 -21.17 12.33 -12.66
N VAL D 294 -20.98 11.02 -12.44
CA VAL D 294 -19.93 10.54 -11.54
C VAL D 294 -18.92 9.70 -12.33
N SER D 295 -17.66 9.75 -11.93
CA SER D 295 -16.60 9.06 -12.65
C SER D 295 -16.30 7.61 -12.33
N ASP D 296 -17.15 6.94 -11.56
CA ASP D 296 -16.89 5.53 -11.23
C ASP D 296 -15.52 5.55 -10.54
N SER D 297 -14.61 4.66 -10.94
CA SER D 297 -13.29 4.63 -10.33
C SER D 297 -12.21 5.36 -11.16
N LEU D 298 -12.62 6.09 -12.19
CA LEU D 298 -11.63 6.81 -12.99
C LEU D 298 -11.15 8.06 -12.24
N ASN D 299 -9.84 8.26 -12.18
CA ASN D 299 -9.31 9.44 -11.52
C ASN D 299 -9.45 10.62 -12.49
N PRO D 300 -9.18 11.85 -12.05
CA PRO D 300 -9.31 13.02 -12.92
C PRO D 300 -8.68 12.93 -14.31
N ALA D 301 -7.41 12.54 -14.38
CA ALA D 301 -6.73 12.45 -15.68
C ALA D 301 -7.38 11.43 -16.61
N HIS D 302 -7.74 10.26 -16.08
CA HIS D 302 -8.38 9.23 -16.89
C HIS D 302 -9.78 9.67 -17.30
N ALA D 303 -10.48 10.30 -16.36
CA ALA D 303 -11.84 10.77 -16.60
C ALA D 303 -11.91 11.80 -17.71
N ARG D 304 -10.91 12.68 -17.78
CA ARG D 304 -10.88 13.69 -18.83
C ARG D 304 -10.75 13.00 -20.19
N ILE D 305 -9.87 12.01 -20.26
CA ILE D 305 -9.65 11.26 -21.49
C ILE D 305 -10.93 10.58 -21.95
N LEU D 306 -11.60 9.86 -21.05
CA LEU D 306 -12.83 9.18 -21.43
C LEU D 306 -13.94 10.17 -21.79
N LEU D 307 -14.04 11.28 -21.06
CA LEU D 307 -15.08 12.27 -21.35
C LEU D 307 -14.88 12.88 -22.73
N MET D 308 -13.63 13.17 -23.09
CA MET D 308 -13.37 13.75 -24.41
C MET D 308 -13.84 12.76 -25.47
N LEU D 309 -13.47 11.50 -25.32
CA LEU D 309 -13.89 10.49 -26.29
C LEU D 309 -15.40 10.28 -26.25
N ALA D 310 -15.99 10.33 -25.06
CA ALA D 310 -17.44 10.16 -24.95
C ALA D 310 -18.14 11.25 -25.77
N LEU D 311 -17.60 12.47 -25.72
CA LEU D 311 -18.17 13.60 -26.44
C LEU D 311 -18.04 13.52 -27.96
N THR D 312 -17.23 12.59 -28.45
CA THR D 312 -17.08 12.43 -29.89
C THR D 312 -18.21 11.56 -30.39
N ARG D 313 -19.00 11.04 -29.46
CA ARG D 313 -20.12 10.18 -29.81
C ARG D 313 -21.48 10.78 -29.46
N THR D 314 -21.53 11.47 -28.32
CA THR D 314 -22.79 12.06 -27.87
C THR D 314 -22.57 13.03 -26.70
N SER D 315 -23.59 13.82 -26.42
CA SER D 315 -23.58 14.76 -25.31
C SER D 315 -24.61 14.30 -24.30
N ASP D 316 -25.30 13.20 -24.60
CA ASP D 316 -26.34 12.68 -23.71
C ASP D 316 -25.72 12.21 -22.40
N PRO D 317 -26.10 12.85 -21.28
CA PRO D 317 -25.56 12.49 -19.96
C PRO D 317 -25.74 11.03 -19.56
N LYS D 318 -26.91 10.46 -19.85
CA LYS D 318 -27.17 9.07 -19.51
C LYS D 318 -26.23 8.11 -20.21
N VAL D 319 -25.99 8.36 -21.50
CA VAL D 319 -25.10 7.50 -22.25
C VAL D 319 -23.67 7.66 -21.75
N ILE D 320 -23.24 8.90 -21.57
CA ILE D 320 -21.89 9.17 -21.09
C ILE D 320 -21.67 8.50 -19.73
N GLN D 321 -22.69 8.55 -18.88
CA GLN D 321 -22.56 7.93 -17.57
C GLN D 321 -22.33 6.43 -17.72
N GLU D 322 -22.97 5.82 -18.70
CA GLU D 322 -22.81 4.39 -18.90
C GLU D 322 -21.42 4.08 -19.43
N TYR D 323 -20.88 4.96 -20.26
CA TYR D 323 -19.52 4.78 -20.78
C TYR D 323 -18.60 4.69 -19.56
N PHE D 324 -18.82 5.59 -18.61
CA PHE D 324 -17.98 5.63 -17.42
C PHE D 324 -18.09 4.42 -16.50
N HIS D 325 -19.19 3.68 -16.58
CA HIS D 325 -19.35 2.48 -15.75
C HIS D 325 -18.88 1.22 -16.48
N THR D 326 -18.57 1.36 -17.77
CA THR D 326 -18.16 0.21 -18.56
C THR D 326 -16.77 0.22 -19.19
N TYR D 327 -16.18 1.40 -19.31
CA TYR D 327 -14.83 1.53 -19.89
C TYR D 327 -13.77 1.85 -18.82
#